data_2YZY
# 
_entry.id   2YZY 
# 
_audit_conform.dict_name       mmcif_pdbx.dic 
_audit_conform.dict_version    5.388 
_audit_conform.dict_location   http://mmcif.pdb.org/dictionaries/ascii/mmcif_pdbx.dic 
# 
loop_
_database_2.database_id 
_database_2.database_code 
_database_2.pdbx_database_accession 
_database_2.pdbx_DOI 
PDB   2YZY         pdb_00002yzy 10.2210/pdb2yzy/pdb 
RCSB  RCSB027346   ?            ?                   
WWPDB D_1000027346 ?            ?                   
# 
loop_
_pdbx_audit_revision_history.ordinal 
_pdbx_audit_revision_history.data_content_type 
_pdbx_audit_revision_history.major_revision 
_pdbx_audit_revision_history.minor_revision 
_pdbx_audit_revision_history.revision_date 
1 'Structure model' 1 0 2007-11-06 
2 'Structure model' 1 1 2011-07-13 
3 'Structure model' 1 2 2017-10-11 
4 'Structure model' 1 3 2024-03-13 
# 
_pdbx_audit_revision_details.ordinal             1 
_pdbx_audit_revision_details.revision_ordinal    1 
_pdbx_audit_revision_details.data_content_type   'Structure model' 
_pdbx_audit_revision_details.provider            repository 
_pdbx_audit_revision_details.type                'Initial release' 
_pdbx_audit_revision_details.description         ? 
_pdbx_audit_revision_details.details             ? 
# 
loop_
_pdbx_audit_revision_group.ordinal 
_pdbx_audit_revision_group.revision_ordinal 
_pdbx_audit_revision_group.data_content_type 
_pdbx_audit_revision_group.group 
1 2 'Structure model' 'Source and taxonomy'       
2 2 'Structure model' 'Version format compliance' 
3 3 'Structure model' 'Refinement description'    
4 4 'Structure model' 'Data collection'           
5 4 'Structure model' 'Database references'       
6 4 'Structure model' 'Derived calculations'      
# 
loop_
_pdbx_audit_revision_category.ordinal 
_pdbx_audit_revision_category.revision_ordinal 
_pdbx_audit_revision_category.data_content_type 
_pdbx_audit_revision_category.category 
1 3 'Structure model' software       
2 4 'Structure model' chem_comp_atom 
3 4 'Structure model' chem_comp_bond 
4 4 'Structure model' database_2     
5 4 'Structure model' struct_site    
# 
loop_
_pdbx_audit_revision_item.ordinal 
_pdbx_audit_revision_item.revision_ordinal 
_pdbx_audit_revision_item.data_content_type 
_pdbx_audit_revision_item.item 
1 4 'Structure model' '_database_2.pdbx_DOI'                
2 4 'Structure model' '_database_2.pdbx_database_accession' 
3 4 'Structure model' '_struct_site.pdbx_auth_asym_id'      
4 4 'Structure model' '_struct_site.pdbx_auth_comp_id'      
5 4 'Structure model' '_struct_site.pdbx_auth_seq_id'       
# 
_pdbx_database_status.status_code                     REL 
_pdbx_database_status.entry_id                        2YZY 
_pdbx_database_status.recvd_initial_deposition_date   2007-05-06 
_pdbx_database_status.deposit_site                    PDBJ 
_pdbx_database_status.process_site                    PDBJ 
_pdbx_database_status.status_code_sf                  REL 
_pdbx_database_status.status_code_mr                  ? 
_pdbx_database_status.SG_entry                        Y 
_pdbx_database_status.pdb_format_compatible           Y 
_pdbx_database_status.status_code_cs                  ? 
_pdbx_database_status.methods_development_category    ? 
_pdbx_database_status.status_code_nmr_data            ? 
# 
_pdbx_database_related.db_name        TargetDB 
_pdbx_database_related.db_id          ttk003001415.1 
_pdbx_database_related.details        . 
_pdbx_database_related.content_type   unspecified 
# 
loop_
_audit_author.name 
_audit_author.pdbx_ordinal 
'Ebihara, A.'                                            1 
'Watanabe, N.'                                           2 
'Yokoyama, S.'                                           3 
'Kuramitsu, S.'                                          4 
'RIKEN Structural Genomics/Proteomics Initiative (RSGI)' 5 
# 
_citation.id                        primary 
_citation.title                     'Crystal structure of uncharacterized conserved protein from Thermus thermophilus HB8' 
_citation.journal_abbrev            'To be Published' 
_citation.journal_volume            ? 
_citation.page_first                ? 
_citation.page_last                 ? 
_citation.year                      ? 
_citation.journal_id_ASTM           ? 
_citation.country                   ? 
_citation.journal_id_ISSN           ? 
_citation.journal_id_CSD            0353 
_citation.book_publisher            ? 
_citation.pdbx_database_id_PubMed   ? 
_citation.pdbx_database_id_DOI      ? 
# 
loop_
_citation_author.citation_id 
_citation_author.name 
_citation_author.ordinal 
_citation_author.identifier_ORCID 
primary 'Ebihara, A.'   1 ? 
primary 'Watanabe, N.'  2 ? 
primary 'Yokoyama, S.'  3 ? 
primary 'Kuramitsu, S.' 4 ? 
# 
loop_
_entity.id 
_entity.type 
_entity.src_method 
_entity.pdbx_description 
_entity.formula_weight 
_entity.pdbx_number_of_molecules 
_entity.pdbx_ec 
_entity.pdbx_mutation 
_entity.pdbx_fragment 
_entity.details 
1 polymer     man 'Putative uncharacterized protein TTHA1012' 22622.100 1   ? ? 'residues 15-214' ? 
2 non-polymer syn '(4S)-2-METHYL-2,4-PENTANEDIOL'             118.174   4   ? ? ?                 ? 
3 water       nat water                                       18.015    141 ? ? ?                 ? 
# 
_entity_name_com.entity_id   1 
_entity_name_com.name        'Uncharacterized conserved protein' 
# 
_entity_poly.entity_id                      1 
_entity_poly.type                           'polypeptide(L)' 
_entity_poly.nstd_linkage                   no 
_entity_poly.nstd_monomer                   no 
_entity_poly.pdbx_seq_one_letter_code       
;SLGLAQSAQEILDRVEKNLSTPWQATVQGRIQGPGGEEELLARVYALPQARLFRVEFLKPGSLEGNFTVITEKEVWNYLY
LTNQLVISPREKAKIQGLGFAPQGLGDLKALSEQVDLRLEGEVRLPEGMAWKLVGRSKENQGFAAMELYILKADPRPLRF
VFLDEKGKVLADLKVVEFKRTNLTEAQLKRYPKDAQVVRR
;
_entity_poly.pdbx_seq_one_letter_code_can   
;SLGLAQSAQEILDRVEKNLSTPWQATVQGRIQGPGGEEELLARVYALPQARLFRVEFLKPGSLEGNFTVITEKEVWNYLY
LTNQLVISPREKAKIQGLGFAPQGLGDLKALSEQVDLRLEGEVRLPEGMAWKLVGRSKENQGFAAMELYILKADPRPLRF
VFLDEKGKVLADLKVVEFKRTNLTEAQLKRYPKDAQVVRR
;
_entity_poly.pdbx_strand_id                 A 
_entity_poly.pdbx_target_identifier         ttk003001415.1 
# 
loop_
_pdbx_entity_nonpoly.entity_id 
_pdbx_entity_nonpoly.name 
_pdbx_entity_nonpoly.comp_id 
2 '(4S)-2-METHYL-2,4-PENTANEDIOL' MPD 
3 water                           HOH 
# 
loop_
_entity_poly_seq.entity_id 
_entity_poly_seq.num 
_entity_poly_seq.mon_id 
_entity_poly_seq.hetero 
1 1   SER n 
1 2   LEU n 
1 3   GLY n 
1 4   LEU n 
1 5   ALA n 
1 6   GLN n 
1 7   SER n 
1 8   ALA n 
1 9   GLN n 
1 10  GLU n 
1 11  ILE n 
1 12  LEU n 
1 13  ASP n 
1 14  ARG n 
1 15  VAL n 
1 16  GLU n 
1 17  LYS n 
1 18  ASN n 
1 19  LEU n 
1 20  SER n 
1 21  THR n 
1 22  PRO n 
1 23  TRP n 
1 24  GLN n 
1 25  ALA n 
1 26  THR n 
1 27  VAL n 
1 28  GLN n 
1 29  GLY n 
1 30  ARG n 
1 31  ILE n 
1 32  GLN n 
1 33  GLY n 
1 34  PRO n 
1 35  GLY n 
1 36  GLY n 
1 37  GLU n 
1 38  GLU n 
1 39  GLU n 
1 40  LEU n 
1 41  LEU n 
1 42  ALA n 
1 43  ARG n 
1 44  VAL n 
1 45  TYR n 
1 46  ALA n 
1 47  LEU n 
1 48  PRO n 
1 49  GLN n 
1 50  ALA n 
1 51  ARG n 
1 52  LEU n 
1 53  PHE n 
1 54  ARG n 
1 55  VAL n 
1 56  GLU n 
1 57  PHE n 
1 58  LEU n 
1 59  LYS n 
1 60  PRO n 
1 61  GLY n 
1 62  SER n 
1 63  LEU n 
1 64  GLU n 
1 65  GLY n 
1 66  ASN n 
1 67  PHE n 
1 68  THR n 
1 69  VAL n 
1 70  ILE n 
1 71  THR n 
1 72  GLU n 
1 73  LYS n 
1 74  GLU n 
1 75  VAL n 
1 76  TRP n 
1 77  ASN n 
1 78  TYR n 
1 79  LEU n 
1 80  TYR n 
1 81  LEU n 
1 82  THR n 
1 83  ASN n 
1 84  GLN n 
1 85  LEU n 
1 86  VAL n 
1 87  ILE n 
1 88  SER n 
1 89  PRO n 
1 90  ARG n 
1 91  GLU n 
1 92  LYS n 
1 93  ALA n 
1 94  LYS n 
1 95  ILE n 
1 96  GLN n 
1 97  GLY n 
1 98  LEU n 
1 99  GLY n 
1 100 PHE n 
1 101 ALA n 
1 102 PRO n 
1 103 GLN n 
1 104 GLY n 
1 105 LEU n 
1 106 GLY n 
1 107 ASP n 
1 108 LEU n 
1 109 LYS n 
1 110 ALA n 
1 111 LEU n 
1 112 SER n 
1 113 GLU n 
1 114 GLN n 
1 115 VAL n 
1 116 ASP n 
1 117 LEU n 
1 118 ARG n 
1 119 LEU n 
1 120 GLU n 
1 121 GLY n 
1 122 GLU n 
1 123 VAL n 
1 124 ARG n 
1 125 LEU n 
1 126 PRO n 
1 127 GLU n 
1 128 GLY n 
1 129 MET n 
1 130 ALA n 
1 131 TRP n 
1 132 LYS n 
1 133 LEU n 
1 134 VAL n 
1 135 GLY n 
1 136 ARG n 
1 137 SER n 
1 138 LYS n 
1 139 GLU n 
1 140 ASN n 
1 141 GLN n 
1 142 GLY n 
1 143 PHE n 
1 144 ALA n 
1 145 ALA n 
1 146 MET n 
1 147 GLU n 
1 148 LEU n 
1 149 TYR n 
1 150 ILE n 
1 151 LEU n 
1 152 LYS n 
1 153 ALA n 
1 154 ASP n 
1 155 PRO n 
1 156 ARG n 
1 157 PRO n 
1 158 LEU n 
1 159 ARG n 
1 160 PHE n 
1 161 VAL n 
1 162 PHE n 
1 163 LEU n 
1 164 ASP n 
1 165 GLU n 
1 166 LYS n 
1 167 GLY n 
1 168 LYS n 
1 169 VAL n 
1 170 LEU n 
1 171 ALA n 
1 172 ASP n 
1 173 LEU n 
1 174 LYS n 
1 175 VAL n 
1 176 VAL n 
1 177 GLU n 
1 178 PHE n 
1 179 LYS n 
1 180 ARG n 
1 181 THR n 
1 182 ASN n 
1 183 LEU n 
1 184 THR n 
1 185 GLU n 
1 186 ALA n 
1 187 GLN n 
1 188 LEU n 
1 189 LYS n 
1 190 ARG n 
1 191 TYR n 
1 192 PRO n 
1 193 LYS n 
1 194 ASP n 
1 195 ALA n 
1 196 GLN n 
1 197 VAL n 
1 198 VAL n 
1 199 ARG n 
1 200 ARG n 
# 
_entity_src_gen.entity_id                          1 
_entity_src_gen.pdbx_src_id                        1 
_entity_src_gen.pdbx_alt_source_flag               sample 
_entity_src_gen.pdbx_seq_type                      ? 
_entity_src_gen.pdbx_beg_seq_num                   ? 
_entity_src_gen.pdbx_end_seq_num                   ? 
_entity_src_gen.gene_src_common_name               ? 
_entity_src_gen.gene_src_genus                     Thermus 
_entity_src_gen.pdbx_gene_src_gene                 ? 
_entity_src_gen.gene_src_species                   'Thermus thermophilus' 
_entity_src_gen.gene_src_strain                    HB8 
_entity_src_gen.gene_src_tissue                    ? 
_entity_src_gen.gene_src_tissue_fraction           ? 
_entity_src_gen.gene_src_details                   ? 
_entity_src_gen.pdbx_gene_src_fragment             ? 
_entity_src_gen.pdbx_gene_src_scientific_name      'Thermus thermophilus' 
_entity_src_gen.pdbx_gene_src_ncbi_taxonomy_id     300852 
_entity_src_gen.pdbx_gene_src_variant              ? 
_entity_src_gen.pdbx_gene_src_cell_line            ? 
_entity_src_gen.pdbx_gene_src_atcc                 ? 
_entity_src_gen.pdbx_gene_src_organ                ? 
_entity_src_gen.pdbx_gene_src_organelle            ? 
_entity_src_gen.pdbx_gene_src_cell                 ? 
_entity_src_gen.pdbx_gene_src_cellular_location    ? 
_entity_src_gen.host_org_common_name               ? 
_entity_src_gen.pdbx_host_org_scientific_name      'Escherichia coli' 
_entity_src_gen.pdbx_host_org_ncbi_taxonomy_id     562 
_entity_src_gen.host_org_genus                     Escherichia 
_entity_src_gen.pdbx_host_org_gene                 ? 
_entity_src_gen.pdbx_host_org_organ                ? 
_entity_src_gen.host_org_species                   ? 
_entity_src_gen.pdbx_host_org_tissue               ? 
_entity_src_gen.pdbx_host_org_tissue_fraction      ? 
_entity_src_gen.pdbx_host_org_strain               'Rosetta(DE3)' 
_entity_src_gen.pdbx_host_org_variant              ? 
_entity_src_gen.pdbx_host_org_cell_line            ? 
_entity_src_gen.pdbx_host_org_atcc                 ? 
_entity_src_gen.pdbx_host_org_culture_collection   ? 
_entity_src_gen.pdbx_host_org_cell                 ? 
_entity_src_gen.pdbx_host_org_organelle            ? 
_entity_src_gen.pdbx_host_org_cellular_location    ? 
_entity_src_gen.pdbx_host_org_vector_type          Plasmid 
_entity_src_gen.pdbx_host_org_vector               ? 
_entity_src_gen.host_org_details                   ? 
_entity_src_gen.expression_system_id               ? 
_entity_src_gen.plasmid_name                       pET-11a 
_entity_src_gen.plasmid_details                    ? 
_entity_src_gen.pdbx_description                   ? 
# 
loop_
_chem_comp.id 
_chem_comp.type 
_chem_comp.mon_nstd_flag 
_chem_comp.name 
_chem_comp.pdbx_synonyms 
_chem_comp.formula 
_chem_comp.formula_weight 
ALA 'L-peptide linking' y ALANINE                         ? 'C3 H7 N O2'     89.093  
ARG 'L-peptide linking' y ARGININE                        ? 'C6 H15 N4 O2 1' 175.209 
ASN 'L-peptide linking' y ASPARAGINE                      ? 'C4 H8 N2 O3'    132.118 
ASP 'L-peptide linking' y 'ASPARTIC ACID'                 ? 'C4 H7 N O4'     133.103 
GLN 'L-peptide linking' y GLUTAMINE                       ? 'C5 H10 N2 O3'   146.144 
GLU 'L-peptide linking' y 'GLUTAMIC ACID'                 ? 'C5 H9 N O4'     147.129 
GLY 'peptide linking'   y GLYCINE                         ? 'C2 H5 N O2'     75.067  
HOH non-polymer         . WATER                           ? 'H2 O'           18.015  
ILE 'L-peptide linking' y ISOLEUCINE                      ? 'C6 H13 N O2'    131.173 
LEU 'L-peptide linking' y LEUCINE                         ? 'C6 H13 N O2'    131.173 
LYS 'L-peptide linking' y LYSINE                          ? 'C6 H15 N2 O2 1' 147.195 
MET 'L-peptide linking' y METHIONINE                      ? 'C5 H11 N O2 S'  149.211 
MPD non-polymer         . '(4S)-2-METHYL-2,4-PENTANEDIOL' ? 'C6 H14 O2'      118.174 
PHE 'L-peptide linking' y PHENYLALANINE                   ? 'C9 H11 N O2'    165.189 
PRO 'L-peptide linking' y PROLINE                         ? 'C5 H9 N O2'     115.130 
SER 'L-peptide linking' y SERINE                          ? 'C3 H7 N O3'     105.093 
THR 'L-peptide linking' y THREONINE                       ? 'C4 H9 N O3'     119.119 
TRP 'L-peptide linking' y TRYPTOPHAN                      ? 'C11 H12 N2 O2'  204.225 
TYR 'L-peptide linking' y TYROSINE                        ? 'C9 H11 N O3'    181.189 
VAL 'L-peptide linking' y VALINE                          ? 'C5 H11 N O2'    117.146 
# 
loop_
_pdbx_poly_seq_scheme.asym_id 
_pdbx_poly_seq_scheme.entity_id 
_pdbx_poly_seq_scheme.seq_id 
_pdbx_poly_seq_scheme.mon_id 
_pdbx_poly_seq_scheme.ndb_seq_num 
_pdbx_poly_seq_scheme.pdb_seq_num 
_pdbx_poly_seq_scheme.auth_seq_num 
_pdbx_poly_seq_scheme.pdb_mon_id 
_pdbx_poly_seq_scheme.auth_mon_id 
_pdbx_poly_seq_scheme.pdb_strand_id 
_pdbx_poly_seq_scheme.pdb_ins_code 
_pdbx_poly_seq_scheme.hetero 
A 1 1   SER 1   15  ?   ?   ?   A . n 
A 1 2   LEU 2   16  ?   ?   ?   A . n 
A 1 3   GLY 3   17  ?   ?   ?   A . n 
A 1 4   LEU 4   18  ?   ?   ?   A . n 
A 1 5   ALA 5   19  ?   ?   ?   A . n 
A 1 6   GLN 6   20  20  GLN GLN A . n 
A 1 7   SER 7   21  21  SER SER A . n 
A 1 8   ALA 8   22  22  ALA ALA A . n 
A 1 9   GLN 9   23  23  GLN GLN A . n 
A 1 10  GLU 10  24  24  GLU GLU A . n 
A 1 11  ILE 11  25  25  ILE ILE A . n 
A 1 12  LEU 12  26  26  LEU LEU A . n 
A 1 13  ASP 13  27  27  ASP ASP A . n 
A 1 14  ARG 14  28  28  ARG ARG A . n 
A 1 15  VAL 15  29  29  VAL VAL A . n 
A 1 16  GLU 16  30  30  GLU GLU A . n 
A 1 17  LYS 17  31  31  LYS LYS A . n 
A 1 18  ASN 18  32  32  ASN ASN A . n 
A 1 19  LEU 19  33  33  LEU LEU A . n 
A 1 20  SER 20  34  34  SER SER A . n 
A 1 21  THR 21  35  35  THR THR A . n 
A 1 22  PRO 22  36  36  PRO PRO A . n 
A 1 23  TRP 23  37  37  TRP TRP A . n 
A 1 24  GLN 24  38  38  GLN GLN A . n 
A 1 25  ALA 25  39  39  ALA ALA A . n 
A 1 26  THR 26  40  40  THR THR A . n 
A 1 27  VAL 27  41  41  VAL VAL A . n 
A 1 28  GLN 28  42  42  GLN GLN A . n 
A 1 29  GLY 29  43  43  GLY GLY A . n 
A 1 30  ARG 30  44  44  ARG ARG A . n 
A 1 31  ILE 31  45  45  ILE ILE A . n 
A 1 32  GLN 32  46  ?   ?   ?   A . n 
A 1 33  GLY 33  47  ?   ?   ?   A . n 
A 1 34  PRO 34  48  ?   ?   ?   A . n 
A 1 35  GLY 35  49  ?   ?   ?   A . n 
A 1 36  GLY 36  50  ?   ?   ?   A . n 
A 1 37  GLU 37  51  51  GLU GLU A . n 
A 1 38  GLU 38  52  52  GLU GLU A . n 
A 1 39  GLU 39  53  53  GLU GLU A . n 
A 1 40  LEU 40  54  54  LEU LEU A . n 
A 1 41  LEU 41  55  55  LEU LEU A . n 
A 1 42  ALA 42  56  56  ALA ALA A . n 
A 1 43  ARG 43  57  57  ARG ARG A . n 
A 1 44  VAL 44  58  58  VAL VAL A . n 
A 1 45  TYR 45  59  59  TYR TYR A . n 
A 1 46  ALA 46  60  60  ALA ALA A . n 
A 1 47  LEU 47  61  61  LEU LEU A . n 
A 1 48  PRO 48  62  62  PRO PRO A . n 
A 1 49  GLN 49  63  63  GLN GLN A . n 
A 1 50  ALA 50  64  64  ALA ALA A . n 
A 1 51  ARG 51  65  65  ARG ARG A . n 
A 1 52  LEU 52  66  66  LEU LEU A . n 
A 1 53  PHE 53  67  67  PHE PHE A . n 
A 1 54  ARG 54  68  68  ARG ARG A . n 
A 1 55  VAL 55  69  69  VAL VAL A . n 
A 1 56  GLU 56  70  70  GLU GLU A . n 
A 1 57  PHE 57  71  71  PHE PHE A . n 
A 1 58  LEU 58  72  72  LEU LEU A . n 
A 1 59  LYS 59  73  73  LYS LYS A . n 
A 1 60  PRO 60  74  74  PRO PRO A . n 
A 1 61  GLY 61  75  75  GLY GLY A . n 
A 1 62  SER 62  76  76  SER SER A . n 
A 1 63  LEU 63  77  77  LEU LEU A . n 
A 1 64  GLU 64  78  78  GLU GLU A . n 
A 1 65  GLY 65  79  79  GLY GLY A . n 
A 1 66  ASN 66  80  80  ASN ASN A . n 
A 1 67  PHE 67  81  81  PHE PHE A . n 
A 1 68  THR 68  82  82  THR THR A . n 
A 1 69  VAL 69  83  83  VAL VAL A . n 
A 1 70  ILE 70  84  84  ILE ILE A . n 
A 1 71  THR 71  85  85  THR THR A . n 
A 1 72  GLU 72  86  86  GLU GLU A . n 
A 1 73  LYS 73  87  87  LYS LYS A . n 
A 1 74  GLU 74  88  88  GLU GLU A . n 
A 1 75  VAL 75  89  89  VAL VAL A . n 
A 1 76  TRP 76  90  90  TRP TRP A . n 
A 1 77  ASN 77  91  91  ASN ASN A . n 
A 1 78  TYR 78  92  92  TYR TYR A . n 
A 1 79  LEU 79  93  93  LEU LEU A . n 
A 1 80  TYR 80  94  94  TYR TYR A . n 
A 1 81  LEU 81  95  95  LEU LEU A . n 
A 1 82  THR 82  96  96  THR THR A . n 
A 1 83  ASN 83  97  97  ASN ASN A . n 
A 1 84  GLN 84  98  98  GLN GLN A . n 
A 1 85  LEU 85  99  99  LEU LEU A . n 
A 1 86  VAL 86  100 100 VAL VAL A . n 
A 1 87  ILE 87  101 101 ILE ILE A . n 
A 1 88  SER 88  102 102 SER SER A . n 
A 1 89  PRO 89  103 103 PRO PRO A . n 
A 1 90  ARG 90  104 ?   ?   ?   A . n 
A 1 91  GLU 91  105 ?   ?   ?   A . n 
A 1 92  LYS 92  106 ?   ?   ?   A . n 
A 1 93  ALA 93  107 ?   ?   ?   A . n 
A 1 94  LYS 94  108 ?   ?   ?   A . n 
A 1 95  ILE 95  109 ?   ?   ?   A . n 
A 1 96  GLN 96  110 ?   ?   ?   A . n 
A 1 97  GLY 97  111 ?   ?   ?   A . n 
A 1 98  LEU 98  112 ?   ?   ?   A . n 
A 1 99  GLY 99  113 ?   ?   ?   A . n 
A 1 100 PHE 100 114 ?   ?   ?   A . n 
A 1 101 ALA 101 115 ?   ?   ?   A . n 
A 1 102 PRO 102 116 ?   ?   ?   A . n 
A 1 103 GLN 103 117 ?   ?   ?   A . n 
A 1 104 GLY 104 118 ?   ?   ?   A . n 
A 1 105 LEU 105 119 ?   ?   ?   A . n 
A 1 106 GLY 106 120 ?   ?   ?   A . n 
A 1 107 ASP 107 121 ?   ?   ?   A . n 
A 1 108 LEU 108 122 ?   ?   ?   A . n 
A 1 109 LYS 109 123 ?   ?   ?   A . n 
A 1 110 ALA 110 124 ?   ?   ?   A . n 
A 1 111 LEU 111 125 ?   ?   ?   A . n 
A 1 112 SER 112 126 ?   ?   ?   A . n 
A 1 113 GLU 113 127 ?   ?   ?   A . n 
A 1 114 GLN 114 128 128 GLN GLN A . n 
A 1 115 VAL 115 129 129 VAL VAL A . n 
A 1 116 ASP 116 130 130 ASP ASP A . n 
A 1 117 LEU 117 131 131 LEU LEU A . n 
A 1 118 ARG 118 132 132 ARG ARG A . n 
A 1 119 LEU 119 133 133 LEU LEU A . n 
A 1 120 GLU 120 134 134 GLU GLU A . n 
A 1 121 GLY 121 135 135 GLY GLY A . n 
A 1 122 GLU 122 136 136 GLU GLU A . n 
A 1 123 VAL 123 137 137 VAL VAL A . n 
A 1 124 ARG 124 138 138 ARG ARG A . n 
A 1 125 LEU 125 139 139 LEU LEU A . n 
A 1 126 PRO 126 140 140 PRO PRO A . n 
A 1 127 GLU 127 141 141 GLU GLU A . n 
A 1 128 GLY 128 142 142 GLY GLY A . n 
A 1 129 MET 129 143 143 MET MET A . n 
A 1 130 ALA 130 144 144 ALA ALA A . n 
A 1 131 TRP 131 145 145 TRP TRP A . n 
A 1 132 LYS 132 146 146 LYS LYS A . n 
A 1 133 LEU 133 147 147 LEU LEU A . n 
A 1 134 VAL 134 148 148 VAL VAL A . n 
A 1 135 GLY 135 149 149 GLY GLY A . n 
A 1 136 ARG 136 150 150 ARG ARG A . n 
A 1 137 SER 137 151 151 SER SER A . n 
A 1 138 LYS 138 152 ?   ?   ?   A . n 
A 1 139 GLU 139 153 ?   ?   ?   A . n 
A 1 140 ASN 140 154 ?   ?   ?   A . n 
A 1 141 GLN 141 155 155 GLN GLN A . n 
A 1 142 GLY 142 156 156 GLY GLY A . n 
A 1 143 PHE 143 157 157 PHE PHE A . n 
A 1 144 ALA 144 158 158 ALA ALA A . n 
A 1 145 ALA 145 159 159 ALA ALA A . n 
A 1 146 MET 146 160 160 MET MET A . n 
A 1 147 GLU 147 161 161 GLU GLU A . n 
A 1 148 LEU 148 162 162 LEU LEU A . n 
A 1 149 TYR 149 163 163 TYR TYR A . n 
A 1 150 ILE 150 164 164 ILE ILE A . n 
A 1 151 LEU 151 165 165 LEU LEU A . n 
A 1 152 LYS 152 166 166 LYS LYS A . n 
A 1 153 ALA 153 167 167 ALA ALA A . n 
A 1 154 ASP 154 168 168 ASP ASP A . n 
A 1 155 PRO 155 169 169 PRO PRO A . n 
A 1 156 ARG 156 170 170 ARG ARG A . n 
A 1 157 PRO 157 171 171 PRO PRO A . n 
A 1 158 LEU 158 172 172 LEU LEU A . n 
A 1 159 ARG 159 173 173 ARG ARG A . n 
A 1 160 PHE 160 174 174 PHE PHE A . n 
A 1 161 VAL 161 175 175 VAL VAL A . n 
A 1 162 PHE 162 176 176 PHE PHE A . n 
A 1 163 LEU 163 177 177 LEU LEU A . n 
A 1 164 ASP 164 178 178 ASP ASP A . n 
A 1 165 GLU 165 179 179 GLU GLU A . n 
A 1 166 LYS 166 180 180 LYS LYS A . n 
A 1 167 GLY 167 181 181 GLY GLY A . n 
A 1 168 LYS 168 182 182 LYS LYS A . n 
A 1 169 VAL 169 183 183 VAL VAL A . n 
A 1 170 LEU 170 184 184 LEU LEU A . n 
A 1 171 ALA 171 185 185 ALA ALA A . n 
A 1 172 ASP 172 186 186 ASP ASP A . n 
A 1 173 LEU 173 187 187 LEU LEU A . n 
A 1 174 LYS 174 188 188 LYS LYS A . n 
A 1 175 VAL 175 189 189 VAL VAL A . n 
A 1 176 VAL 176 190 190 VAL VAL A . n 
A 1 177 GLU 177 191 191 GLU GLU A . n 
A 1 178 PHE 178 192 192 PHE PHE A . n 
A 1 179 LYS 179 193 193 LYS LYS A . n 
A 1 180 ARG 180 194 194 ARG ARG A . n 
A 1 181 THR 181 195 195 THR THR A . n 
A 1 182 ASN 182 196 196 ASN ASN A . n 
A 1 183 LEU 183 197 197 LEU LEU A . n 
A 1 184 THR 184 198 198 THR THR A . n 
A 1 185 GLU 185 199 199 GLU GLU A . n 
A 1 186 ALA 186 200 200 ALA ALA A . n 
A 1 187 GLN 187 201 201 GLN GLN A . n 
A 1 188 LEU 188 202 202 LEU LEU A . n 
A 1 189 LYS 189 203 203 LYS LYS A . n 
A 1 190 ARG 190 204 204 ARG ARG A . n 
A 1 191 TYR 191 205 205 TYR TYR A . n 
A 1 192 PRO 192 206 206 PRO PRO A . n 
A 1 193 LYS 193 207 207 LYS LYS A . n 
A 1 194 ASP 194 208 208 ASP ASP A . n 
A 1 195 ALA 195 209 209 ALA ALA A . n 
A 1 196 GLN 196 210 210 GLN GLN A . n 
A 1 197 VAL 197 211 211 VAL VAL A . n 
A 1 198 VAL 198 212 212 VAL VAL A . n 
A 1 199 ARG 199 213 213 ARG ARG A . n 
A 1 200 ARG 200 214 214 ARG ARG A . n 
# 
loop_
_pdbx_nonpoly_scheme.asym_id 
_pdbx_nonpoly_scheme.entity_id 
_pdbx_nonpoly_scheme.mon_id 
_pdbx_nonpoly_scheme.ndb_seq_num 
_pdbx_nonpoly_scheme.pdb_seq_num 
_pdbx_nonpoly_scheme.auth_seq_num 
_pdbx_nonpoly_scheme.pdb_mon_id 
_pdbx_nonpoly_scheme.auth_mon_id 
_pdbx_nonpoly_scheme.pdb_strand_id 
_pdbx_nonpoly_scheme.pdb_ins_code 
B 2 MPD 1   501 501 MPD MPD A . 
C 2 MPD 1   502 502 MPD MPD A . 
D 2 MPD 1   503 503 MPD MPD A . 
E 2 MPD 1   504 504 MPD MPD A . 
F 3 HOH 1   505 1   HOH HOH A . 
F 3 HOH 2   506 2   HOH HOH A . 
F 3 HOH 3   507 3   HOH HOH A . 
F 3 HOH 4   508 4   HOH HOH A . 
F 3 HOH 5   509 5   HOH HOH A . 
F 3 HOH 6   510 6   HOH HOH A . 
F 3 HOH 7   511 7   HOH HOH A . 
F 3 HOH 8   512 8   HOH HOH A . 
F 3 HOH 9   513 9   HOH HOH A . 
F 3 HOH 10  514 10  HOH HOH A . 
F 3 HOH 11  515 11  HOH HOH A . 
F 3 HOH 12  516 12  HOH HOH A . 
F 3 HOH 13  517 13  HOH HOH A . 
F 3 HOH 14  518 14  HOH HOH A . 
F 3 HOH 15  519 15  HOH HOH A . 
F 3 HOH 16  520 16  HOH HOH A . 
F 3 HOH 17  521 17  HOH HOH A . 
F 3 HOH 18  522 18  HOH HOH A . 
F 3 HOH 19  523 19  HOH HOH A . 
F 3 HOH 20  524 20  HOH HOH A . 
F 3 HOH 21  525 21  HOH HOH A . 
F 3 HOH 22  526 22  HOH HOH A . 
F 3 HOH 23  527 23  HOH HOH A . 
F 3 HOH 24  528 24  HOH HOH A . 
F 3 HOH 25  529 25  HOH HOH A . 
F 3 HOH 26  530 26  HOH HOH A . 
F 3 HOH 27  531 27  HOH HOH A . 
F 3 HOH 28  532 28  HOH HOH A . 
F 3 HOH 29  533 29  HOH HOH A . 
F 3 HOH 30  534 30  HOH HOH A . 
F 3 HOH 31  535 31  HOH HOH A . 
F 3 HOH 32  536 32  HOH HOH A . 
F 3 HOH 33  537 33  HOH HOH A . 
F 3 HOH 34  538 34  HOH HOH A . 
F 3 HOH 35  539 35  HOH HOH A . 
F 3 HOH 36  540 36  HOH HOH A . 
F 3 HOH 37  541 37  HOH HOH A . 
F 3 HOH 38  542 38  HOH HOH A . 
F 3 HOH 39  543 39  HOH HOH A . 
F 3 HOH 40  544 40  HOH HOH A . 
F 3 HOH 41  545 41  HOH HOH A . 
F 3 HOH 42  546 42  HOH HOH A . 
F 3 HOH 43  547 43  HOH HOH A . 
F 3 HOH 44  548 44  HOH HOH A . 
F 3 HOH 45  549 45  HOH HOH A . 
F 3 HOH 46  550 46  HOH HOH A . 
F 3 HOH 47  551 47  HOH HOH A . 
F 3 HOH 48  552 48  HOH HOH A . 
F 3 HOH 49  553 49  HOH HOH A . 
F 3 HOH 50  554 50  HOH HOH A . 
F 3 HOH 51  555 51  HOH HOH A . 
F 3 HOH 52  556 52  HOH HOH A . 
F 3 HOH 53  557 53  HOH HOH A . 
F 3 HOH 54  558 54  HOH HOH A . 
F 3 HOH 55  559 55  HOH HOH A . 
F 3 HOH 56  560 56  HOH HOH A . 
F 3 HOH 57  561 57  HOH HOH A . 
F 3 HOH 58  562 58  HOH HOH A . 
F 3 HOH 59  563 59  HOH HOH A . 
F 3 HOH 60  564 60  HOH HOH A . 
F 3 HOH 61  565 61  HOH HOH A . 
F 3 HOH 62  566 62  HOH HOH A . 
F 3 HOH 63  567 63  HOH HOH A . 
F 3 HOH 64  568 64  HOH HOH A . 
F 3 HOH 65  569 65  HOH HOH A . 
F 3 HOH 66  570 66  HOH HOH A . 
F 3 HOH 67  571 67  HOH HOH A . 
F 3 HOH 68  572 68  HOH HOH A . 
F 3 HOH 69  573 69  HOH HOH A . 
F 3 HOH 70  574 70  HOH HOH A . 
F 3 HOH 71  575 71  HOH HOH A . 
F 3 HOH 72  576 72  HOH HOH A . 
F 3 HOH 73  577 73  HOH HOH A . 
F 3 HOH 74  578 74  HOH HOH A . 
F 3 HOH 75  579 75  HOH HOH A . 
F 3 HOH 76  580 76  HOH HOH A . 
F 3 HOH 77  581 77  HOH HOH A . 
F 3 HOH 78  582 78  HOH HOH A . 
F 3 HOH 79  583 79  HOH HOH A . 
F 3 HOH 80  584 80  HOH HOH A . 
F 3 HOH 81  585 81  HOH HOH A . 
F 3 HOH 82  586 82  HOH HOH A . 
F 3 HOH 83  587 83  HOH HOH A . 
F 3 HOH 84  588 84  HOH HOH A . 
F 3 HOH 85  589 85  HOH HOH A . 
F 3 HOH 86  590 86  HOH HOH A . 
F 3 HOH 87  591 87  HOH HOH A . 
F 3 HOH 88  592 88  HOH HOH A . 
F 3 HOH 89  593 89  HOH HOH A . 
F 3 HOH 90  594 90  HOH HOH A . 
F 3 HOH 91  595 91  HOH HOH A . 
F 3 HOH 92  596 92  HOH HOH A . 
F 3 HOH 93  597 93  HOH HOH A . 
F 3 HOH 94  598 94  HOH HOH A . 
F 3 HOH 95  599 95  HOH HOH A . 
F 3 HOH 96  600 96  HOH HOH A . 
F 3 HOH 97  601 97  HOH HOH A . 
F 3 HOH 98  602 98  HOH HOH A . 
F 3 HOH 99  603 99  HOH HOH A . 
F 3 HOH 100 604 100 HOH HOH A . 
F 3 HOH 101 605 101 HOH HOH A . 
F 3 HOH 102 606 102 HOH HOH A . 
F 3 HOH 103 607 103 HOH HOH A . 
F 3 HOH 104 608 104 HOH HOH A . 
F 3 HOH 105 609 105 HOH HOH A . 
F 3 HOH 106 610 106 HOH HOH A . 
F 3 HOH 107 611 107 HOH HOH A . 
F 3 HOH 108 612 108 HOH HOH A . 
F 3 HOH 109 613 109 HOH HOH A . 
F 3 HOH 110 614 110 HOH HOH A . 
F 3 HOH 111 615 111 HOH HOH A . 
F 3 HOH 112 616 112 HOH HOH A . 
F 3 HOH 113 617 113 HOH HOH A . 
F 3 HOH 114 618 114 HOH HOH A . 
F 3 HOH 115 619 115 HOH HOH A . 
F 3 HOH 116 620 116 HOH HOH A . 
F 3 HOH 117 621 117 HOH HOH A . 
F 3 HOH 118 622 118 HOH HOH A . 
F 3 HOH 119 623 119 HOH HOH A . 
F 3 HOH 120 624 120 HOH HOH A . 
F 3 HOH 121 625 121 HOH HOH A . 
F 3 HOH 122 626 122 HOH HOH A . 
F 3 HOH 123 627 123 HOH HOH A . 
F 3 HOH 124 628 124 HOH HOH A . 
F 3 HOH 125 629 125 HOH HOH A . 
F 3 HOH 126 630 126 HOH HOH A . 
F 3 HOH 127 631 127 HOH HOH A . 
F 3 HOH 128 632 128 HOH HOH A . 
F 3 HOH 129 633 129 HOH HOH A . 
F 3 HOH 130 634 130 HOH HOH A . 
F 3 HOH 131 635 131 HOH HOH A . 
F 3 HOH 132 636 132 HOH HOH A . 
F 3 HOH 133 637 133 HOH HOH A . 
F 3 HOH 134 638 134 HOH HOH A . 
F 3 HOH 135 639 135 HOH HOH A . 
F 3 HOH 136 640 136 HOH HOH A . 
F 3 HOH 137 641 137 HOH HOH A . 
F 3 HOH 138 642 138 HOH HOH A . 
F 3 HOH 139 643 139 HOH HOH A . 
F 3 HOH 140 644 140 HOH HOH A . 
F 3 HOH 141 645 141 HOH HOH A . 
# 
loop_
_software.name 
_software.classification 
_software.version 
_software.citation_id 
_software.pdbx_ordinal 
CNS      refinement       1.1 ? 1 
HKL-2000 'data reduction' .   ? 2 
HKL-2000 'data scaling'   .   ? 3 
# 
_cell.entry_id           2YZY 
_cell.length_a           41.380 
_cell.length_b           58.840 
_cell.length_c           80.500 
_cell.angle_alpha        90.00 
_cell.angle_beta         90.00 
_cell.angle_gamma        90.00 
_cell.Z_PDB              4 
_cell.pdbx_unique_axis   ? 
_cell.length_a_esd       ? 
_cell.length_b_esd       ? 
_cell.length_c_esd       ? 
_cell.angle_alpha_esd    ? 
_cell.angle_beta_esd     ? 
_cell.angle_gamma_esd    ? 
# 
_symmetry.entry_id                         2YZY 
_symmetry.space_group_name_H-M             'P 21 21 21' 
_symmetry.pdbx_full_space_group_name_H-M   ? 
_symmetry.cell_setting                     ? 
_symmetry.Int_Tables_number                19 
_symmetry.space_group_name_Hall            ? 
# 
_exptl.entry_id          2YZY 
_exptl.method            'X-RAY DIFFRACTION' 
_exptl.crystals_number   1 
# 
_exptl_crystal.id                    1 
_exptl_crystal.density_meas          ? 
_exptl_crystal.density_Matthews      2.17 
_exptl_crystal.density_percent_sol   43.21 
_exptl_crystal.description           ? 
_exptl_crystal.F_000                 ? 
_exptl_crystal.preparation           ? 
# 
_exptl_crystal_grow.crystal_id      1 
_exptl_crystal_grow.method          'VAPOR DIFFUSION, SITTING DROP' 
_exptl_crystal_grow.temp            293 
_exptl_crystal_grow.temp_details    ? 
_exptl_crystal_grow.pH              ? 
_exptl_crystal_grow.pdbx_details    '0.15M Sodium acetate, 15% PEG 4000, 29% MPD, VAPOR DIFFUSION, SITTING DROP, temperature 293K' 
_exptl_crystal_grow.pdbx_pH_range   . 
# 
loop_
_diffrn.id 
_diffrn.ambient_temp 
_diffrn.ambient_temp_details 
_diffrn.crystal_id 
1   100 ? 1 
2   100 ? 1 
1,2 ?   ? 1 
# 
loop_
_diffrn_detector.diffrn_id 
_diffrn_detector.detector 
_diffrn_detector.type 
_diffrn_detector.pdbx_collection_date 
_diffrn_detector.details 
1 CCD           'RIGAKU JUPITER 210' 2005-09-28 ? 
2 'IMAGE PLATE' 'RIGAKU RAXIS VII'   2006-12-19 ? 
# 
loop_
_diffrn_radiation.diffrn_id 
_diffrn_radiation.wavelength_id 
_diffrn_radiation.pdbx_monochromatic_or_laue_m_l 
_diffrn_radiation.monochromator 
_diffrn_radiation.pdbx_diffrn_protocol 
_diffrn_radiation.pdbx_scattering_type 
1 1 M 'SI Double-Crystal' 'SINGLE WAVELENGTH' x-ray 
2 1 M ?                   'SINGLE WAVELENGTH' x-ray 
# 
loop_
_diffrn_radiation_wavelength.id 
_diffrn_radiation_wavelength.wavelength 
_diffrn_radiation_wavelength.wt 
1 1.0000 1.0 
2 2.29   1.0 
# 
loop_
_diffrn_source.diffrn_id 
_diffrn_source.source 
_diffrn_source.type 
_diffrn_source.pdbx_synchrotron_site 
_diffrn_source.pdbx_synchrotron_beamline 
_diffrn_source.pdbx_wavelength 
_diffrn_source.pdbx_wavelength_list 
1 SYNCHROTRON      'SPRING-8 BEAMLINE BL26B2' SPring-8 BL26B2 ? 1.0000 
2 'ROTATING ANODE' 'RIGAKU FR-E+ DW'          ?        ?      ? 2.29   
# 
_reflns.entry_id                     2YZY 
_reflns.observed_criterion_sigma_I   ? 
_reflns.observed_criterion_sigma_F   ? 
_reflns.d_resolution_low             50 
_reflns.d_resolution_high            1.6 
_reflns.number_obs                   26453 
_reflns.number_all                   ? 
_reflns.percent_possible_obs         99.2 
_reflns.pdbx_Rmerge_I_obs            0.032 
_reflns.pdbx_Rsym_value              ? 
_reflns.pdbx_netI_over_sigmaI        44.1 
_reflns.B_iso_Wilson_estimate        14.7 
_reflns.pdbx_redundancy              6.8 
_reflns.R_free_details               ? 
_reflns.limit_h_max                  ? 
_reflns.limit_h_min                  ? 
_reflns.limit_k_max                  ? 
_reflns.limit_k_min                  ? 
_reflns.limit_l_max                  ? 
_reflns.limit_l_min                  ? 
_reflns.observed_criterion_F_max     ? 
_reflns.observed_criterion_F_min     ? 
_reflns.pdbx_chi_squared             ? 
_reflns.pdbx_scaling_rejects         ? 
_reflns.pdbx_ordinal                 1 
_reflns.pdbx_diffrn_id               1,2 
# 
_reflns_shell.d_res_high             1.60 
_reflns_shell.d_res_low              1.66 
_reflns_shell.percent_possible_all   95.8 
_reflns_shell.Rmerge_I_obs           0.089 
_reflns_shell.pdbx_Rsym_value        ? 
_reflns_shell.meanI_over_sigI_obs    17.7 
_reflns_shell.pdbx_redundancy        5.2 
_reflns_shell.percent_possible_obs   ? 
_reflns_shell.number_unique_all      ? 
_reflns_shell.number_measured_all    ? 
_reflns_shell.number_measured_obs    ? 
_reflns_shell.number_unique_obs      ? 
_reflns_shell.pdbx_chi_squared       ? 
_reflns_shell.pdbx_ordinal           1 
_reflns_shell.pdbx_diffrn_id         1,2 
# 
_refine.entry_id                                 2YZY 
_refine.ls_number_reflns_obs                     26399 
_refine.ls_number_reflns_all                     ? 
_refine.pdbx_ls_sigma_I                          ? 
_refine.pdbx_ls_sigma_F                          0.0 
_refine.pdbx_data_cutoff_high_absF               1045533.65 
_refine.pdbx_data_cutoff_low_absF                0.000000 
_refine.pdbx_data_cutoff_high_rms_absF           ? 
_refine.ls_d_res_low                             50 
_refine.ls_d_res_high                            1.60 
_refine.ls_percent_reflns_obs                    99.1 
_refine.ls_R_factor_obs                          0.229 
_refine.ls_R_factor_all                          ? 
_refine.ls_R_factor_R_work                       0.229 
_refine.ls_R_factor_R_free                       0.251 
_refine.ls_R_factor_R_free_error                 0.005 
_refine.ls_R_factor_R_free_error_details         ? 
_refine.ls_percent_reflns_R_free                 9.9 
_refine.ls_number_reflns_R_free                  2609 
_refine.ls_number_parameters                     ? 
_refine.ls_number_restraints                     ? 
_refine.occupancy_min                            ? 
_refine.occupancy_max                            ? 
_refine.correlation_coeff_Fo_to_Fc               ? 
_refine.correlation_coeff_Fo_to_Fc_free          ? 
_refine.B_iso_mean                               19.7 
_refine.aniso_B[1][1]                            -0.04 
_refine.aniso_B[2][2]                            -0.17 
_refine.aniso_B[3][3]                            0.21 
_refine.aniso_B[1][2]                            0.00 
_refine.aniso_B[1][3]                            0.00 
_refine.aniso_B[2][3]                            0.00 
_refine.solvent_model_details                    'FLAT MODEL' 
_refine.solvent_model_param_ksol                 0.373662 
_refine.solvent_model_param_bsol                 50.5158 
_refine.pdbx_solvent_vdw_probe_radii             ? 
_refine.pdbx_solvent_ion_probe_radii             ? 
_refine.pdbx_solvent_shrinkage_radii             ? 
_refine.pdbx_ls_cross_valid_method               THROUGHOUT 
_refine.details                                  ? 
_refine.pdbx_starting_model                      ? 
_refine.pdbx_method_to_determine_struct          SAD 
_refine.pdbx_isotropic_thermal_model             RESTRAINED 
_refine.pdbx_stereochemistry_target_values       'Engh & Huber' 
_refine.pdbx_stereochem_target_val_spec_case     ? 
_refine.pdbx_R_Free_selection_details            RANDOM 
_refine.pdbx_overall_ESU_R                       ? 
_refine.pdbx_overall_ESU_R_Free                  ? 
_refine.overall_SU_ML                            ? 
_refine.overall_SU_B                             ? 
_refine.ls_redundancy_reflns_obs                 ? 
_refine.B_iso_min                                ? 
_refine.B_iso_max                                ? 
_refine.overall_SU_R_Cruickshank_DPI             ? 
_refine.overall_SU_R_free                        ? 
_refine.ls_wR_factor_R_free                      ? 
_refine.ls_wR_factor_R_work                      ? 
_refine.overall_FOM_free_R_set                   ? 
_refine.overall_FOM_work_R_set                   ? 
_refine.pdbx_refine_id                           'X-RAY DIFFRACTION' 
_refine.pdbx_diffrn_id                           1 
_refine.pdbx_TLS_residual_ADP_flag               ? 
_refine.pdbx_overall_phase_error                 ? 
_refine.pdbx_overall_SU_R_free_Cruickshank_DPI   ? 
_refine.pdbx_overall_SU_R_Blow_DPI               ? 
_refine.pdbx_overall_SU_R_free_Blow_DPI          ? 
# 
_refine_analyze.entry_id                        2YZY 
_refine_analyze.Luzzati_coordinate_error_obs    0.20 
_refine_analyze.Luzzati_sigma_a_obs             -0.05 
_refine_analyze.Luzzati_d_res_low_obs           5.00 
_refine_analyze.Luzzati_coordinate_error_free   0.22 
_refine_analyze.Luzzati_sigma_a_free            0.02 
_refine_analyze.Luzzati_d_res_low_free          ? 
_refine_analyze.number_disordered_residues      ? 
_refine_analyze.occupancy_sum_hydrogen          ? 
_refine_analyze.occupancy_sum_non_hydrogen      ? 
_refine_analyze.pdbx_Luzzati_d_res_high_obs     ? 
_refine_analyze.pdbx_refine_id                  'X-RAY DIFFRACTION' 
# 
_refine_hist.pdbx_refine_id                   'X-RAY DIFFRACTION' 
_refine_hist.cycle_id                         LAST 
_refine_hist.pdbx_number_atoms_protein        1334 
_refine_hist.pdbx_number_atoms_nucleic_acid   0 
_refine_hist.pdbx_number_atoms_ligand         32 
_refine_hist.number_atoms_solvent             141 
_refine_hist.number_atoms_total               1507 
_refine_hist.d_res_high                       1.60 
_refine_hist.d_res_low                        50 
# 
loop_
_refine_ls_restr.type 
_refine_ls_restr.dev_ideal 
_refine_ls_restr.dev_ideal_target 
_refine_ls_restr.weight 
_refine_ls_restr.number 
_refine_ls_restr.pdbx_refine_id 
_refine_ls_restr.pdbx_restraint_function 
c_bond_d                0.005 ?    ? ? 'X-RAY DIFFRACTION' ? 
c_bond_d_na             ?     ?    ? ? 'X-RAY DIFFRACTION' ? 
c_bond_d_prot           ?     ?    ? ? 'X-RAY DIFFRACTION' ? 
c_angle_d               ?     ?    ? ? 'X-RAY DIFFRACTION' ? 
c_angle_d_na            ?     ?    ? ? 'X-RAY DIFFRACTION' ? 
c_angle_d_prot          ?     ?    ? ? 'X-RAY DIFFRACTION' ? 
c_angle_deg             1.5   ?    ? ? 'X-RAY DIFFRACTION' ? 
c_angle_deg_na          ?     ?    ? ? 'X-RAY DIFFRACTION' ? 
c_angle_deg_prot        ?     ?    ? ? 'X-RAY DIFFRACTION' ? 
c_dihedral_angle_d      26.6  ?    ? ? 'X-RAY DIFFRACTION' ? 
c_dihedral_angle_d_na   ?     ?    ? ? 'X-RAY DIFFRACTION' ? 
c_dihedral_angle_d_prot ?     ?    ? ? 'X-RAY DIFFRACTION' ? 
c_improper_angle_d      0.72  ?    ? ? 'X-RAY DIFFRACTION' ? 
c_improper_angle_d_na   ?     ?    ? ? 'X-RAY DIFFRACTION' ? 
c_improper_angle_d_prot ?     ?    ? ? 'X-RAY DIFFRACTION' ? 
c_mcbond_it             1.34  1.50 ? ? 'X-RAY DIFFRACTION' ? 
c_mcangle_it            2.20  2.00 ? ? 'X-RAY DIFFRACTION' ? 
c_scbond_it             2.05  2.00 ? ? 'X-RAY DIFFRACTION' ? 
c_scangle_it            3.08  2.50 ? ? 'X-RAY DIFFRACTION' ? 
# 
_refine_ls_shell.pdbx_total_number_of_bins_used   6 
_refine_ls_shell.d_res_high                       1.60 
_refine_ls_shell.d_res_low                        1.70 
_refine_ls_shell.number_reflns_R_work             3790 
_refine_ls_shell.R_factor_R_work                  0.217 
_refine_ls_shell.percent_reflns_obs               96.9 
_refine_ls_shell.R_factor_R_free                  0.25 
_refine_ls_shell.R_factor_R_free_error            0.012 
_refine_ls_shell.percent_reflns_R_free            9.7 
_refine_ls_shell.number_reflns_R_free             409 
_refine_ls_shell.number_reflns_all                ? 
_refine_ls_shell.R_factor_all                     ? 
_refine_ls_shell.number_reflns_obs                ? 
_refine_ls_shell.redundancy_reflns_obs            ? 
_refine_ls_shell.pdbx_refine_id                   'X-RAY DIFFRACTION' 
# 
loop_
_pdbx_xplor_file.serial_no 
_pdbx_xplor_file.param_file 
_pdbx_xplor_file.topol_file 
_pdbx_xplor_file.pdbx_refine_id 
1 protein_rep.param protein.top   'X-RAY DIFFRACTION' 
2 water_rep.param   water.top     'X-RAY DIFFRACTION' 
3 mpd_xplor.param   mpd_xplor.top 'X-RAY DIFFRACTION' 
# 
_struct.entry_id                  2YZY 
_struct.title                     'Crystal structure of uncharacterized conserved protein from Thermus thermophilus HB8' 
_struct.pdbx_model_details        ? 
_struct.pdbx_CASP_flag            ? 
_struct.pdbx_model_type_details   ? 
# 
_struct_keywords.entry_id        2YZY 
_struct_keywords.pdbx_keywords   'STRUCTURAL GENOMICS, UNKNOWN FUNCTION' 
_struct_keywords.text            
;Uncharacterized conserved protein, STRUCTURAL GENOMICS, UNKNOWN FUNCTION, NPPSFA, National Project on Protein Structural and Functional Analyses, RIKEN Structural Genomics/Proteomics Initiative, RSGI
;
# 
loop_
_struct_asym.id 
_struct_asym.pdbx_blank_PDB_chainid_flag 
_struct_asym.pdbx_modified 
_struct_asym.entity_id 
_struct_asym.details 
A N N 1 ? 
B N N 2 ? 
C N N 2 ? 
D N N 2 ? 
E N N 2 ? 
F N N 3 ? 
# 
_struct_ref.id                         1 
_struct_ref.db_name                    UNP 
_struct_ref.db_code                    Q5SJJ6_THET8 
_struct_ref.pdbx_db_accession          Q5SJJ6 
_struct_ref.entity_id                  1 
_struct_ref.pdbx_seq_one_letter_code   
;SLGLAQSAQEILDRVEKNLSTPWQATVQGRIQGPGGEEELLARVYALPQARLFRVEFLKPGSLEGNFTVITEKEVWNYLY
LTNQLVISPREKAKIQGLGFAPQGLGDLKALSEQVDLRLEGEVRLPEGMAWKLVGRSKENQGFAAMELYILKADPRPLRF
VFLDEKGKVLADLKVVEFKRTNLTEAQLKRYPKDAQVVRR
;
_struct_ref.pdbx_align_begin           15 
_struct_ref.pdbx_db_isoform            ? 
# 
_struct_ref_seq.align_id                      1 
_struct_ref_seq.ref_id                        1 
_struct_ref_seq.pdbx_PDB_id_code              2YZY 
_struct_ref_seq.pdbx_strand_id                A 
_struct_ref_seq.seq_align_beg                 1 
_struct_ref_seq.pdbx_seq_align_beg_ins_code   ? 
_struct_ref_seq.seq_align_end                 200 
_struct_ref_seq.pdbx_seq_align_end_ins_code   ? 
_struct_ref_seq.pdbx_db_accession             Q5SJJ6 
_struct_ref_seq.db_align_beg                  15 
_struct_ref_seq.pdbx_db_align_beg_ins_code    ? 
_struct_ref_seq.db_align_end                  214 
_struct_ref_seq.pdbx_db_align_end_ins_code    ? 
_struct_ref_seq.pdbx_auth_seq_align_beg       15 
_struct_ref_seq.pdbx_auth_seq_align_end       214 
# 
_pdbx_struct_assembly.id                   1 
_pdbx_struct_assembly.details              author_and_software_defined_assembly 
_pdbx_struct_assembly.method_details       PISA 
_pdbx_struct_assembly.oligomeric_details   monomeric 
_pdbx_struct_assembly.oligomeric_count     1 
# 
_pdbx_struct_assembly_gen.assembly_id       1 
_pdbx_struct_assembly_gen.oper_expression   1 
_pdbx_struct_assembly_gen.asym_id_list      A,B,C,D,E,F 
# 
_pdbx_struct_oper_list.id                   1 
_pdbx_struct_oper_list.type                 'identity operation' 
_pdbx_struct_oper_list.name                 1_555 
_pdbx_struct_oper_list.symmetry_operation   x,y,z 
_pdbx_struct_oper_list.matrix[1][1]         1.0000000000 
_pdbx_struct_oper_list.matrix[1][2]         0.0000000000 
_pdbx_struct_oper_list.matrix[1][3]         0.0000000000 
_pdbx_struct_oper_list.vector[1]            0.0000000000 
_pdbx_struct_oper_list.matrix[2][1]         0.0000000000 
_pdbx_struct_oper_list.matrix[2][2]         1.0000000000 
_pdbx_struct_oper_list.matrix[2][3]         0.0000000000 
_pdbx_struct_oper_list.vector[2]            0.0000000000 
_pdbx_struct_oper_list.matrix[3][1]         0.0000000000 
_pdbx_struct_oper_list.matrix[3][2]         0.0000000000 
_pdbx_struct_oper_list.matrix[3][3]         1.0000000000 
_pdbx_struct_oper_list.vector[3]            0.0000000000 
# 
_struct_biol.id        1 
_struct_biol.details   ? 
# 
loop_
_struct_conf.conf_type_id 
_struct_conf.id 
_struct_conf.pdbx_PDB_helix_id 
_struct_conf.beg_label_comp_id 
_struct_conf.beg_label_asym_id 
_struct_conf.beg_label_seq_id 
_struct_conf.pdbx_beg_PDB_ins_code 
_struct_conf.end_label_comp_id 
_struct_conf.end_label_asym_id 
_struct_conf.end_label_seq_id 
_struct_conf.pdbx_end_PDB_ins_code 
_struct_conf.beg_auth_comp_id 
_struct_conf.beg_auth_asym_id 
_struct_conf.beg_auth_seq_id 
_struct_conf.end_auth_comp_id 
_struct_conf.end_auth_asym_id 
_struct_conf.end_auth_seq_id 
_struct_conf.pdbx_PDB_helix_class 
_struct_conf.details 
_struct_conf.pdbx_PDB_helix_length 
HELX_P HELX_P1 1 GLN A 6   ? LEU A 19  ? GLN A 20  LEU A 33  1 ? 14 
HELX_P HELX_P2 2 PRO A 48  ? ARG A 51  ? PRO A 62  ARG A 65  5 ? 4  
HELX_P HELX_P3 3 THR A 184 ? LYS A 189 ? THR A 198 LYS A 203 1 ? 6  
# 
_struct_conf_type.id          HELX_P 
_struct_conf_type.criteria    ? 
_struct_conf_type.reference   ? 
# 
_struct_mon_prot_cis.pdbx_id                1 
_struct_mon_prot_cis.label_comp_id          LYS 
_struct_mon_prot_cis.label_seq_id           59 
_struct_mon_prot_cis.label_asym_id          A 
_struct_mon_prot_cis.label_alt_id           . 
_struct_mon_prot_cis.pdbx_PDB_ins_code      ? 
_struct_mon_prot_cis.auth_comp_id           LYS 
_struct_mon_prot_cis.auth_seq_id            73 
_struct_mon_prot_cis.auth_asym_id           A 
_struct_mon_prot_cis.pdbx_label_comp_id_2   PRO 
_struct_mon_prot_cis.pdbx_label_seq_id_2    60 
_struct_mon_prot_cis.pdbx_label_asym_id_2   A 
_struct_mon_prot_cis.pdbx_PDB_ins_code_2    ? 
_struct_mon_prot_cis.pdbx_auth_comp_id_2    PRO 
_struct_mon_prot_cis.pdbx_auth_seq_id_2     74 
_struct_mon_prot_cis.pdbx_auth_asym_id_2    A 
_struct_mon_prot_cis.pdbx_PDB_model_num     1 
_struct_mon_prot_cis.pdbx_omega_angle       0.11 
# 
_struct_sheet.id               A 
_struct_sheet.type             ? 
_struct_sheet.number_strands   12 
_struct_sheet.details          ? 
# 
loop_
_struct_sheet_order.sheet_id 
_struct_sheet_order.range_id_1 
_struct_sheet_order.range_id_2 
_struct_sheet_order.offset 
_struct_sheet_order.sense 
A 1  2  ? anti-parallel 
A 2  3  ? anti-parallel 
A 3  4  ? anti-parallel 
A 4  5  ? anti-parallel 
A 5  6  ? anti-parallel 
A 6  7  ? anti-parallel 
A 7  8  ? anti-parallel 
A 8  9  ? anti-parallel 
A 9  10 ? anti-parallel 
A 10 11 ? anti-parallel 
A 11 12 ? parallel      
# 
loop_
_struct_sheet_range.sheet_id 
_struct_sheet_range.id 
_struct_sheet_range.beg_label_comp_id 
_struct_sheet_range.beg_label_asym_id 
_struct_sheet_range.beg_label_seq_id 
_struct_sheet_range.pdbx_beg_PDB_ins_code 
_struct_sheet_range.end_label_comp_id 
_struct_sheet_range.end_label_asym_id 
_struct_sheet_range.end_label_seq_id 
_struct_sheet_range.pdbx_end_PDB_ins_code 
_struct_sheet_range.beg_auth_comp_id 
_struct_sheet_range.beg_auth_asym_id 
_struct_sheet_range.beg_auth_seq_id 
_struct_sheet_range.end_auth_comp_id 
_struct_sheet_range.end_auth_asym_id 
_struct_sheet_range.end_auth_seq_id 
A 1  ASP A 116 ? LEU A 125 ? ASP A 130 LEU A 139 
A 2  GLY A 128 ? ARG A 136 ? GLY A 142 ARG A 150 
A 3  ALA A 145 ? LEU A 151 ? ALA A 159 LEU A 165 
A 4  ARG A 156 ? LEU A 163 ? ARG A 170 LEU A 177 
A 5  VAL A 169 ? ARG A 180 ? VAL A 183 ARG A 194 
A 6  TRP A 23  ? ARG A 30  ? TRP A 37  ARG A 44  
A 7  GLU A 39  ? LEU A 47  ? GLU A 53  LEU A 61  
A 8  LEU A 52  ? LYS A 59  ? LEU A 66  LYS A 73  
A 9  PHE A 67  ? ILE A 70  ? PHE A 81  ILE A 84  
A 10 VAL A 75  ? LEU A 79  ? VAL A 89  LEU A 93  
A 11 GLN A 84  ? SER A 88  ? GLN A 98  SER A 102 
A 12 GLN A 196 ? ARG A 199 ? GLN A 210 ARG A 213 
# 
loop_
_pdbx_struct_sheet_hbond.sheet_id 
_pdbx_struct_sheet_hbond.range_id_1 
_pdbx_struct_sheet_hbond.range_id_2 
_pdbx_struct_sheet_hbond.range_1_label_atom_id 
_pdbx_struct_sheet_hbond.range_1_label_comp_id 
_pdbx_struct_sheet_hbond.range_1_label_asym_id 
_pdbx_struct_sheet_hbond.range_1_label_seq_id 
_pdbx_struct_sheet_hbond.range_1_PDB_ins_code 
_pdbx_struct_sheet_hbond.range_1_auth_atom_id 
_pdbx_struct_sheet_hbond.range_1_auth_comp_id 
_pdbx_struct_sheet_hbond.range_1_auth_asym_id 
_pdbx_struct_sheet_hbond.range_1_auth_seq_id 
_pdbx_struct_sheet_hbond.range_2_label_atom_id 
_pdbx_struct_sheet_hbond.range_2_label_comp_id 
_pdbx_struct_sheet_hbond.range_2_label_asym_id 
_pdbx_struct_sheet_hbond.range_2_label_seq_id 
_pdbx_struct_sheet_hbond.range_2_PDB_ins_code 
_pdbx_struct_sheet_hbond.range_2_auth_atom_id 
_pdbx_struct_sheet_hbond.range_2_auth_comp_id 
_pdbx_struct_sheet_hbond.range_2_auth_asym_id 
_pdbx_struct_sheet_hbond.range_2_auth_seq_id 
A 1  2  N ARG A 118 ? N ARG A 132 O VAL A 134 ? O VAL A 148 
A 2  3  N LEU A 133 ? N LEU A 147 O LEU A 148 ? O LEU A 162 
A 3  4  N ALA A 145 ? N ALA A 159 O LEU A 163 ? O LEU A 177 
A 4  5  N PHE A 162 ? N PHE A 176 O LEU A 170 ? O LEU A 184 
A 5  6  O LYS A 174 ? O LYS A 188 N GLN A 28  ? N GLN A 42  
A 6  7  N ALA A 25  ? N ALA A 39  O VAL A 44  ? O VAL A 58  
A 7  8  N LEU A 41  ? N LEU A 55  O LEU A 58  ? O LEU A 72  
A 8  9  N PHE A 53  ? N PHE A 67  O ILE A 70  ? O ILE A 84  
A 9  10 N PHE A 67  ? N PHE A 81  O TYR A 78  ? O TYR A 92  
A 10 11 N VAL A 75  ? N VAL A 89  O SER A 88  ? O SER A 102 
A 11 12 N LEU A 85  ? N LEU A 99  O GLN A 196 ? O GLN A 210 
# 
loop_
_struct_site.id 
_struct_site.pdbx_evidence_code 
_struct_site.pdbx_auth_asym_id 
_struct_site.pdbx_auth_comp_id 
_struct_site.pdbx_auth_seq_id 
_struct_site.pdbx_auth_ins_code 
_struct_site.pdbx_num_residues 
_struct_site.details 
AC1 Software A MPD 501 ? 7 'BINDING SITE FOR RESIDUE MPD A 501' 
AC2 Software A MPD 502 ? 6 'BINDING SITE FOR RESIDUE MPD A 502' 
AC3 Software A MPD 503 ? 8 'BINDING SITE FOR RESIDUE MPD A 503' 
AC4 Software A MPD 504 ? 6 'BINDING SITE FOR RESIDUE MPD A 504' 
# 
loop_
_struct_site_gen.id 
_struct_site_gen.site_id 
_struct_site_gen.pdbx_num_res 
_struct_site_gen.label_comp_id 
_struct_site_gen.label_asym_id 
_struct_site_gen.label_seq_id 
_struct_site_gen.pdbx_auth_ins_code 
_struct_site_gen.auth_comp_id 
_struct_site_gen.auth_asym_id 
_struct_site_gen.auth_seq_id 
_struct_site_gen.label_atom_id 
_struct_site_gen.label_alt_id 
_struct_site_gen.symmetry 
_struct_site_gen.details 
1  AC1 7 GLN A 28  ? GLN A 42  . ? 1_555 ? 
2  AC1 7 ARG A 43  ? ARG A 57  . ? 1_555 ? 
3  AC1 7 GLY A 121 ? GLY A 135 . ? 3_645 ? 
4  AC1 7 GLU A 122 ? GLU A 136 . ? 3_645 ? 
5  AC1 7 HOH F .   ? HOH A 518 . ? 1_555 ? 
6  AC1 7 HOH F .   ? HOH A 575 . ? 4_545 ? 
7  AC1 7 HOH F .   ? HOH A 617 . ? 3_645 ? 
8  AC2 6 GLU A 120 ? GLU A 134 . ? 1_555 ? 
9  AC2 6 LYS A 132 ? LYS A 146 . ? 1_555 ? 
10 AC2 6 GLU A 147 ? GLU A 161 . ? 1_555 ? 
11 AC2 6 ALA A 195 ? ALA A 209 . ? 2_555 ? 
12 AC2 6 GLN A 196 ? GLN A 210 . ? 2_555 ? 
13 AC2 6 VAL A 197 ? VAL A 211 . ? 2_555 ? 
14 AC3 8 GLU A 64  ? GLU A 78  . ? 1_555 ? 
15 AC3 8 GLY A 65  ? GLY A 79  . ? 1_555 ? 
16 AC3 8 TYR A 80  ? TYR A 94  . ? 1_555 ? 
17 AC3 8 ASN A 182 ? ASN A 196 . ? 4_445 ? 
18 AC3 8 THR A 184 ? THR A 198 . ? 4_445 ? 
19 AC3 8 HOH F .   ? HOH A 582 . ? 1_555 ? 
20 AC3 8 HOH F .   ? HOH A 583 . ? 1_555 ? 
21 AC3 8 HOH F .   ? HOH A 615 . ? 1_555 ? 
22 AC4 6 GLN A 24  ? GLN A 38  . ? 1_555 ? 
23 AC4 6 ALA A 25  ? ALA A 39  . ? 1_555 ? 
24 AC4 6 ASN A 83  ? ASN A 97  . ? 4_545 ? 
25 AC4 6 GLU A 177 ? GLU A 191 . ? 1_555 ? 
26 AC4 6 GLN A 196 ? GLN A 210 . ? 4_545 ? 
27 AC4 6 HOH F .   ? HOH A 591 . ? 4_545 ? 
# 
_pdbx_validate_torsion.id              1 
_pdbx_validate_torsion.PDB_model_num   1 
_pdbx_validate_torsion.auth_comp_id    PRO 
_pdbx_validate_torsion.auth_asym_id    A 
_pdbx_validate_torsion.auth_seq_id     169 
_pdbx_validate_torsion.PDB_ins_code    ? 
_pdbx_validate_torsion.label_alt_id    ? 
_pdbx_validate_torsion.phi             -37.50 
_pdbx_validate_torsion.psi             102.59 
# 
_pdbx_SG_project.id                    1 
_pdbx_SG_project.project_name          'NPPSFA, National Project on Protein Structural and Functional Analyses' 
_pdbx_SG_project.full_name_of_center   'RIKEN Structural Genomics/Proteomics Initiative' 
_pdbx_SG_project.initial_of_center     RSGI 
# 
loop_
_pdbx_unobs_or_zero_occ_residues.id 
_pdbx_unobs_or_zero_occ_residues.PDB_model_num 
_pdbx_unobs_or_zero_occ_residues.polymer_flag 
_pdbx_unobs_or_zero_occ_residues.occupancy_flag 
_pdbx_unobs_or_zero_occ_residues.auth_asym_id 
_pdbx_unobs_or_zero_occ_residues.auth_comp_id 
_pdbx_unobs_or_zero_occ_residues.auth_seq_id 
_pdbx_unobs_or_zero_occ_residues.PDB_ins_code 
_pdbx_unobs_or_zero_occ_residues.label_asym_id 
_pdbx_unobs_or_zero_occ_residues.label_comp_id 
_pdbx_unobs_or_zero_occ_residues.label_seq_id 
1  1 Y 1 A SER 15  ? A SER 1   
2  1 Y 1 A LEU 16  ? A LEU 2   
3  1 Y 1 A GLY 17  ? A GLY 3   
4  1 Y 1 A LEU 18  ? A LEU 4   
5  1 Y 1 A ALA 19  ? A ALA 5   
6  1 Y 1 A GLN 46  ? A GLN 32  
7  1 Y 1 A GLY 47  ? A GLY 33  
8  1 Y 1 A PRO 48  ? A PRO 34  
9  1 Y 1 A GLY 49  ? A GLY 35  
10 1 Y 1 A GLY 50  ? A GLY 36  
11 1 Y 1 A ARG 104 ? A ARG 90  
12 1 Y 1 A GLU 105 ? A GLU 91  
13 1 Y 1 A LYS 106 ? A LYS 92  
14 1 Y 1 A ALA 107 ? A ALA 93  
15 1 Y 1 A LYS 108 ? A LYS 94  
16 1 Y 1 A ILE 109 ? A ILE 95  
17 1 Y 1 A GLN 110 ? A GLN 96  
18 1 Y 1 A GLY 111 ? A GLY 97  
19 1 Y 1 A LEU 112 ? A LEU 98  
20 1 Y 1 A GLY 113 ? A GLY 99  
21 1 Y 1 A PHE 114 ? A PHE 100 
22 1 Y 1 A ALA 115 ? A ALA 101 
23 1 Y 1 A PRO 116 ? A PRO 102 
24 1 Y 1 A GLN 117 ? A GLN 103 
25 1 Y 1 A GLY 118 ? A GLY 104 
26 1 Y 1 A LEU 119 ? A LEU 105 
27 1 Y 1 A GLY 120 ? A GLY 106 
28 1 Y 1 A ASP 121 ? A ASP 107 
29 1 Y 1 A LEU 122 ? A LEU 108 
30 1 Y 1 A LYS 123 ? A LYS 109 
31 1 Y 1 A ALA 124 ? A ALA 110 
32 1 Y 1 A LEU 125 ? A LEU 111 
33 1 Y 1 A SER 126 ? A SER 112 
34 1 Y 1 A GLU 127 ? A GLU 113 
35 1 Y 1 A LYS 152 ? A LYS 138 
36 1 Y 1 A GLU 153 ? A GLU 139 
37 1 Y 1 A ASN 154 ? A ASN 140 
# 
loop_
_chem_comp_atom.comp_id 
_chem_comp_atom.atom_id 
_chem_comp_atom.type_symbol 
_chem_comp_atom.pdbx_aromatic_flag 
_chem_comp_atom.pdbx_stereo_config 
_chem_comp_atom.pdbx_ordinal 
ALA N    N N N 1   
ALA CA   C N S 2   
ALA C    C N N 3   
ALA O    O N N 4   
ALA CB   C N N 5   
ALA OXT  O N N 6   
ALA H    H N N 7   
ALA H2   H N N 8   
ALA HA   H N N 9   
ALA HB1  H N N 10  
ALA HB2  H N N 11  
ALA HB3  H N N 12  
ALA HXT  H N N 13  
ARG N    N N N 14  
ARG CA   C N S 15  
ARG C    C N N 16  
ARG O    O N N 17  
ARG CB   C N N 18  
ARG CG   C N N 19  
ARG CD   C N N 20  
ARG NE   N N N 21  
ARG CZ   C N N 22  
ARG NH1  N N N 23  
ARG NH2  N N N 24  
ARG OXT  O N N 25  
ARG H    H N N 26  
ARG H2   H N N 27  
ARG HA   H N N 28  
ARG HB2  H N N 29  
ARG HB3  H N N 30  
ARG HG2  H N N 31  
ARG HG3  H N N 32  
ARG HD2  H N N 33  
ARG HD3  H N N 34  
ARG HE   H N N 35  
ARG HH11 H N N 36  
ARG HH12 H N N 37  
ARG HH21 H N N 38  
ARG HH22 H N N 39  
ARG HXT  H N N 40  
ASN N    N N N 41  
ASN CA   C N S 42  
ASN C    C N N 43  
ASN O    O N N 44  
ASN CB   C N N 45  
ASN CG   C N N 46  
ASN OD1  O N N 47  
ASN ND2  N N N 48  
ASN OXT  O N N 49  
ASN H    H N N 50  
ASN H2   H N N 51  
ASN HA   H N N 52  
ASN HB2  H N N 53  
ASN HB3  H N N 54  
ASN HD21 H N N 55  
ASN HD22 H N N 56  
ASN HXT  H N N 57  
ASP N    N N N 58  
ASP CA   C N S 59  
ASP C    C N N 60  
ASP O    O N N 61  
ASP CB   C N N 62  
ASP CG   C N N 63  
ASP OD1  O N N 64  
ASP OD2  O N N 65  
ASP OXT  O N N 66  
ASP H    H N N 67  
ASP H2   H N N 68  
ASP HA   H N N 69  
ASP HB2  H N N 70  
ASP HB3  H N N 71  
ASP HD2  H N N 72  
ASP HXT  H N N 73  
GLN N    N N N 74  
GLN CA   C N S 75  
GLN C    C N N 76  
GLN O    O N N 77  
GLN CB   C N N 78  
GLN CG   C N N 79  
GLN CD   C N N 80  
GLN OE1  O N N 81  
GLN NE2  N N N 82  
GLN OXT  O N N 83  
GLN H    H N N 84  
GLN H2   H N N 85  
GLN HA   H N N 86  
GLN HB2  H N N 87  
GLN HB3  H N N 88  
GLN HG2  H N N 89  
GLN HG3  H N N 90  
GLN HE21 H N N 91  
GLN HE22 H N N 92  
GLN HXT  H N N 93  
GLU N    N N N 94  
GLU CA   C N S 95  
GLU C    C N N 96  
GLU O    O N N 97  
GLU CB   C N N 98  
GLU CG   C N N 99  
GLU CD   C N N 100 
GLU OE1  O N N 101 
GLU OE2  O N N 102 
GLU OXT  O N N 103 
GLU H    H N N 104 
GLU H2   H N N 105 
GLU HA   H N N 106 
GLU HB2  H N N 107 
GLU HB3  H N N 108 
GLU HG2  H N N 109 
GLU HG3  H N N 110 
GLU HE2  H N N 111 
GLU HXT  H N N 112 
GLY N    N N N 113 
GLY CA   C N N 114 
GLY C    C N N 115 
GLY O    O N N 116 
GLY OXT  O N N 117 
GLY H    H N N 118 
GLY H2   H N N 119 
GLY HA2  H N N 120 
GLY HA3  H N N 121 
GLY HXT  H N N 122 
HOH O    O N N 123 
HOH H1   H N N 124 
HOH H2   H N N 125 
ILE N    N N N 126 
ILE CA   C N S 127 
ILE C    C N N 128 
ILE O    O N N 129 
ILE CB   C N S 130 
ILE CG1  C N N 131 
ILE CG2  C N N 132 
ILE CD1  C N N 133 
ILE OXT  O N N 134 
ILE H    H N N 135 
ILE H2   H N N 136 
ILE HA   H N N 137 
ILE HB   H N N 138 
ILE HG12 H N N 139 
ILE HG13 H N N 140 
ILE HG21 H N N 141 
ILE HG22 H N N 142 
ILE HG23 H N N 143 
ILE HD11 H N N 144 
ILE HD12 H N N 145 
ILE HD13 H N N 146 
ILE HXT  H N N 147 
LEU N    N N N 148 
LEU CA   C N S 149 
LEU C    C N N 150 
LEU O    O N N 151 
LEU CB   C N N 152 
LEU CG   C N N 153 
LEU CD1  C N N 154 
LEU CD2  C N N 155 
LEU OXT  O N N 156 
LEU H    H N N 157 
LEU H2   H N N 158 
LEU HA   H N N 159 
LEU HB2  H N N 160 
LEU HB3  H N N 161 
LEU HG   H N N 162 
LEU HD11 H N N 163 
LEU HD12 H N N 164 
LEU HD13 H N N 165 
LEU HD21 H N N 166 
LEU HD22 H N N 167 
LEU HD23 H N N 168 
LEU HXT  H N N 169 
LYS N    N N N 170 
LYS CA   C N S 171 
LYS C    C N N 172 
LYS O    O N N 173 
LYS CB   C N N 174 
LYS CG   C N N 175 
LYS CD   C N N 176 
LYS CE   C N N 177 
LYS NZ   N N N 178 
LYS OXT  O N N 179 
LYS H    H N N 180 
LYS H2   H N N 181 
LYS HA   H N N 182 
LYS HB2  H N N 183 
LYS HB3  H N N 184 
LYS HG2  H N N 185 
LYS HG3  H N N 186 
LYS HD2  H N N 187 
LYS HD3  H N N 188 
LYS HE2  H N N 189 
LYS HE3  H N N 190 
LYS HZ1  H N N 191 
LYS HZ2  H N N 192 
LYS HZ3  H N N 193 
LYS HXT  H N N 194 
MET N    N N N 195 
MET CA   C N S 196 
MET C    C N N 197 
MET O    O N N 198 
MET CB   C N N 199 
MET CG   C N N 200 
MET SD   S N N 201 
MET CE   C N N 202 
MET OXT  O N N 203 
MET H    H N N 204 
MET H2   H N N 205 
MET HA   H N N 206 
MET HB2  H N N 207 
MET HB3  H N N 208 
MET HG2  H N N 209 
MET HG3  H N N 210 
MET HE1  H N N 211 
MET HE2  H N N 212 
MET HE3  H N N 213 
MET HXT  H N N 214 
MPD C1   C N N 215 
MPD C2   C N N 216 
MPD O2   O N N 217 
MPD CM   C N N 218 
MPD C3   C N N 219 
MPD C4   C N S 220 
MPD O4   O N N 221 
MPD C5   C N N 222 
MPD H11  H N N 223 
MPD H12  H N N 224 
MPD H13  H N N 225 
MPD HO2  H N N 226 
MPD HM1  H N N 227 
MPD HM2  H N N 228 
MPD HM3  H N N 229 
MPD H31  H N N 230 
MPD H32  H N N 231 
MPD H4   H N N 232 
MPD HO4  H N N 233 
MPD H51  H N N 234 
MPD H52  H N N 235 
MPD H53  H N N 236 
PHE N    N N N 237 
PHE CA   C N S 238 
PHE C    C N N 239 
PHE O    O N N 240 
PHE CB   C N N 241 
PHE CG   C Y N 242 
PHE CD1  C Y N 243 
PHE CD2  C Y N 244 
PHE CE1  C Y N 245 
PHE CE2  C Y N 246 
PHE CZ   C Y N 247 
PHE OXT  O N N 248 
PHE H    H N N 249 
PHE H2   H N N 250 
PHE HA   H N N 251 
PHE HB2  H N N 252 
PHE HB3  H N N 253 
PHE HD1  H N N 254 
PHE HD2  H N N 255 
PHE HE1  H N N 256 
PHE HE2  H N N 257 
PHE HZ   H N N 258 
PHE HXT  H N N 259 
PRO N    N N N 260 
PRO CA   C N S 261 
PRO C    C N N 262 
PRO O    O N N 263 
PRO CB   C N N 264 
PRO CG   C N N 265 
PRO CD   C N N 266 
PRO OXT  O N N 267 
PRO H    H N N 268 
PRO HA   H N N 269 
PRO HB2  H N N 270 
PRO HB3  H N N 271 
PRO HG2  H N N 272 
PRO HG3  H N N 273 
PRO HD2  H N N 274 
PRO HD3  H N N 275 
PRO HXT  H N N 276 
SER N    N N N 277 
SER CA   C N S 278 
SER C    C N N 279 
SER O    O N N 280 
SER CB   C N N 281 
SER OG   O N N 282 
SER OXT  O N N 283 
SER H    H N N 284 
SER H2   H N N 285 
SER HA   H N N 286 
SER HB2  H N N 287 
SER HB3  H N N 288 
SER HG   H N N 289 
SER HXT  H N N 290 
THR N    N N N 291 
THR CA   C N S 292 
THR C    C N N 293 
THR O    O N N 294 
THR CB   C N R 295 
THR OG1  O N N 296 
THR CG2  C N N 297 
THR OXT  O N N 298 
THR H    H N N 299 
THR H2   H N N 300 
THR HA   H N N 301 
THR HB   H N N 302 
THR HG1  H N N 303 
THR HG21 H N N 304 
THR HG22 H N N 305 
THR HG23 H N N 306 
THR HXT  H N N 307 
TRP N    N N N 308 
TRP CA   C N S 309 
TRP C    C N N 310 
TRP O    O N N 311 
TRP CB   C N N 312 
TRP CG   C Y N 313 
TRP CD1  C Y N 314 
TRP CD2  C Y N 315 
TRP NE1  N Y N 316 
TRP CE2  C Y N 317 
TRP CE3  C Y N 318 
TRP CZ2  C Y N 319 
TRP CZ3  C Y N 320 
TRP CH2  C Y N 321 
TRP OXT  O N N 322 
TRP H    H N N 323 
TRP H2   H N N 324 
TRP HA   H N N 325 
TRP HB2  H N N 326 
TRP HB3  H N N 327 
TRP HD1  H N N 328 
TRP HE1  H N N 329 
TRP HE3  H N N 330 
TRP HZ2  H N N 331 
TRP HZ3  H N N 332 
TRP HH2  H N N 333 
TRP HXT  H N N 334 
TYR N    N N N 335 
TYR CA   C N S 336 
TYR C    C N N 337 
TYR O    O N N 338 
TYR CB   C N N 339 
TYR CG   C Y N 340 
TYR CD1  C Y N 341 
TYR CD2  C Y N 342 
TYR CE1  C Y N 343 
TYR CE2  C Y N 344 
TYR CZ   C Y N 345 
TYR OH   O N N 346 
TYR OXT  O N N 347 
TYR H    H N N 348 
TYR H2   H N N 349 
TYR HA   H N N 350 
TYR HB2  H N N 351 
TYR HB3  H N N 352 
TYR HD1  H N N 353 
TYR HD2  H N N 354 
TYR HE1  H N N 355 
TYR HE2  H N N 356 
TYR HH   H N N 357 
TYR HXT  H N N 358 
VAL N    N N N 359 
VAL CA   C N S 360 
VAL C    C N N 361 
VAL O    O N N 362 
VAL CB   C N N 363 
VAL CG1  C N N 364 
VAL CG2  C N N 365 
VAL OXT  O N N 366 
VAL H    H N N 367 
VAL H2   H N N 368 
VAL HA   H N N 369 
VAL HB   H N N 370 
VAL HG11 H N N 371 
VAL HG12 H N N 372 
VAL HG13 H N N 373 
VAL HG21 H N N 374 
VAL HG22 H N N 375 
VAL HG23 H N N 376 
VAL HXT  H N N 377 
# 
loop_
_chem_comp_bond.comp_id 
_chem_comp_bond.atom_id_1 
_chem_comp_bond.atom_id_2 
_chem_comp_bond.value_order 
_chem_comp_bond.pdbx_aromatic_flag 
_chem_comp_bond.pdbx_stereo_config 
_chem_comp_bond.pdbx_ordinal 
ALA N   CA   sing N N 1   
ALA N   H    sing N N 2   
ALA N   H2   sing N N 3   
ALA CA  C    sing N N 4   
ALA CA  CB   sing N N 5   
ALA CA  HA   sing N N 6   
ALA C   O    doub N N 7   
ALA C   OXT  sing N N 8   
ALA CB  HB1  sing N N 9   
ALA CB  HB2  sing N N 10  
ALA CB  HB3  sing N N 11  
ALA OXT HXT  sing N N 12  
ARG N   CA   sing N N 13  
ARG N   H    sing N N 14  
ARG N   H2   sing N N 15  
ARG CA  C    sing N N 16  
ARG CA  CB   sing N N 17  
ARG CA  HA   sing N N 18  
ARG C   O    doub N N 19  
ARG C   OXT  sing N N 20  
ARG CB  CG   sing N N 21  
ARG CB  HB2  sing N N 22  
ARG CB  HB3  sing N N 23  
ARG CG  CD   sing N N 24  
ARG CG  HG2  sing N N 25  
ARG CG  HG3  sing N N 26  
ARG CD  NE   sing N N 27  
ARG CD  HD2  sing N N 28  
ARG CD  HD3  sing N N 29  
ARG NE  CZ   sing N N 30  
ARG NE  HE   sing N N 31  
ARG CZ  NH1  sing N N 32  
ARG CZ  NH2  doub N N 33  
ARG NH1 HH11 sing N N 34  
ARG NH1 HH12 sing N N 35  
ARG NH2 HH21 sing N N 36  
ARG NH2 HH22 sing N N 37  
ARG OXT HXT  sing N N 38  
ASN N   CA   sing N N 39  
ASN N   H    sing N N 40  
ASN N   H2   sing N N 41  
ASN CA  C    sing N N 42  
ASN CA  CB   sing N N 43  
ASN CA  HA   sing N N 44  
ASN C   O    doub N N 45  
ASN C   OXT  sing N N 46  
ASN CB  CG   sing N N 47  
ASN CB  HB2  sing N N 48  
ASN CB  HB3  sing N N 49  
ASN CG  OD1  doub N N 50  
ASN CG  ND2  sing N N 51  
ASN ND2 HD21 sing N N 52  
ASN ND2 HD22 sing N N 53  
ASN OXT HXT  sing N N 54  
ASP N   CA   sing N N 55  
ASP N   H    sing N N 56  
ASP N   H2   sing N N 57  
ASP CA  C    sing N N 58  
ASP CA  CB   sing N N 59  
ASP CA  HA   sing N N 60  
ASP C   O    doub N N 61  
ASP C   OXT  sing N N 62  
ASP CB  CG   sing N N 63  
ASP CB  HB2  sing N N 64  
ASP CB  HB3  sing N N 65  
ASP CG  OD1  doub N N 66  
ASP CG  OD2  sing N N 67  
ASP OD2 HD2  sing N N 68  
ASP OXT HXT  sing N N 69  
GLN N   CA   sing N N 70  
GLN N   H    sing N N 71  
GLN N   H2   sing N N 72  
GLN CA  C    sing N N 73  
GLN CA  CB   sing N N 74  
GLN CA  HA   sing N N 75  
GLN C   O    doub N N 76  
GLN C   OXT  sing N N 77  
GLN CB  CG   sing N N 78  
GLN CB  HB2  sing N N 79  
GLN CB  HB3  sing N N 80  
GLN CG  CD   sing N N 81  
GLN CG  HG2  sing N N 82  
GLN CG  HG3  sing N N 83  
GLN CD  OE1  doub N N 84  
GLN CD  NE2  sing N N 85  
GLN NE2 HE21 sing N N 86  
GLN NE2 HE22 sing N N 87  
GLN OXT HXT  sing N N 88  
GLU N   CA   sing N N 89  
GLU N   H    sing N N 90  
GLU N   H2   sing N N 91  
GLU CA  C    sing N N 92  
GLU CA  CB   sing N N 93  
GLU CA  HA   sing N N 94  
GLU C   O    doub N N 95  
GLU C   OXT  sing N N 96  
GLU CB  CG   sing N N 97  
GLU CB  HB2  sing N N 98  
GLU CB  HB3  sing N N 99  
GLU CG  CD   sing N N 100 
GLU CG  HG2  sing N N 101 
GLU CG  HG3  sing N N 102 
GLU CD  OE1  doub N N 103 
GLU CD  OE2  sing N N 104 
GLU OE2 HE2  sing N N 105 
GLU OXT HXT  sing N N 106 
GLY N   CA   sing N N 107 
GLY N   H    sing N N 108 
GLY N   H2   sing N N 109 
GLY CA  C    sing N N 110 
GLY CA  HA2  sing N N 111 
GLY CA  HA3  sing N N 112 
GLY C   O    doub N N 113 
GLY C   OXT  sing N N 114 
GLY OXT HXT  sing N N 115 
HOH O   H1   sing N N 116 
HOH O   H2   sing N N 117 
ILE N   CA   sing N N 118 
ILE N   H    sing N N 119 
ILE N   H2   sing N N 120 
ILE CA  C    sing N N 121 
ILE CA  CB   sing N N 122 
ILE CA  HA   sing N N 123 
ILE C   O    doub N N 124 
ILE C   OXT  sing N N 125 
ILE CB  CG1  sing N N 126 
ILE CB  CG2  sing N N 127 
ILE CB  HB   sing N N 128 
ILE CG1 CD1  sing N N 129 
ILE CG1 HG12 sing N N 130 
ILE CG1 HG13 sing N N 131 
ILE CG2 HG21 sing N N 132 
ILE CG2 HG22 sing N N 133 
ILE CG2 HG23 sing N N 134 
ILE CD1 HD11 sing N N 135 
ILE CD1 HD12 sing N N 136 
ILE CD1 HD13 sing N N 137 
ILE OXT HXT  sing N N 138 
LEU N   CA   sing N N 139 
LEU N   H    sing N N 140 
LEU N   H2   sing N N 141 
LEU CA  C    sing N N 142 
LEU CA  CB   sing N N 143 
LEU CA  HA   sing N N 144 
LEU C   O    doub N N 145 
LEU C   OXT  sing N N 146 
LEU CB  CG   sing N N 147 
LEU CB  HB2  sing N N 148 
LEU CB  HB3  sing N N 149 
LEU CG  CD1  sing N N 150 
LEU CG  CD2  sing N N 151 
LEU CG  HG   sing N N 152 
LEU CD1 HD11 sing N N 153 
LEU CD1 HD12 sing N N 154 
LEU CD1 HD13 sing N N 155 
LEU CD2 HD21 sing N N 156 
LEU CD2 HD22 sing N N 157 
LEU CD2 HD23 sing N N 158 
LEU OXT HXT  sing N N 159 
LYS N   CA   sing N N 160 
LYS N   H    sing N N 161 
LYS N   H2   sing N N 162 
LYS CA  C    sing N N 163 
LYS CA  CB   sing N N 164 
LYS CA  HA   sing N N 165 
LYS C   O    doub N N 166 
LYS C   OXT  sing N N 167 
LYS CB  CG   sing N N 168 
LYS CB  HB2  sing N N 169 
LYS CB  HB3  sing N N 170 
LYS CG  CD   sing N N 171 
LYS CG  HG2  sing N N 172 
LYS CG  HG3  sing N N 173 
LYS CD  CE   sing N N 174 
LYS CD  HD2  sing N N 175 
LYS CD  HD3  sing N N 176 
LYS CE  NZ   sing N N 177 
LYS CE  HE2  sing N N 178 
LYS CE  HE3  sing N N 179 
LYS NZ  HZ1  sing N N 180 
LYS NZ  HZ2  sing N N 181 
LYS NZ  HZ3  sing N N 182 
LYS OXT HXT  sing N N 183 
MET N   CA   sing N N 184 
MET N   H    sing N N 185 
MET N   H2   sing N N 186 
MET CA  C    sing N N 187 
MET CA  CB   sing N N 188 
MET CA  HA   sing N N 189 
MET C   O    doub N N 190 
MET C   OXT  sing N N 191 
MET CB  CG   sing N N 192 
MET CB  HB2  sing N N 193 
MET CB  HB3  sing N N 194 
MET CG  SD   sing N N 195 
MET CG  HG2  sing N N 196 
MET CG  HG3  sing N N 197 
MET SD  CE   sing N N 198 
MET CE  HE1  sing N N 199 
MET CE  HE2  sing N N 200 
MET CE  HE3  sing N N 201 
MET OXT HXT  sing N N 202 
MPD C1  C2   sing N N 203 
MPD C1  H11  sing N N 204 
MPD C1  H12  sing N N 205 
MPD C1  H13  sing N N 206 
MPD C2  O2   sing N N 207 
MPD C2  CM   sing N N 208 
MPD C2  C3   sing N N 209 
MPD O2  HO2  sing N N 210 
MPD CM  HM1  sing N N 211 
MPD CM  HM2  sing N N 212 
MPD CM  HM3  sing N N 213 
MPD C3  C4   sing N N 214 
MPD C3  H31  sing N N 215 
MPD C3  H32  sing N N 216 
MPD C4  O4   sing N N 217 
MPD C4  C5   sing N N 218 
MPD C4  H4   sing N N 219 
MPD O4  HO4  sing N N 220 
MPD C5  H51  sing N N 221 
MPD C5  H52  sing N N 222 
MPD C5  H53  sing N N 223 
PHE N   CA   sing N N 224 
PHE N   H    sing N N 225 
PHE N   H2   sing N N 226 
PHE CA  C    sing N N 227 
PHE CA  CB   sing N N 228 
PHE CA  HA   sing N N 229 
PHE C   O    doub N N 230 
PHE C   OXT  sing N N 231 
PHE CB  CG   sing N N 232 
PHE CB  HB2  sing N N 233 
PHE CB  HB3  sing N N 234 
PHE CG  CD1  doub Y N 235 
PHE CG  CD2  sing Y N 236 
PHE CD1 CE1  sing Y N 237 
PHE CD1 HD1  sing N N 238 
PHE CD2 CE2  doub Y N 239 
PHE CD2 HD2  sing N N 240 
PHE CE1 CZ   doub Y N 241 
PHE CE1 HE1  sing N N 242 
PHE CE2 CZ   sing Y N 243 
PHE CE2 HE2  sing N N 244 
PHE CZ  HZ   sing N N 245 
PHE OXT HXT  sing N N 246 
PRO N   CA   sing N N 247 
PRO N   CD   sing N N 248 
PRO N   H    sing N N 249 
PRO CA  C    sing N N 250 
PRO CA  CB   sing N N 251 
PRO CA  HA   sing N N 252 
PRO C   O    doub N N 253 
PRO C   OXT  sing N N 254 
PRO CB  CG   sing N N 255 
PRO CB  HB2  sing N N 256 
PRO CB  HB3  sing N N 257 
PRO CG  CD   sing N N 258 
PRO CG  HG2  sing N N 259 
PRO CG  HG3  sing N N 260 
PRO CD  HD2  sing N N 261 
PRO CD  HD3  sing N N 262 
PRO OXT HXT  sing N N 263 
SER N   CA   sing N N 264 
SER N   H    sing N N 265 
SER N   H2   sing N N 266 
SER CA  C    sing N N 267 
SER CA  CB   sing N N 268 
SER CA  HA   sing N N 269 
SER C   O    doub N N 270 
SER C   OXT  sing N N 271 
SER CB  OG   sing N N 272 
SER CB  HB2  sing N N 273 
SER CB  HB3  sing N N 274 
SER OG  HG   sing N N 275 
SER OXT HXT  sing N N 276 
THR N   CA   sing N N 277 
THR N   H    sing N N 278 
THR N   H2   sing N N 279 
THR CA  C    sing N N 280 
THR CA  CB   sing N N 281 
THR CA  HA   sing N N 282 
THR C   O    doub N N 283 
THR C   OXT  sing N N 284 
THR CB  OG1  sing N N 285 
THR CB  CG2  sing N N 286 
THR CB  HB   sing N N 287 
THR OG1 HG1  sing N N 288 
THR CG2 HG21 sing N N 289 
THR CG2 HG22 sing N N 290 
THR CG2 HG23 sing N N 291 
THR OXT HXT  sing N N 292 
TRP N   CA   sing N N 293 
TRP N   H    sing N N 294 
TRP N   H2   sing N N 295 
TRP CA  C    sing N N 296 
TRP CA  CB   sing N N 297 
TRP CA  HA   sing N N 298 
TRP C   O    doub N N 299 
TRP C   OXT  sing N N 300 
TRP CB  CG   sing N N 301 
TRP CB  HB2  sing N N 302 
TRP CB  HB3  sing N N 303 
TRP CG  CD1  doub Y N 304 
TRP CG  CD2  sing Y N 305 
TRP CD1 NE1  sing Y N 306 
TRP CD1 HD1  sing N N 307 
TRP CD2 CE2  doub Y N 308 
TRP CD2 CE3  sing Y N 309 
TRP NE1 CE2  sing Y N 310 
TRP NE1 HE1  sing N N 311 
TRP CE2 CZ2  sing Y N 312 
TRP CE3 CZ3  doub Y N 313 
TRP CE3 HE3  sing N N 314 
TRP CZ2 CH2  doub Y N 315 
TRP CZ2 HZ2  sing N N 316 
TRP CZ3 CH2  sing Y N 317 
TRP CZ3 HZ3  sing N N 318 
TRP CH2 HH2  sing N N 319 
TRP OXT HXT  sing N N 320 
TYR N   CA   sing N N 321 
TYR N   H    sing N N 322 
TYR N   H2   sing N N 323 
TYR CA  C    sing N N 324 
TYR CA  CB   sing N N 325 
TYR CA  HA   sing N N 326 
TYR C   O    doub N N 327 
TYR C   OXT  sing N N 328 
TYR CB  CG   sing N N 329 
TYR CB  HB2  sing N N 330 
TYR CB  HB3  sing N N 331 
TYR CG  CD1  doub Y N 332 
TYR CG  CD2  sing Y N 333 
TYR CD1 CE1  sing Y N 334 
TYR CD1 HD1  sing N N 335 
TYR CD2 CE2  doub Y N 336 
TYR CD2 HD2  sing N N 337 
TYR CE1 CZ   doub Y N 338 
TYR CE1 HE1  sing N N 339 
TYR CE2 CZ   sing Y N 340 
TYR CE2 HE2  sing N N 341 
TYR CZ  OH   sing N N 342 
TYR OH  HH   sing N N 343 
TYR OXT HXT  sing N N 344 
VAL N   CA   sing N N 345 
VAL N   H    sing N N 346 
VAL N   H2   sing N N 347 
VAL CA  C    sing N N 348 
VAL CA  CB   sing N N 349 
VAL CA  HA   sing N N 350 
VAL C   O    doub N N 351 
VAL C   OXT  sing N N 352 
VAL CB  CG1  sing N N 353 
VAL CB  CG2  sing N N 354 
VAL CB  HB   sing N N 355 
VAL CG1 HG11 sing N N 356 
VAL CG1 HG12 sing N N 357 
VAL CG1 HG13 sing N N 358 
VAL CG2 HG21 sing N N 359 
VAL CG2 HG22 sing N N 360 
VAL CG2 HG23 sing N N 361 
VAL OXT HXT  sing N N 362 
# 
_atom_sites.entry_id                    2YZY 
_atom_sites.fract_transf_matrix[1][1]   -0.01199547 
_atom_sites.fract_transf_matrix[1][2]   0.01083849 
_atom_sites.fract_transf_matrix[1][3]   -0.01796194 
_atom_sites.fract_transf_matrix[2][1]   0.01448994 
_atom_sites.fract_transf_matrix[2][2]   0.00154256 
_atom_sites.fract_transf_matrix[2][3]   -0.00874597 
_atom_sites.fract_transf_matrix[3][1]   -0.00202906 
_atom_sites.fract_transf_matrix[3][2]   -0.01104516 
_atom_sites.fract_transf_matrix[3][3]   -0.00530974 
_atom_sites.fract_transf_vector[1]      0.417980 
_atom_sites.fract_transf_vector[2]      0.013140 
_atom_sites.fract_transf_vector[3]      0.071355 
# 
loop_
_atom_type.symbol 
C 
N 
O 
S 
# 
loop_
_atom_site.group_PDB 
_atom_site.id 
_atom_site.type_symbol 
_atom_site.label_atom_id 
_atom_site.label_alt_id 
_atom_site.label_comp_id 
_atom_site.label_asym_id 
_atom_site.label_entity_id 
_atom_site.label_seq_id 
_atom_site.pdbx_PDB_ins_code 
_atom_site.Cartn_x 
_atom_site.Cartn_y 
_atom_site.Cartn_z 
_atom_site.occupancy 
_atom_site.B_iso_or_equiv 
_atom_site.pdbx_formal_charge 
_atom_site.auth_seq_id 
_atom_site.auth_comp_id 
_atom_site.auth_asym_id 
_atom_site.auth_atom_id 
_atom_site.pdbx_PDB_model_num 
ATOM   1    N N   . GLN A 1 6   ? 17.294  -2.665  -15.451 1.00 43.30 ? 20  GLN A N   1 
ATOM   2    C CA  . GLN A 1 6   ? 16.776  -1.296  -15.737 1.00 42.56 ? 20  GLN A CA  1 
ATOM   3    C C   . GLN A 1 6   ? 15.336  -1.356  -16.241 1.00 41.40 ? 20  GLN A C   1 
ATOM   4    O O   . GLN A 1 6   ? 14.616  -0.357  -16.216 1.00 40.84 ? 20  GLN A O   1 
ATOM   5    C CB  . GLN A 1 6   ? 17.661  -0.607  -16.782 1.00 44.01 ? 20  GLN A CB  1 
ATOM   6    C CG  . GLN A 1 6   ? 17.256  0.825   -17.095 1.00 45.47 ? 20  GLN A CG  1 
ATOM   7    C CD  . GLN A 1 6   ? 18.191  1.493   -18.084 1.00 46.93 ? 20  GLN A CD  1 
ATOM   8    O OE1 . GLN A 1 6   ? 18.341  1.039   -19.220 1.00 47.65 ? 20  GLN A OE1 1 
ATOM   9    N NE2 . GLN A 1 6   ? 18.826  2.580   -17.658 1.00 47.18 ? 20  GLN A NE2 1 
ATOM   10   N N   . SER A 1 7   ? 14.923  -2.533  -16.700 1.00 39.34 ? 21  SER A N   1 
ATOM   11   C CA  . SER A 1 7   ? 13.570  -2.717  -17.205 1.00 37.82 ? 21  SER A CA  1 
ATOM   12   C C   . SER A 1 7   ? 12.562  -2.535  -16.075 1.00 35.85 ? 21  SER A C   1 
ATOM   13   O O   . SER A 1 7   ? 11.433  -2.101  -16.299 1.00 35.30 ? 21  SER A O   1 
ATOM   14   C CB  . SER A 1 7   ? 13.416  -4.109  -17.818 1.00 38.21 ? 21  SER A CB  1 
ATOM   15   O OG  . SER A 1 7   ? 12.118  -4.279  -18.358 1.00 40.43 ? 21  SER A OG  1 
ATOM   16   N N   . ALA A 1 8   ? 12.979  -2.873  -14.860 1.00 34.44 ? 22  ALA A N   1 
ATOM   17   C CA  . ALA A 1 8   ? 12.118  -2.733  -13.696 1.00 32.75 ? 22  ALA A CA  1 
ATOM   18   C C   . ALA A 1 8   ? 11.832  -1.253  -13.471 1.00 32.46 ? 22  ALA A C   1 
ATOM   19   O O   . ALA A 1 8   ? 10.703  -0.862  -13.177 1.00 30.73 ? 22  ALA A O   1 
ATOM   20   C CB  . ALA A 1 8   ? 12.793  -3.330  -12.467 1.00 32.47 ? 22  ALA A CB  1 
ATOM   21   N N   . GLN A 1 9   ? 12.866  -0.431  -13.619 1.00 32.46 ? 23  GLN A N   1 
ATOM   22   C CA  . GLN A 1 9   ? 12.723  1.007   -13.431 1.00 32.53 ? 23  GLN A CA  1 
ATOM   23   C C   . GLN A 1 9   ? 11.719  1.581   -14.422 1.00 31.30 ? 23  GLN A C   1 
ATOM   24   O O   . GLN A 1 9   ? 10.898  2.426   -14.067 1.00 31.01 ? 23  GLN A O   1 
ATOM   25   C CB  . GLN A 1 9   ? 14.076  1.699   -13.604 1.00 33.95 ? 23  GLN A CB  1 
ATOM   26   C CG  . GLN A 1 9   ? 14.046  3.190   -13.312 1.00 36.04 ? 23  GLN A CG  1 
ATOM   27   C CD  . GLN A 1 9   ? 13.516  3.494   -11.924 1.00 37.62 ? 23  GLN A CD  1 
ATOM   28   O OE1 . GLN A 1 9   ? 14.064  3.035   -10.922 1.00 39.02 ? 23  GLN A OE1 1 
ATOM   29   N NE2 . GLN A 1 9   ? 12.441  4.271   -11.859 1.00 39.07 ? 23  GLN A NE2 1 
ATOM   30   N N   . GLU A 1 10  ? 11.783  1.116   -15.666 1.00 30.20 ? 24  GLU A N   1 
ATOM   31   C CA  . GLU A 1 10  ? 10.871  1.584   -16.702 1.00 29.64 ? 24  GLU A CA  1 
ATOM   32   C C   . GLU A 1 10  ? 9.427   1.272   -16.332 1.00 28.11 ? 24  GLU A C   1 
ATOM   33   O O   . GLU A 1 10  ? 8.530   2.093   -16.525 1.00 27.09 ? 24  GLU A O   1 
ATOM   34   C CB  . GLU A 1 10  ? 11.200  0.924   -18.042 1.00 31.87 ? 24  GLU A CB  1 
ATOM   35   C CG  . GLU A 1 10  ? 10.195  1.245   -19.139 1.00 34.96 ? 24  GLU A CG  1 
ATOM   36   C CD  . GLU A 1 10  ? 10.512  0.548   -20.447 1.00 38.19 ? 24  GLU A CD  1 
ATOM   37   O OE1 . GLU A 1 10  ? 10.601  -0.698  -20.454 1.00 40.27 ? 24  GLU A OE1 1 
ATOM   38   O OE2 . GLU A 1 10  ? 10.668  1.247   -21.470 1.00 39.22 ? 24  GLU A OE2 1 
ATOM   39   N N   . ILE A 1 11  ? 9.211   0.071   -15.807 1.00 25.93 ? 25  ILE A N   1 
ATOM   40   C CA  . ILE A 1 11  ? 7.877   -0.358  -15.410 1.00 23.73 ? 25  ILE A CA  1 
ATOM   41   C C   . ILE A 1 11  ? 7.364   0.486   -14.251 1.00 22.99 ? 25  ILE A C   1 
ATOM   42   O O   . ILE A 1 11  ? 6.218   0.941   -14.263 1.00 22.01 ? 25  ILE A O   1 
ATOM   43   C CB  . ILE A 1 11  ? 7.885   -1.847  -15.006 1.00 22.96 ? 25  ILE A CB  1 
ATOM   44   C CG1 . ILE A 1 11  ? 8.224   -2.702  -16.230 1.00 22.43 ? 25  ILE A CG1 1 
ATOM   45   C CG2 . ILE A 1 11  ? 6.540   -2.243  -14.419 1.00 22.29 ? 25  ILE A CG2 1 
ATOM   46   C CD1 . ILE A 1 11  ? 8.371   -4.175  -15.936 1.00 22.54 ? 25  ILE A CD1 1 
ATOM   47   N N   . LEU A 1 12  ? 8.214   0.696   -13.252 1.00 23.60 ? 26  LEU A N   1 
ATOM   48   C CA  . LEU A 1 12  ? 7.831   1.497   -12.099 1.00 24.08 ? 26  LEU A CA  1 
ATOM   49   C C   . LEU A 1 12  ? 7.494   2.915   -12.545 1.00 24.70 ? 26  LEU A C   1 
ATOM   50   O O   . LEU A 1 12  ? 6.566   3.529   -12.024 1.00 23.32 ? 26  LEU A O   1 
ATOM   51   C CB  . LEU A 1 12  ? 8.960   1.522   -11.064 1.00 25.61 ? 26  LEU A CB  1 
ATOM   52   C CG  . LEU A 1 12  ? 9.300   0.179   -10.411 1.00 26.08 ? 26  LEU A CG  1 
ATOM   53   C CD1 . LEU A 1 12  ? 10.410  0.376   -9.387  1.00 28.15 ? 26  LEU A CD1 1 
ATOM   54   C CD2 . LEU A 1 12  ? 8.059   -0.397  -9.743  1.00 28.23 ? 26  LEU A CD2 1 
ATOM   55   N N   . ASP A 1 13  ? 8.245   3.428   -13.517 1.00 24.73 ? 27  ASP A N   1 
ATOM   56   C CA  . ASP A 1 13  ? 7.996   4.774   -14.024 1.00 25.52 ? 27  ASP A CA  1 
ATOM   57   C C   . ASP A 1 13  ? 6.621   4.846   -14.680 1.00 24.25 ? 27  ASP A C   1 
ATOM   58   O O   . ASP A 1 13  ? 5.911   5.839   -14.535 1.00 24.59 ? 27  ASP A O   1 
ATOM   59   C CB  . ASP A 1 13  ? 9.072   5.186   -15.036 1.00 28.53 ? 27  ASP A CB  1 
ATOM   60   C CG  . ASP A 1 13  ? 10.452  5.289   -14.413 1.00 31.33 ? 27  ASP A CG  1 
ATOM   61   O OD1 . ASP A 1 13  ? 10.567  5.865   -13.311 1.00 33.33 ? 27  ASP A OD1 1 
ATOM   62   O OD2 . ASP A 1 13  ? 11.426  4.804   -15.030 1.00 34.85 ? 27  ASP A OD2 1 
ATOM   63   N N   . ARG A 1 14  ? 6.252   3.791   -15.400 1.00 23.22 ? 28  ARG A N   1 
ATOM   64   C CA  . ARG A 1 14  ? 4.955   3.732   -16.066 1.00 22.88 ? 28  ARG A CA  1 
ATOM   65   C C   . ARG A 1 14  ? 3.835   3.736   -15.029 1.00 21.08 ? 28  ARG A C   1 
ATOM   66   O O   . ARG A 1 14  ? 2.796   4.370   -15.219 1.00 20.63 ? 28  ARG A O   1 
ATOM   67   C CB  . ARG A 1 14  ? 4.847   2.469   -16.923 1.00 25.61 ? 28  ARG A CB  1 
ATOM   68   C CG  . ARG A 1 14  ? 5.777   2.441   -18.128 1.00 29.67 ? 28  ARG A CG  1 
ATOM   69   C CD  . ARG A 1 14  ? 5.626   1.138   -18.901 1.00 33.17 ? 28  ARG A CD  1 
ATOM   70   N NE  . ARG A 1 14  ? 6.459   1.107   -20.101 1.00 35.36 ? 28  ARG A NE  1 
ATOM   71   C CZ  . ARG A 1 14  ? 6.308   1.924   -21.139 1.00 36.33 ? 28  ARG A CZ  1 
ATOM   72   N NH1 . ARG A 1 14  ? 5.349   2.841   -21.132 1.00 37.61 ? 28  ARG A NH1 1 
ATOM   73   N NH2 . ARG A 1 14  ? 7.117   1.827   -22.184 1.00 37.85 ? 28  ARG A NH2 1 
ATOM   74   N N   . VAL A 1 15  ? 4.055   3.018   -13.933 1.00 19.74 ? 29  VAL A N   1 
ATOM   75   C CA  . VAL A 1 15  ? 3.072   2.942   -12.863 1.00 18.16 ? 29  VAL A CA  1 
ATOM   76   C C   . VAL A 1 15  ? 2.857   4.318   -12.244 1.00 19.49 ? 29  VAL A C   1 
ATOM   77   O O   . VAL A 1 15  ? 1.722   4.759   -12.078 1.00 18.46 ? 29  VAL A O   1 
ATOM   78   C CB  . VAL A 1 15  ? 3.527   1.964   -11.754 1.00 16.11 ? 29  VAL A CB  1 
ATOM   79   C CG1 . VAL A 1 15  ? 2.574   2.038   -10.563 1.00 16.08 ? 29  VAL A CG1 1 
ATOM   80   C CG2 . VAL A 1 15  ? 3.570   0.545   -12.305 1.00 17.15 ? 29  VAL A CG2 1 
ATOM   81   N N   . GLU A 1 16  ? 3.954   4.992   -11.914 1.00 21.37 ? 30  GLU A N   1 
ATOM   82   C CA  . GLU A 1 16  ? 3.884   6.313   -11.302 1.00 23.41 ? 30  GLU A CA  1 
ATOM   83   C C   . GLU A 1 16  ? 3.089   7.284   -12.164 1.00 24.29 ? 30  GLU A C   1 
ATOM   84   O O   . GLU A 1 16  ? 2.239   8.021   -11.661 1.00 23.37 ? 30  GLU A O   1 
ATOM   85   C CB  . GLU A 1 16  ? 5.294   6.860   -11.064 1.00 26.87 ? 30  GLU A CB  1 
ATOM   86   C CG  . GLU A 1 16  ? 5.321   8.168   -10.288 1.00 31.95 ? 30  GLU A CG  1 
ATOM   87   C CD  . GLU A 1 16  ? 6.716   8.541   -9.823  1.00 35.52 ? 30  GLU A CD  1 
ATOM   88   O OE1 . GLU A 1 16  ? 7.589   8.782   -10.682 1.00 38.20 ? 30  GLU A OE1 1 
ATOM   89   O OE2 . GLU A 1 16  ? 6.940   8.586   -8.594  1.00 38.26 ? 30  GLU A OE2 1 
ATOM   90   N N   . LYS A 1 17  ? 3.363   7.283   -13.464 1.00 23.96 ? 31  LYS A N   1 
ATOM   91   C CA  . LYS A 1 17  ? 2.651   8.169   -14.378 1.00 25.53 ? 31  LYS A CA  1 
ATOM   92   C C   . LYS A 1 17  ? 1.191   7.753   -14.526 1.00 24.87 ? 31  LYS A C   1 
ATOM   93   O O   . LYS A 1 17  ? 0.300   8.598   -14.604 1.00 26.11 ? 31  LYS A O   1 
ATOM   94   C CB  . LYS A 1 17  ? 3.313   8.167   -15.761 1.00 27.67 ? 31  LYS A CB  1 
ATOM   95   C CG  . LYS A 1 17  ? 4.478   9.139   -15.940 1.00 31.52 ? 31  LYS A CG  1 
ATOM   96   C CD  . LYS A 1 17  ? 5.762   8.681   -15.263 1.00 34.45 ? 31  LYS A CD  1 
ATOM   97   C CE  . LYS A 1 17  ? 5.776   9.000   -13.779 1.00 36.72 ? 31  LYS A CE  1 
ATOM   98   N NZ  . LYS A 1 17  ? 7.082   8.630   -13.169 1.00 38.20 ? 31  LYS A NZ  1 
ATOM   99   N N   . ASN A 1 18  ? 0.954   6.446   -14.554 1.00 22.18 ? 32  ASN A N   1 
ATOM   100  C CA  . ASN A 1 18  ? -0.389  5.906   -14.719 1.00 21.67 ? 32  ASN A CA  1 
ATOM   101  C C   . ASN A 1 18  ? -1.291  6.114   -13.505 1.00 20.35 ? 32  ASN A C   1 
ATOM   102  O O   . ASN A 1 18  ? -2.514  6.066   -13.625 1.00 21.62 ? 32  ASN A O   1 
ATOM   103  C CB  . ASN A 1 18  ? -0.306  4.412   -15.055 1.00 22.24 ? 32  ASN A CB  1 
ATOM   104  C CG  . ASN A 1 18  ? -1.638  3.837   -15.495 1.00 23.78 ? 32  ASN A CG  1 
ATOM   105  O OD1 . ASN A 1 18  ? -2.301  4.383   -16.377 1.00 26.34 ? 32  ASN A OD1 1 
ATOM   106  N ND2 . ASN A 1 18  ? -2.032  2.721   -14.891 1.00 23.31 ? 32  ASN A ND2 1 
ATOM   107  N N   . LEU A 1 19  ? -0.690  6.342   -12.340 1.00 20.25 ? 33  LEU A N   1 
ATOM   108  C CA  . LEU A 1 19  ? -1.460  6.557   -11.118 1.00 20.35 ? 33  LEU A CA  1 
ATOM   109  C C   . LEU A 1 19  ? -1.288  7.977   -10.588 1.00 20.01 ? 33  LEU A C   1 
ATOM   110  O O   . LEU A 1 19  ? -1.218  8.193   -9.377  1.00 20.60 ? 33  LEU A O   1 
ATOM   111  C CB  . LEU A 1 19  ? -1.034  5.558   -10.039 1.00 19.45 ? 33  LEU A CB  1 
ATOM   112  C CG  . LEU A 1 19  ? -1.316  4.081   -10.330 1.00 20.62 ? 33  LEU A CG  1 
ATOM   113  C CD1 . LEU A 1 19  ? -0.799  3.226   -9.184  1.00 19.99 ? 33  LEU A CD1 1 
ATOM   114  C CD2 . LEU A 1 19  ? -2.810  3.875   -10.525 1.00 20.75 ? 33  LEU A CD2 1 
ATOM   115  N N   . SER A 1 20  ? -1.226  8.940   -11.503 1.00 19.40 ? 34  SER A N   1 
ATOM   116  C CA  . SER A 1 20  ? -1.056  10.341  -11.132 1.00 21.07 ? 34  SER A CA  1 
ATOM   117  C C   . SER A 1 20  ? -2.381  11.017  -10.773 1.00 19.50 ? 34  SER A C   1 
ATOM   118  O O   . SER A 1 20  ? -2.393  12.143  -10.277 1.00 20.48 ? 34  SER A O   1 
ATOM   119  C CB  . SER A 1 20  ? -0.373  11.104  -12.273 1.00 21.30 ? 34  SER A CB  1 
ATOM   120  O OG  . SER A 1 20  ? -1.142  11.047  -13.460 1.00 24.97 ? 34  SER A OG  1 
ATOM   121  N N   . THR A 1 21  ? -3.492  10.331  -11.028 1.00 18.37 ? 35  THR A N   1 
ATOM   122  C CA  . THR A 1 21  ? -4.817  10.858  -10.707 1.00 16.72 ? 35  THR A CA  1 
ATOM   123  C C   . THR A 1 21  ? -5.333  10.100  -9.482  1.00 14.77 ? 35  THR A C   1 
ATOM   124  O O   . THR A 1 21  ? -4.820  9.033   -9.150  1.00 14.31 ? 35  THR A O   1 
ATOM   125  C CB  . THR A 1 21  ? -5.802  10.681  -11.883 1.00 18.65 ? 35  THR A CB  1 
ATOM   126  O OG1 . THR A 1 21  ? -5.825  9.309   -12.289 1.00 23.90 ? 35  THR A OG1 1 
ATOM   127  C CG2 . THR A 1 21  ? -5.385  11.557  -13.063 1.00 22.48 ? 35  THR A CG2 1 
ATOM   128  N N   . PRO A 1 22  ? -6.356  10.636  -8.797  1.00 13.85 ? 36  PRO A N   1 
ATOM   129  C CA  . PRO A 1 22  ? -6.890  9.966   -7.608  1.00 11.92 ? 36  PRO A CA  1 
ATOM   130  C C   . PRO A 1 22  ? -7.382  8.539   -7.819  1.00 10.91 ? 36  PRO A C   1 
ATOM   131  O O   . PRO A 1 22  ? -7.981  8.209   -8.846  1.00 12.32 ? 36  PRO A O   1 
ATOM   132  C CB  . PRO A 1 22  ? -8.020  10.895  -7.160  1.00 13.43 ? 36  PRO A CB  1 
ATOM   133  C CG  . PRO A 1 22  ? -7.586  12.232  -7.666  1.00 15.81 ? 36  PRO A CG  1 
ATOM   134  C CD  . PRO A 1 22  ? -7.047  11.915  -9.033  1.00 15.02 ? 36  PRO A CD  1 
ATOM   135  N N   . TRP A 1 23  ? -7.123  7.694   -6.830  1.00 10.18 ? 37  TRP A N   1 
ATOM   136  C CA  . TRP A 1 23  ? -7.556  6.310   -6.897  1.00 8.93  ? 37  TRP A CA  1 
ATOM   137  C C   . TRP A 1 23  ? -7.706  5.730   -5.501  1.00 9.34  ? 37  TRP A C   1 
ATOM   138  O O   . TRP A 1 23  ? -7.230  6.300   -4.520  1.00 7.79  ? 37  TRP A O   1 
ATOM   139  C CB  . TRP A 1 23  ? -6.562  5.464   -7.713  1.00 10.09 ? 37  TRP A CB  1 
ATOM   140  C CG  . TRP A 1 23  ? -5.146  5.468   -7.195  1.00 9.98  ? 37  TRP A CG  1 
ATOM   141  C CD1 . TRP A 1 23  ? -4.135  6.313   -7.563  1.00 10.39 ? 37  TRP A CD1 1 
ATOM   142  C CD2 . TRP A 1 23  ? -4.599  4.608   -6.185  1.00 9.34  ? 37  TRP A CD2 1 
ATOM   143  N NE1 . TRP A 1 23  ? -2.995  6.035   -6.843  1.00 10.50 ? 37  TRP A NE1 1 
ATOM   144  C CE2 . TRP A 1 23  ? -3.253  4.994   -5.989  1.00 9.90  ? 37  TRP A CE2 1 
ATOM   145  C CE3 . TRP A 1 23  ? -5.119  3.551   -5.425  1.00 10.31 ? 37  TRP A CE3 1 
ATOM   146  C CZ2 . TRP A 1 23  ? -2.419  4.362   -5.061  1.00 10.80 ? 37  TRP A CZ2 1 
ATOM   147  C CZ3 . TRP A 1 23  ? -4.288  2.921   -4.500  1.00 11.66 ? 37  TRP A CZ3 1 
ATOM   148  C CH2 . TRP A 1 23  ? -2.952  3.333   -4.328  1.00 8.84  ? 37  TRP A CH2 1 
ATOM   149  N N   . GLN A 1 24  ? -8.401  4.603   -5.423  1.00 9.27  ? 38  GLN A N   1 
ATOM   150  C CA  . GLN A 1 24  ? -8.594  3.912   -4.162  1.00 9.64  ? 38  GLN A CA  1 
ATOM   151  C C   . GLN A 1 24  ? -8.549  2.424   -4.444  1.00 9.71  ? 38  GLN A C   1 
ATOM   152  O O   . GLN A 1 24  ? -8.729  1.990   -5.590  1.00 10.19 ? 38  GLN A O   1 
ATOM   153  C CB  . GLN A 1 24  ? -9.911  4.332   -3.485  1.00 11.37 ? 38  GLN A CB  1 
ATOM   154  C CG  . GLN A 1 24  ? -11.168 4.281   -4.334  1.00 11.96 ? 38  GLN A CG  1 
ATOM   155  C CD  . GLN A 1 24  ? -12.333 5.008   -3.661  1.00 14.31 ? 38  GLN A CD  1 
ATOM   156  O OE1 . GLN A 1 24  ? -12.207 6.163   -3.265  1.00 13.60 ? 38  GLN A OE1 1 
ATOM   157  N NE2 . GLN A 1 24  ? -13.464 4.332   -3.533  1.00 17.06 ? 38  GLN A NE2 1 
ATOM   158  N N   . ALA A 1 25  ? -8.276  1.641   -3.407  1.00 8.85  ? 39  ALA A N   1 
ATOM   159  C CA  . ALA A 1 25  ? -8.172  0.204   -3.573  1.00 7.85  ? 39  ALA A CA  1 
ATOM   160  C C   . ALA A 1 25  ? -8.401  -0.535  -2.270  1.00 9.18  ? 39  ALA A C   1 
ATOM   161  O O   . ALA A 1 25  ? -8.491  0.065   -1.199  1.00 10.36 ? 39  ALA A O   1 
ATOM   162  C CB  . ALA A 1 25  ? -6.791  -0.148  -4.122  1.00 9.09  ? 39  ALA A CB  1 
ATOM   163  N N   . THR A 1 26  ? -8.511  -1.851  -2.385  1.00 8.57  ? 40  THR A N   1 
ATOM   164  C CA  . THR A 1 26  ? -8.690  -2.713  -1.231  1.00 9.51  ? 40  THR A CA  1 
ATOM   165  C C   . THR A 1 26  ? -7.487  -3.638  -1.210  1.00 8.78  ? 40  THR A C   1 
ATOM   166  O O   . THR A 1 26  ? -7.166  -4.266  -2.219  1.00 9.49  ? 40  THR A O   1 
ATOM   167  C CB  . THR A 1 26  ? -9.969  -3.551  -1.356  1.00 9.56  ? 40  THR A CB  1 
ATOM   168  O OG1 . THR A 1 26  ? -11.097 -2.675  -1.434  1.00 9.46  ? 40  THR A OG1 1 
ATOM   169  C CG2 . THR A 1 26  ? -10.125 -4.489  -0.149  1.00 9.97  ? 40  THR A CG2 1 
ATOM   170  N N   . VAL A 1 27  ? -6.814  -3.705  -0.066  1.00 8.83  ? 41  VAL A N   1 
ATOM   171  C CA  . VAL A 1 27  ? -5.645  -4.564  0.077   1.00 9.42  ? 41  VAL A CA  1 
ATOM   172  C C   . VAL A 1 27  ? -5.989  -5.671  1.061   1.00 10.23 ? 41  VAL A C   1 
ATOM   173  O O   . VAL A 1 27  ? -6.503  -5.411  2.148   1.00 8.98  ? 41  VAL A O   1 
ATOM   174  C CB  . VAL A 1 27  ? -4.419  -3.769  0.593   1.00 9.95  ? 41  VAL A CB  1 
ATOM   175  C CG1 . VAL A 1 27  ? -3.240  -4.714  0.805   1.00 12.66 ? 41  VAL A CG1 1 
ATOM   176  C CG2 . VAL A 1 27  ? -4.034  -2.681  -0.413  1.00 12.71 ? 41  VAL A CG2 1 
ATOM   177  N N   . GLN A 1 28  ? -5.721  -6.910  0.666   1.00 9.95  ? 42  GLN A N   1 
ATOM   178  C CA  . GLN A 1 28  ? -6.012  -8.061  1.508   1.00 11.42 ? 42  GLN A CA  1 
ATOM   179  C C   . GLN A 1 28  ? -4.880  -9.067  1.423   1.00 12.74 ? 42  GLN A C   1 
ATOM   180  O O   . GLN A 1 28  ? -4.315  -9.290  0.356   1.00 13.85 ? 42  GLN A O   1 
ATOM   181  C CB  . GLN A 1 28  ? -7.317  -8.720  1.061   1.00 13.18 ? 42  GLN A CB  1 
ATOM   182  C CG  . GLN A 1 28  ? -7.672  -9.983  1.832   1.00 17.74 ? 42  GLN A CG  1 
ATOM   183  C CD  . GLN A 1 28  ? -8.989  -10.586 1.380   1.00 21.75 ? 42  GLN A CD  1 
ATOM   184  O OE1 . GLN A 1 28  ? -9.191  -10.846 0.193   1.00 25.70 ? 42  GLN A OE1 1 
ATOM   185  N NE2 . GLN A 1 28  ? -9.891  -10.816 2.327   1.00 21.90 ? 42  GLN A NE2 1 
ATOM   186  N N   . GLY A 1 29  ? -4.544  -9.676  2.550   1.00 12.52 ? 43  GLY A N   1 
ATOM   187  C CA  . GLY A 1 29  ? -3.480  -10.659 2.531   1.00 13.96 ? 43  GLY A CA  1 
ATOM   188  C C   . GLY A 1 29  ? -3.191  -11.215 3.903   1.00 15.86 ? 43  GLY A C   1 
ATOM   189  O O   . GLY A 1 29  ? -3.986  -11.062 4.831   1.00 15.25 ? 43  GLY A O   1 
ATOM   190  N N   . ARG A 1 30  ? -2.048  -11.874 4.028   1.00 18.03 ? 44  ARG A N   1 
ATOM   191  C CA  . ARG A 1 30  ? -1.648  -12.452 5.301   1.00 22.02 ? 44  ARG A CA  1 
ATOM   192  C C   . ARG A 1 30  ? -0.279  -11.920 5.689   1.00 22.90 ? 44  ARG A C   1 
ATOM   193  O O   . ARG A 1 30  ? 0.574   -11.689 4.832   1.00 21.84 ? 44  ARG A O   1 
ATOM   194  C CB  . ARG A 1 30  ? -1.628  -13.980 5.212   1.00 25.32 ? 44  ARG A CB  1 
ATOM   195  C CG  . ARG A 1 30  ? -0.687  -14.564 4.171   1.00 29.26 ? 44  ARG A CG  1 
ATOM   196  C CD  . ARG A 1 30  ? -0.946  -16.058 4.019   1.00 33.12 ? 44  ARG A CD  1 
ATOM   197  N NE  . ARG A 1 30  ? -0.029  -16.707 3.086   1.00 35.91 ? 44  ARG A NE  1 
ATOM   198  C CZ  . ARG A 1 30  ? 1.250   -16.963 3.343   1.00 36.80 ? 44  ARG A CZ  1 
ATOM   199  N NH1 . ARG A 1 30  ? 1.777   -16.627 4.512   1.00 38.44 ? 44  ARG A NH1 1 
ATOM   200  N NH2 . ARG A 1 30  ? 2.001   -17.562 2.430   1.00 37.18 ? 44  ARG A NH2 1 
ATOM   201  N N   . ILE A 1 31  ? -0.083  -11.711 6.985   1.00 23.84 ? 45  ILE A N   1 
ATOM   202  C CA  . ILE A 1 31  ? 1.179   -11.193 7.494   1.00 26.92 ? 45  ILE A CA  1 
ATOM   203  C C   . ILE A 1 31  ? 1.592   -11.946 8.749   1.00 28.26 ? 45  ILE A C   1 
ATOM   204  O O   . ILE A 1 31  ? 0.779   -12.761 9.235   1.00 28.86 ? 45  ILE A O   1 
ATOM   205  C CB  . ILE A 1 31  ? 1.064   -9.694  7.836   1.00 27.75 ? 45  ILE A CB  1 
ATOM   206  C CG1 . ILE A 1 31  ? -0.032  -9.481  8.885   1.00 28.40 ? 45  ILE A CG1 1 
ATOM   207  C CG2 . ILE A 1 31  ? 0.749   -8.895  6.579   1.00 28.96 ? 45  ILE A CG2 1 
ATOM   208  C CD1 . ILE A 1 31  ? -0.189  -8.044  9.337   1.00 29.77 ? 45  ILE A CD1 1 
ATOM   209  N N   . GLU A 1 37  ? 0.553   -15.756 12.403  1.00 30.52 ? 51  GLU A N   1 
ATOM   210  C CA  . GLU A 1 37  ? 0.028   -15.203 11.121  1.00 29.92 ? 51  GLU A CA  1 
ATOM   211  C C   . GLU A 1 37  ? -1.383  -14.652 11.298  1.00 28.18 ? 51  GLU A C   1 
ATOM   212  O O   . GLU A 1 37  ? -2.204  -15.236 12.003  1.00 27.16 ? 51  GLU A O   1 
ATOM   213  C CB  . GLU A 1 37  ? 0.014   -16.292 10.045  1.00 32.43 ? 51  GLU A CB  1 
ATOM   214  C CG  . GLU A 1 37  ? -0.511  -15.827 8.696   1.00 35.75 ? 51  GLU A CG  1 
ATOM   215  C CD  . GLU A 1 37  ? -0.539  -16.940 7.666   1.00 37.74 ? 51  GLU A CD  1 
ATOM   216  O OE1 . GLU A 1 37  ? -1.291  -17.919 7.863   1.00 39.21 ? 51  GLU A OE1 1 
ATOM   217  O OE2 . GLU A 1 37  ? 0.194   -16.839 6.660   1.00 39.55 ? 51  GLU A OE2 1 
ATOM   218  N N   . GLU A 1 38  ? -1.660  -13.523 10.655  1.00 25.73 ? 52  GLU A N   1 
ATOM   219  C CA  . GLU A 1 38  ? -2.978  -12.908 10.741  1.00 23.63 ? 52  GLU A CA  1 
ATOM   220  C C   . GLU A 1 38  ? -3.394  -12.359 9.385   1.00 20.11 ? 52  GLU A C   1 
ATOM   221  O O   . GLU A 1 38  ? -2.560  -12.193 8.494   1.00 19.81 ? 52  GLU A O   1 
ATOM   222  C CB  . GLU A 1 38  ? -2.978  -11.773 11.770  1.00 26.56 ? 52  GLU A CB  1 
ATOM   223  C CG  . GLU A 1 38  ? -2.629  -12.214 13.183  1.00 29.90 ? 52  GLU A CG  1 
ATOM   224  C CD  . GLU A 1 38  ? -2.969  -11.164 14.219  1.00 32.54 ? 52  GLU A CD  1 
ATOM   225  O OE1 . GLU A 1 38  ? -4.171  -10.864 14.388  1.00 33.66 ? 52  GLU A OE1 1 
ATOM   226  O OE2 . GLU A 1 38  ? -2.039  -10.637 14.864  1.00 33.67 ? 52  GLU A OE2 1 
ATOM   227  N N   . GLU A 1 39  ? -4.685  -12.090 9.229   1.00 16.68 ? 53  GLU A N   1 
ATOM   228  C CA  . GLU A 1 39  ? -5.186  -11.540 7.978   1.00 14.38 ? 53  GLU A CA  1 
ATOM   229  C C   . GLU A 1 39  ? -5.186  -10.024 8.071   1.00 13.19 ? 53  GLU A C   1 
ATOM   230  O O   . GLU A 1 39  ? -5.578  -9.453  9.091   1.00 13.38 ? 53  GLU A O   1 
ATOM   231  C CB  . GLU A 1 39  ? -6.618  -12.007 7.689   1.00 15.61 ? 53  GLU A CB  1 
ATOM   232  C CG  . GLU A 1 39  ? -7.136  -11.532 6.326   1.00 19.12 ? 53  GLU A CG  1 
ATOM   233  C CD  . GLU A 1 39  ? -8.612  -11.814 6.091   1.00 22.46 ? 53  GLU A CD  1 
ATOM   234  O OE1 . GLU A 1 39  ? -9.092  -12.895 6.492   1.00 25.16 ? 53  GLU A OE1 1 
ATOM   235  O OE2 . GLU A 1 39  ? -9.290  -10.957 5.483   1.00 24.08 ? 53  GLU A OE2 1 
ATOM   236  N N   . LEU A 1 40  ? -4.729  -9.377  7.007   1.00 10.69 ? 54  LEU A N   1 
ATOM   237  C CA  . LEU A 1 40  ? -4.715  -7.924  6.951   1.00 9.31  ? 54  LEU A CA  1 
ATOM   238  C C   . LEU A 1 40  ? -5.712  -7.504  5.878   1.00 9.66  ? 54  LEU A C   1 
ATOM   239  O O   . LEU A 1 40  ? -5.730  -8.061  4.779   1.00 10.83 ? 54  LEU A O   1 
ATOM   240  C CB  . LEU A 1 40  ? -3.320  -7.401  6.584   1.00 11.04 ? 54  LEU A CB  1 
ATOM   241  C CG  . LEU A 1 40  ? -3.183  -5.878  6.490   1.00 15.54 ? 54  LEU A CG  1 
ATOM   242  C CD1 . LEU A 1 40  ? -3.317  -5.268  7.873   1.00 15.70 ? 54  LEU A CD1 1 
ATOM   243  C CD2 . LEU A 1 40  ? -1.834  -5.512  5.890   1.00 16.92 ? 54  LEU A CD2 1 
ATOM   244  N N   . LEU A 1 41  ? -6.561  -6.538  6.208   1.00 7.51  ? 55  LEU A N   1 
ATOM   245  C CA  . LEU A 1 41  ? -7.531  -6.027  5.249   1.00 8.04  ? 55  LEU A CA  1 
ATOM   246  C C   . LEU A 1 41  ? -7.593  -4.526  5.448   1.00 7.43  ? 55  LEU A C   1 
ATOM   247  O O   . LEU A 1 41  ? -7.728  -4.053  6.574   1.00 8.46  ? 55  LEU A O   1 
ATOM   248  C CB  . LEU A 1 41  ? -8.916  -6.638  5.469   1.00 8.12  ? 55  LEU A CB  1 
ATOM   249  C CG  . LEU A 1 41  ? -9.996  -6.165  4.483   1.00 8.21  ? 55  LEU A CG  1 
ATOM   250  C CD1 . LEU A 1 41  ? -9.639  -6.608  3.066   1.00 9.99  ? 55  LEU A CD1 1 
ATOM   251  C CD2 . LEU A 1 41  ? -11.347 -6.743  4.872   1.00 8.38  ? 55  LEU A CD2 1 
ATOM   252  N N   . ALA A 1 42  ? -7.489  -3.773  4.360   1.00 7.95  ? 56  ALA A N   1 
ATOM   253  C CA  . ALA A 1 42  ? -7.528  -2.326  4.469   1.00 8.50  ? 56  ALA A CA  1 
ATOM   254  C C   . ALA A 1 42  ? -7.967  -1.666  3.174   1.00 9.15  ? 56  ALA A C   1 
ATOM   255  O O   . ALA A 1 42  ? -7.899  -2.263  2.102   1.00 9.83  ? 56  ALA A O   1 
ATOM   256  C CB  . ALA A 1 42  ? -6.149  -1.809  4.858   1.00 10.87 ? 56  ALA A CB  1 
ATOM   257  N N   . ARG A 1 43  ? -8.445  -0.434  3.287   1.00 7.64  ? 57  ARG A N   1 
ATOM   258  C CA  . ARG A 1 43  ? -8.823  0.331   2.108   1.00 7.61  ? 57  ARG A CA  1 
ATOM   259  C C   . ARG A 1 43  ? -7.743  1.395   1.980   1.00 8.81  ? 57  ARG A C   1 
ATOM   260  O O   . ARG A 1 43  ? -7.269  1.932   2.980   1.00 10.51 ? 57  ARG A O   1 
ATOM   261  C CB  . ARG A 1 43  ? -10.193 0.990   2.275   1.00 7.58  ? 57  ARG A CB  1 
ATOM   262  C CG  . ARG A 1 43  ? -11.371 0.021   2.250   1.00 10.18 ? 57  ARG A CG  1 
ATOM   263  C CD  . ARG A 1 43  ? -12.681 0.796   2.136   1.00 11.02 ? 57  ARG A CD  1 
ATOM   264  N NE  . ARG A 1 43  ? -13.859 -0.066  2.060   1.00 11.44 ? 57  ARG A NE  1 
ATOM   265  C CZ  . ARG A 1 43  ? -14.589 -0.441  3.107   1.00 12.20 ? 57  ARG A CZ  1 
ATOM   266  N NH1 . ARG A 1 43  ? -14.269 -0.032  4.330   1.00 13.29 ? 57  ARG A NH1 1 
ATOM   267  N NH2 . ARG A 1 43  ? -15.654 -1.210  2.924   1.00 12.57 ? 57  ARG A NH2 1 
ATOM   268  N N   . VAL A 1 44  ? -7.346  1.685   0.748   1.00 7.27  ? 58  VAL A N   1 
ATOM   269  C CA  . VAL A 1 44  ? -6.299  2.667   0.490   1.00 9.54  ? 58  VAL A CA  1 
ATOM   270  C C   . VAL A 1 44  ? -6.825  3.785   -0.409  1.00 8.48  ? 58  VAL A C   1 
ATOM   271  O O   . VAL A 1 44  ? -7.585  3.532   -1.338  1.00 8.88  ? 58  VAL A O   1 
ATOM   272  C CB  . VAL A 1 44  ? -5.087  1.983   -0.174  1.00 10.54 ? 58  VAL A CB  1 
ATOM   273  C CG1 . VAL A 1 44  ? -3.999  2.992   -0.442  1.00 13.37 ? 58  VAL A CG1 1 
ATOM   274  C CG2 . VAL A 1 44  ? -4.574  0.856   0.724   1.00 11.95 ? 58  VAL A CG2 1 
ATOM   275  N N   . TYR A 1 45  ? -6.414  5.018   -0.118  1.00 8.29  ? 59  TYR A N   1 
ATOM   276  C CA  . TYR A 1 45  ? -6.850  6.193   -0.868  1.00 7.83  ? 59  TYR A CA  1 
ATOM   277  C C   . TYR A 1 45  ? -5.660  7.052   -1.239  1.00 7.86  ? 59  TYR A C   1 
ATOM   278  O O   . TYR A 1 45  ? -4.782  7.297   -0.414  1.00 9.09  ? 59  TYR A O   1 
ATOM   279  C CB  . TYR A 1 45  ? -7.812  7.023   -0.018  1.00 6.63  ? 59  TYR A CB  1 
ATOM   280  C CG  . TYR A 1 45  ? -9.055  6.268   0.362   1.00 6.10  ? 59  TYR A CG  1 
ATOM   281  C CD1 . TYR A 1 45  ? -10.193 6.319   -0.439  1.00 6.53  ? 59  TYR A CD1 1 
ATOM   282  C CD2 . TYR A 1 45  ? -9.070  5.438   1.486   1.00 6.43  ? 59  TYR A CD2 1 
ATOM   283  C CE1 . TYR A 1 45  ? -11.315 5.559   -0.139  1.00 7.58  ? 59  TYR A CE1 1 
ATOM   284  C CE2 . TYR A 1 45  ? -10.184 4.671   1.791   1.00 7.76  ? 59  TYR A CE2 1 
ATOM   285  C CZ  . TYR A 1 45  ? -11.300 4.736   0.975   1.00 6.95  ? 59  TYR A CZ  1 
ATOM   286  O OH  . TYR A 1 45  ? -12.396 3.958   1.267   1.00 8.28  ? 59  TYR A OH  1 
ATOM   287  N N   . ALA A 1 46  ? -5.649  7.532   -2.478  1.00 8.75  ? 60  ALA A N   1 
ATOM   288  C CA  . ALA A 1 46  ? -4.547  8.362   -2.941  1.00 8.59  ? 60  ALA A CA  1 
ATOM   289  C C   . ALA A 1 46  ? -5.010  9.584   -3.716  1.00 8.65  ? 60  ALA A C   1 
ATOM   290  O O   . ALA A 1 46  ? -5.853  9.487   -4.603  1.00 9.69  ? 60  ALA A O   1 
ATOM   291  C CB  . ALA A 1 46  ? -3.608  7.533   -3.821  1.00 9.82  ? 60  ALA A CB  1 
ATOM   292  N N   . LEU A 1 47  ? -4.450  10.735  -3.355  1.00 10.71 ? 61  LEU A N   1 
ATOM   293  C CA  . LEU A 1 47  ? -4.725  11.997  -4.032  1.00 11.27 ? 61  LEU A CA  1 
ATOM   294  C C   . LEU A 1 47  ? -3.317  12.517  -4.331  1.00 14.68 ? 61  LEU A C   1 
ATOM   295  O O   . LEU A 1 47  ? -2.788  13.371  -3.620  1.00 13.61 ? 61  LEU A O   1 
ATOM   296  C CB  . LEU A 1 47  ? -5.486  12.953  -3.104  1.00 13.21 ? 61  LEU A CB  1 
ATOM   297  C CG  . LEU A 1 47  ? -5.977  14.279  -3.701  1.00 15.23 ? 61  LEU A CG  1 
ATOM   298  C CD1 . LEU A 1 47  ? -6.753  14.028  -4.985  1.00 18.76 ? 61  LEU A CD1 1 
ATOM   299  C CD2 . LEU A 1 47  ? -6.845  14.998  -2.683  1.00 15.08 ? 61  LEU A CD2 1 
ATOM   300  N N   . PRO A 1 48  ? -2.686  11.978  -5.390  1.00 15.59 ? 62  PRO A N   1 
ATOM   301  C CA  . PRO A 1 48  ? -1.331  12.327  -5.835  1.00 18.47 ? 62  PRO A CA  1 
ATOM   302  C C   . PRO A 1 48  ? -0.994  13.808  -5.944  1.00 19.19 ? 62  PRO A C   1 
ATOM   303  O O   . PRO A 1 48  ? 0.044   14.244  -5.451  1.00 20.51 ? 62  PRO A O   1 
ATOM   304  C CB  . PRO A 1 48  ? -1.219  11.618  -7.182  1.00 17.81 ? 62  PRO A CB  1 
ATOM   305  C CG  . PRO A 1 48  ? -2.065  10.403  -6.984  1.00 17.54 ? 62  PRO A CG  1 
ATOM   306  C CD  . PRO A 1 48  ? -3.281  10.977  -6.294  1.00 16.16 ? 62  PRO A CD  1 
ATOM   307  N N   . GLN A 1 49  ? -1.862  14.579  -6.587  1.00 21.92 ? 63  GLN A N   1 
ATOM   308  C CA  . GLN A 1 49  ? -1.607  16.004  -6.762  1.00 23.99 ? 63  GLN A CA  1 
ATOM   309  C C   . GLN A 1 49  ? -1.449  16.761  -5.445  1.00 24.44 ? 63  GLN A C   1 
ATOM   310  O O   . GLN A 1 49  ? -0.737  17.767  -5.382  1.00 24.40 ? 63  GLN A O   1 
ATOM   311  C CB  . GLN A 1 49  ? -2.719  16.635  -7.603  1.00 26.60 ? 63  GLN A CB  1 
ATOM   312  C CG  . GLN A 1 49  ? -2.467  18.087  -7.968  1.00 31.17 ? 63  GLN A CG  1 
ATOM   313  C CD  . GLN A 1 49  ? -3.356  18.563  -9.099  1.00 33.99 ? 63  GLN A CD  1 
ATOM   314  O OE1 . GLN A 1 49  ? -4.583  18.512  -9.007  1.00 36.16 ? 63  GLN A OE1 1 
ATOM   315  N NE2 . GLN A 1 49  ? -2.738  19.028  -10.181 1.00 35.97 ? 63  GLN A NE2 1 
ATOM   316  N N   . ALA A 1 50  ? -2.101  16.276  -4.393  1.00 22.58 ? 64  ALA A N   1 
ATOM   317  C CA  . ALA A 1 50  ? -2.020  16.918  -3.084  1.00 22.16 ? 64  ALA A CA  1 
ATOM   318  C C   . ALA A 1 50  ? -1.032  16.191  -2.175  1.00 20.44 ? 64  ALA A C   1 
ATOM   319  O O   . ALA A 1 50  ? -0.854  16.563  -1.015  1.00 21.05 ? 64  ALA A O   1 
ATOM   320  C CB  . ALA A 1 50  ? -3.402  16.950  -2.433  1.00 21.86 ? 64  ALA A CB  1 
ATOM   321  N N   . ARG A 1 51  ? -0.388  15.159  -2.712  1.00 20.17 ? 65  ARG A N   1 
ATOM   322  C CA  . ARG A 1 51  ? 0.566   14.364  -1.949  1.00 20.08 ? 65  ARG A CA  1 
ATOM   323  C C   . ARG A 1 51  ? -0.085  13.828  -0.678  1.00 19.51 ? 65  ARG A C   1 
ATOM   324  O O   . ARG A 1 51  ? 0.523   13.834  0.392   1.00 19.15 ? 65  ARG A O   1 
ATOM   325  C CB  . ARG A 1 51  ? 1.804   15.194  -1.586  1.00 24.11 ? 65  ARG A CB  1 
ATOM   326  C CG  . ARG A 1 51  ? 2.702   15.533  -2.766  1.00 27.25 ? 65  ARG A CG  1 
ATOM   327  C CD  . ARG A 1 51  ? 4.038   16.089  -2.283  1.00 31.72 ? 65  ARG A CD  1 
ATOM   328  N NE  . ARG A 1 51  ? 4.975   16.320  -3.378  1.00 35.41 ? 65  ARG A NE  1 
ATOM   329  C CZ  . ARG A 1 51  ? 4.810   17.236  -4.326  1.00 36.73 ? 65  ARG A CZ  1 
ATOM   330  N NH1 . ARG A 1 51  ? 3.737   18.016  -4.317  1.00 37.81 ? 65  ARG A NH1 1 
ATOM   331  N NH2 . ARG A 1 51  ? 5.718   17.374  -5.283  1.00 37.24 ? 65  ARG A NH2 1 
ATOM   332  N N   . LEU A 1 52  ? -1.324  13.368  -0.810  1.00 17.08 ? 66  LEU A N   1 
ATOM   333  C CA  . LEU A 1 52  ? -2.079  12.820  0.311   1.00 17.07 ? 66  LEU A CA  1 
ATOM   334  C C   . LEU A 1 52  ? -2.357  11.339  0.093   1.00 14.49 ? 66  LEU A C   1 
ATOM   335  O O   . LEU A 1 52  ? -2.710  10.920  -1.006  1.00 15.30 ? 66  LEU A O   1 
ATOM   336  C CB  . LEU A 1 52  ? -3.409  13.556  0.479   1.00 18.56 ? 66  LEU A CB  1 
ATOM   337  C CG  . LEU A 1 52  ? -3.407  15.021  0.909   1.00 21.15 ? 66  LEU A CG  1 
ATOM   338  C CD1 . LEU A 1 52  ? -4.852  15.470  1.111   1.00 21.63 ? 66  LEU A CD1 1 
ATOM   339  C CD2 . LEU A 1 52  ? -2.618  15.194  2.199   1.00 22.95 ? 66  LEU A CD2 1 
ATOM   340  N N   . PHE A 1 53  ? -2.218  10.558  1.157   1.00 13.90 ? 67  PHE A N   1 
ATOM   341  C CA  . PHE A 1 53  ? -2.435  9.115   1.103   1.00 13.10 ? 67  PHE A CA  1 
ATOM   342  C C   . PHE A 1 53  ? -3.126  8.720   2.409   1.00 12.88 ? 67  PHE A C   1 
ATOM   343  O O   . PHE A 1 53  ? -2.786  9.237   3.470   1.00 14.12 ? 67  PHE A O   1 
ATOM   344  C CB  . PHE A 1 53  ? -1.075  8.417   1.000   1.00 16.03 ? 67  PHE A CB  1 
ATOM   345  C CG  . PHE A 1 53  ? -1.140  6.980   0.571   1.00 20.13 ? 67  PHE A CG  1 
ATOM   346  C CD1 . PHE A 1 53  ? -1.496  6.642   -0.730  1.00 21.42 ? 67  PHE A CD1 1 
ATOM   347  C CD2 . PHE A 1 53  ? -0.776  5.965   1.453   1.00 21.41 ? 67  PHE A CD2 1 
ATOM   348  C CE1 . PHE A 1 53  ? -1.485  5.315   -1.149  1.00 23.76 ? 67  PHE A CE1 1 
ATOM   349  C CE2 . PHE A 1 53  ? -0.760  4.635   1.044   1.00 23.48 ? 67  PHE A CE2 1 
ATOM   350  C CZ  . PHE A 1 53  ? -1.113  4.309   -0.258  1.00 23.56 ? 67  PHE A CZ  1 
ATOM   351  N N   . ARG A 1 54  ? -4.102  7.818   2.340   1.00 10.05 ? 68  ARG A N   1 
ATOM   352  C CA  . ARG A 1 54  ? -4.803  7.379   3.545   1.00 9.94  ? 68  ARG A CA  1 
ATOM   353  C C   . ARG A 1 54  ? -5.034  5.879   3.491   1.00 9.33  ? 68  ARG A C   1 
ATOM   354  O O   . ARG A 1 54  ? -5.419  5.345   2.457   1.00 9.84  ? 68  ARG A O   1 
ATOM   355  C CB  . ARG A 1 54  ? -6.153  8.103   3.691   1.00 8.10  ? 68  ARG A CB  1 
ATOM   356  C CG  . ARG A 1 54  ? -6.926  7.767   4.982   1.00 8.85  ? 68  ARG A CG  1 
ATOM   357  C CD  . ARG A 1 54  ? -8.218  8.578   5.072   1.00 8.37  ? 68  ARG A CD  1 
ATOM   358  N NE  . ARG A 1 54  ? -9.048  8.230   6.227   1.00 8.45  ? 68  ARG A NE  1 
ATOM   359  C CZ  . ARG A 1 54  ? -9.273  9.032   7.265   1.00 7.42  ? 68  ARG A CZ  1 
ATOM   360  N NH1 . ARG A 1 54  ? -8.724  10.241  7.316   1.00 8.90  ? 68  ARG A NH1 1 
ATOM   361  N NH2 . ARG A 1 54  ? -10.081 8.637   8.241   1.00 8.39  ? 68  ARG A NH2 1 
ATOM   362  N N   . VAL A 1 55  ? -4.771  5.202   4.603   1.00 8.21  ? 69  VAL A N   1 
ATOM   363  C CA  . VAL A 1 55  ? -4.973  3.761   4.688   1.00 8.96  ? 69  VAL A CA  1 
ATOM   364  C C   . VAL A 1 55  ? -5.905  3.513   5.867   1.00 8.90  ? 69  VAL A C   1 
ATOM   365  O O   . VAL A 1 55  ? -5.669  4.012   6.971   1.00 10.70 ? 69  VAL A O   1 
ATOM   366  C CB  . VAL A 1 55  ? -3.641  3.018   4.917   1.00 9.82  ? 69  VAL A CB  1 
ATOM   367  C CG1 . VAL A 1 55  ? -3.897  1.513   5.002   1.00 11.01 ? 69  VAL A CG1 1 
ATOM   368  C CG2 . VAL A 1 55  ? -2.665  3.342   3.783   1.00 11.17 ? 69  VAL A CG2 1 
ATOM   369  N N   . GLU A 1 56  ? -6.977  2.764   5.625   1.00 7.07  ? 70  GLU A N   1 
ATOM   370  C CA  . GLU A 1 56  ? -7.965  2.462   6.661   1.00 6.47  ? 70  GLU A CA  1 
ATOM   371  C C   . GLU A 1 56  ? -7.982  0.961   6.902   1.00 6.53  ? 70  GLU A C   1 
ATOM   372  O O   . GLU A 1 56  ? -8.209  0.179   5.984   1.00 8.79  ? 70  GLU A O   1 
ATOM   373  C CB  . GLU A 1 56  ? -9.345  2.957   6.217   1.00 8.46  ? 70  GLU A CB  1 
ATOM   374  C CG  . GLU A 1 56  ? -9.388  4.477   6.059   1.00 9.17  ? 70  GLU A CG  1 
ATOM   375  C CD  . GLU A 1 56  ? -10.715 5.005   5.553   1.00 11.14 ? 70  GLU A CD  1 
ATOM   376  O OE1 . GLU A 1 56  ? -11.690 4.225   5.474   1.00 11.19 ? 70  GLU A OE1 1 
ATOM   377  O OE2 . GLU A 1 56  ? -10.780 6.215   5.243   1.00 10.09 ? 70  GLU A OE2 1 
ATOM   378  N N   . PHE A 1 57  ? -7.750  0.564   8.148   1.00 7.15  ? 71  PHE A N   1 
ATOM   379  C CA  . PHE A 1 57  ? -7.691  -0.851  8.488   1.00 7.28  ? 71  PHE A CA  1 
ATOM   380  C C   . PHE A 1 57  ? -9.007  -1.478  8.912   1.00 6.59  ? 71  PHE A C   1 
ATOM   381  O O   . PHE A 1 57  ? -9.782  -0.886  9.670   1.00 7.87  ? 71  PHE A O   1 
ATOM   382  C CB  . PHE A 1 57  ? -6.634  -1.049  9.573   1.00 8.87  ? 71  PHE A CB  1 
ATOM   383  C CG  . PHE A 1 57  ? -5.265  -0.622  9.146   1.00 10.58 ? 71  PHE A CG  1 
ATOM   384  C CD1 . PHE A 1 57  ? -4.437  -1.497  8.450   1.00 11.87 ? 71  PHE A CD1 1 
ATOM   385  C CD2 . PHE A 1 57  ? -4.820  0.673   9.388   1.00 12.24 ? 71  PHE A CD2 1 
ATOM   386  C CE1 . PHE A 1 57  ? -3.185  -1.083  8.000   1.00 13.91 ? 71  PHE A CE1 1 
ATOM   387  C CE2 . PHE A 1 57  ? -3.569  1.097   8.941   1.00 13.01 ? 71  PHE A CE2 1 
ATOM   388  C CZ  . PHE A 1 57  ? -2.751  0.216   8.247   1.00 13.00 ? 71  PHE A CZ  1 
ATOM   389  N N   . LEU A 1 58  ? -9.239  -2.691  8.412   1.00 6.86  ? 72  LEU A N   1 
ATOM   390  C CA  . LEU A 1 58  ? -10.447 -3.453  8.707   1.00 6.62  ? 72  LEU A CA  1 
ATOM   391  C C   . LEU A 1 58  ? -10.156 -4.752  9.467   1.00 7.78  ? 72  LEU A C   1 
ATOM   392  O O   . LEU A 1 58  ? -10.984 -5.217  10.247  1.00 9.56  ? 72  LEU A O   1 
ATOM   393  C CB  . LEU A 1 58  ? -11.188 -3.759  7.400   1.00 7.89  ? 72  LEU A CB  1 
ATOM   394  C CG  . LEU A 1 58  ? -11.744 -2.516  6.695   1.00 9.15  ? 72  LEU A CG  1 
ATOM   395  C CD1 . LEU A 1 58  ? -12.190 -2.874  5.285   1.00 12.35 ? 72  LEU A CD1 1 
ATOM   396  C CD2 . LEU A 1 58  ? -12.902 -1.944  7.498   1.00 9.07  ? 72  LEU A CD2 1 
ATOM   397  N N   . LYS A 1 59  ? -8.988  -5.341  9.216   1.00 8.26  ? 73  LYS A N   1 
ATOM   398  C CA  . LYS A 1 59  ? -8.558  -6.573  9.882   1.00 8.12  ? 73  LYS A CA  1 
ATOM   399  C C   . LYS A 1 59  ? -7.049  -6.476  10.062  1.00 8.99  ? 73  LYS A C   1 
ATOM   400  O O   . LYS A 1 59  ? -6.368  -5.863  9.247   1.00 7.58  ? 73  LYS A O   1 
ATOM   401  C CB  . LYS A 1 59  ? -8.871  -7.798  9.025   1.00 7.74  ? 73  LYS A CB  1 
ATOM   402  C CG  . LYS A 1 59  ? -10.341 -8.034  8.751   1.00 8.35  ? 73  LYS A CG  1 
ATOM   403  C CD  . LYS A 1 59  ? -10.499 -9.308  7.931   1.00 10.15 ? 73  LYS A CD  1 
ATOM   404  C CE  . LYS A 1 59  ? -11.932 -9.531  7.509   1.00 13.67 ? 73  LYS A CE  1 
ATOM   405  N NZ  . LYS A 1 59  ? -12.038 -10.765 6.678   1.00 16.17 ? 73  LYS A NZ  1 
ATOM   406  N N   . PRO A 1 60  ? -6.498  -7.098  11.116  1.00 8.37  ? 74  PRO A N   1 
ATOM   407  C CA  . PRO A 1 60  ? -7.154  -7.888  12.159  1.00 8.72  ? 74  PRO A CA  1 
ATOM   408  C C   . PRO A 1 60  ? -7.846  -7.044  13.225  1.00 8.70  ? 74  PRO A C   1 
ATOM   409  O O   . PRO A 1 60  ? -7.881  -5.818  13.131  1.00 7.99  ? 74  PRO A O   1 
ATOM   410  C CB  . PRO A 1 60  ? -6.005  -8.705  12.725  1.00 10.56 ? 74  PRO A CB  1 
ATOM   411  C CG  . PRO A 1 60  ? -4.876  -7.738  12.673  1.00 10.83 ? 74  PRO A CG  1 
ATOM   412  C CD  . PRO A 1 60  ? -5.034  -7.105  11.303  1.00 10.20 ? 74  PRO A CD  1 
ATOM   413  N N   . GLY A 1 61  ? -8.384  -7.717  14.238  1.00 8.75  ? 75  GLY A N   1 
ATOM   414  C CA  . GLY A 1 61  ? -9.087  -7.024  15.306  1.00 8.38  ? 75  GLY A CA  1 
ATOM   415  C C   . GLY A 1 61  ? -8.287  -5.937  15.994  1.00 8.55  ? 75  GLY A C   1 
ATOM   416  O O   . GLY A 1 61  ? -8.847  -4.932  16.422  1.00 9.22  ? 75  GLY A O   1 
ATOM   417  N N   . SER A 1 62  ? -6.979  -6.140  16.112  1.00 9.32  ? 76  SER A N   1 
ATOM   418  C CA  . SER A 1 62  ? -6.115  -5.162  16.759  1.00 8.19  ? 76  SER A CA  1 
ATOM   419  C C   . SER A 1 62  ? -5.975  -3.863  15.968  1.00 8.38  ? 76  SER A C   1 
ATOM   420  O O   . SER A 1 62  ? -5.604  -2.834  16.538  1.00 10.09 ? 76  SER A O   1 
ATOM   421  C CB  . SER A 1 62  ? -4.728  -5.760  16.992  1.00 10.37 ? 76  SER A CB  1 
ATOM   422  O OG  . SER A 1 62  ? -4.112  -6.103  15.763  1.00 11.53 ? 76  SER A OG  1 
ATOM   423  N N   . LEU A 1 63  ? -6.263  -3.905  14.665  1.00 7.90  ? 77  LEU A N   1 
ATOM   424  C CA  . LEU A 1 63  ? -6.146  -2.714  13.821  1.00 7.51  ? 77  LEU A CA  1 
ATOM   425  C C   . LEU A 1 63  ? -7.486  -2.187  13.320  1.00 6.86  ? 77  LEU A C   1 
ATOM   426  O O   . LEU A 1 63  ? -7.558  -1.083  12.783  1.00 8.18  ? 77  LEU A O   1 
ATOM   427  C CB  . LEU A 1 63  ? -5.252  -2.997  12.605  1.00 8.30  ? 77  LEU A CB  1 
ATOM   428  C CG  . LEU A 1 63  ? -3.829  -3.506  12.848  1.00 9.25  ? 77  LEU A CG  1 
ATOM   429  C CD1 . LEU A 1 63  ? -3.094  -3.585  11.514  1.00 10.82 ? 77  LEU A CD1 1 
ATOM   430  C CD2 . LEU A 1 63  ? -3.098  -2.577  13.793  1.00 10.10 ? 77  LEU A CD2 1 
ATOM   431  N N   . GLU A 1 64  ? -8.543  -2.973  13.492  1.00 7.60  ? 78  GLU A N   1 
ATOM   432  C CA  . GLU A 1 64  ? -9.873  -2.589  13.031  1.00 7.33  ? 78  GLU A CA  1 
ATOM   433  C C   . GLU A 1 64  ? -10.248 -1.167  13.458  1.00 7.30  ? 78  GLU A C   1 
ATOM   434  O O   . GLU A 1 64  ? -10.284 -0.862  14.649  1.00 7.67  ? 78  GLU A O   1 
ATOM   435  C CB  . GLU A 1 64  ? -10.902 -3.586  13.568  1.00 6.71  ? 78  GLU A CB  1 
ATOM   436  C CG  . GLU A 1 64  ? -12.319 -3.391  13.036  1.00 8.84  ? 78  GLU A CG  1 
ATOM   437  C CD  . GLU A 1 64  ? -13.313 -4.320  13.707  1.00 10.76 ? 78  GLU A CD  1 
ATOM   438  O OE1 . GLU A 1 64  ? -13.081 -5.547  13.702  1.00 12.34 ? 78  GLU A OE1 1 
ATOM   439  O OE2 . GLU A 1 64  ? -14.325 -3.822  14.246  1.00 13.97 ? 78  GLU A OE2 1 
ATOM   440  N N   . GLY A 1 65  ? -10.522 -0.298  12.482  1.00 7.60  ? 79  GLY A N   1 
ATOM   441  C CA  . GLY A 1 65  ? -10.892 1.074   12.797  1.00 7.85  ? 79  GLY A CA  1 
ATOM   442  C C   . GLY A 1 65  ? -9.754  2.076   12.740  1.00 7.68  ? 79  GLY A C   1 
ATOM   443  O O   . GLY A 1 65  ? -9.989  3.284   12.671  1.00 8.57  ? 79  GLY A O   1 
ATOM   444  N N   . ASN A 1 66  ? -8.522  1.581   12.784  1.00 7.11  ? 80  ASN A N   1 
ATOM   445  C CA  . ASN A 1 66  ? -7.346  2.446   12.715  1.00 6.37  ? 80  ASN A CA  1 
ATOM   446  C C   . ASN A 1 66  ? -7.206  3.005   11.311  1.00 6.63  ? 80  ASN A C   1 
ATOM   447  O O   . ASN A 1 66  ? -7.757  2.463   10.355  1.00 7.88  ? 80  ASN A O   1 
ATOM   448  C CB  . ASN A 1 66  ? -6.058  1.661   12.991  1.00 7.13  ? 80  ASN A CB  1 
ATOM   449  C CG  . ASN A 1 66  ? -5.934  1.204   14.424  1.00 5.94  ? 80  ASN A CG  1 
ATOM   450  O OD1 . ASN A 1 66  ? -6.885  1.279   15.201  1.00 8.21  ? 80  ASN A OD1 1 
ATOM   451  N ND2 . ASN A 1 66  ? -4.750  0.702   14.779  1.00 9.91  ? 80  ASN A ND2 1 
ATOM   452  N N   . PHE A 1 67  ? -6.474  4.103   11.188  1.00 7.49  ? 81  PHE A N   1 
ATOM   453  C CA  . PHE A 1 67  ? -6.202  4.647   9.872   1.00 8.01  ? 81  PHE A CA  1 
ATOM   454  C C   . PHE A 1 67  ? -4.921  5.453   9.934   1.00 7.92  ? 81  PHE A C   1 
ATOM   455  O O   . PHE A 1 67  ? -4.488  5.890   11.009  1.00 8.54  ? 81  PHE A O   1 
ATOM   456  C CB  . PHE A 1 67  ? -7.386  5.479   9.325   1.00 7.84  ? 81  PHE A CB  1 
ATOM   457  C CG  . PHE A 1 67  ? -7.652  6.765   10.059  1.00 8.66  ? 81  PHE A CG  1 
ATOM   458  C CD1 . PHE A 1 67  ? -6.892  7.908   9.803   1.00 7.75  ? 81  PHE A CD1 1 
ATOM   459  C CD2 . PHE A 1 67  ? -8.698  6.847   10.970  1.00 9.17  ? 81  PHE A CD2 1 
ATOM   460  C CE1 . PHE A 1 67  ? -7.179  9.114   10.445  1.00 8.12  ? 81  PHE A CE1 1 
ATOM   461  C CE2 . PHE A 1 67  ? -8.994  8.050   11.620  1.00 8.95  ? 81  PHE A CE2 1 
ATOM   462  C CZ  . PHE A 1 67  ? -8.231  9.184   11.354  1.00 7.80  ? 81  PHE A CZ  1 
ATOM   463  N N   . THR A 1 68  ? -4.292  5.599   8.779   1.00 7.70  ? 82  THR A N   1 
ATOM   464  C CA  . THR A 1 68  ? -3.054  6.345   8.666   1.00 8.21  ? 82  THR A CA  1 
ATOM   465  C C   . THR A 1 68  ? -3.212  7.379   7.566   1.00 9.22  ? 82  THR A C   1 
ATOM   466  O O   . THR A 1 68  ? -3.711  7.074   6.485   1.00 10.14 ? 82  THR A O   1 
ATOM   467  C CB  . THR A 1 68  ? -1.882  5.423   8.291   1.00 9.01  ? 82  THR A CB  1 
ATOM   468  O OG1 . THR A 1 68  ? -1.713  4.430   9.305   1.00 12.02 ? 82  THR A OG1 1 
ATOM   469  C CG2 . THR A 1 68  ? -0.595  6.225   8.149   1.00 11.12 ? 82  THR A CG2 1 
ATOM   470  N N   . VAL A 1 69  ? -2.809  8.611   7.851   1.00 9.42  ? 83  VAL A N   1 
ATOM   471  C CA  . VAL A 1 69  ? -2.877  9.667   6.852   1.00 10.80 ? 83  VAL A CA  1 
ATOM   472  C C   . VAL A 1 69  ? -1.443  10.115  6.616   1.00 12.10 ? 83  VAL A C   1 
ATOM   473  O O   . VAL A 1 69  ? -0.722  10.436  7.561   1.00 13.00 ? 83  VAL A O   1 
ATOM   474  C CB  . VAL A 1 69  ? -3.714  10.869  7.329   1.00 10.31 ? 83  VAL A CB  1 
ATOM   475  C CG1 . VAL A 1 69  ? -3.695  11.966  6.260   1.00 14.57 ? 83  VAL A CG1 1 
ATOM   476  C CG2 . VAL A 1 69  ? -5.142  10.433  7.589   1.00 12.61 ? 83  VAL A CG2 1 
ATOM   477  N N   . ILE A 1 70  ? -1.022  10.111  5.358   1.00 13.35 ? 84  ILE A N   1 
ATOM   478  C CA  . ILE A 1 70  ? 0.336   10.520  5.038   1.00 17.86 ? 84  ILE A CA  1 
ATOM   479  C C   . ILE A 1 70  ? 0.330   11.760  4.160   1.00 19.61 ? 84  ILE A C   1 
ATOM   480  O O   . ILE A 1 70  ? -0.424  11.850  3.191   1.00 18.92 ? 84  ILE A O   1 
ATOM   481  C CB  . ILE A 1 70  ? 1.108   9.394   4.313   1.00 19.73 ? 84  ILE A CB  1 
ATOM   482  C CG1 . ILE A 1 70  ? 1.128   8.135   5.183   1.00 21.52 ? 84  ILE A CG1 1 
ATOM   483  C CG2 . ILE A 1 70  ? 2.539   9.844   4.024   1.00 21.83 ? 84  ILE A CG2 1 
ATOM   484  C CD1 . ILE A 1 70  ? 1.703   6.922   4.494   1.00 24.88 ? 84  ILE A CD1 1 
ATOM   485  N N   . THR A 1 71  ? 1.162   12.725  4.527   1.00 21.18 ? 85  THR A N   1 
ATOM   486  C CA  . THR A 1 71  ? 1.293   13.959  3.769   1.00 25.26 ? 85  THR A CA  1 
ATOM   487  C C   . THR A 1 71  ? 2.783   14.136  3.523   1.00 27.49 ? 85  THR A C   1 
ATOM   488  O O   . THR A 1 71  ? 3.592   13.349  4.015   1.00 27.88 ? 85  THR A O   1 
ATOM   489  C CB  . THR A 1 71  ? 0.766   15.175  4.554   1.00 25.04 ? 85  THR A CB  1 
ATOM   490  O OG1 . THR A 1 71  ? 1.573   15.380  5.721   1.00 25.29 ? 85  THR A OG1 1 
ATOM   491  C CG2 . THR A 1 71  ? -0.677  14.950  4.978   1.00 24.37 ? 85  THR A CG2 1 
ATOM   492  N N   . GLU A 1 72  ? 3.154   15.156  2.758   1.00 30.73 ? 86  GLU A N   1 
ATOM   493  C CA  . GLU A 1 72  ? 4.564   15.389  2.489   1.00 34.27 ? 86  GLU A CA  1 
ATOM   494  C C   . GLU A 1 72  ? 5.253   15.821  3.777   1.00 34.78 ? 86  GLU A C   1 
ATOM   495  O O   . GLU A 1 72  ? 6.428   15.525  3.996   1.00 36.94 ? 86  GLU A O   1 
ATOM   496  C CB  . GLU A 1 72  ? 4.741   16.480  1.430   1.00 35.91 ? 86  GLU A CB  1 
ATOM   497  C CG  . GLU A 1 72  ? 4.302   17.865  1.884   1.00 39.74 ? 86  GLU A CG  1 
ATOM   498  C CD  . GLU A 1 72  ? 4.785   18.963  0.956   1.00 41.08 ? 86  GLU A CD  1 
ATOM   499  O OE1 . GLU A 1 72  ? 4.480   20.146  1.220   1.00 42.71 ? 86  GLU A OE1 1 
ATOM   500  O OE2 . GLU A 1 72  ? 5.474   18.645  -0.038  1.00 42.99 ? 86  GLU A OE2 1 
ATOM   501  N N   . LYS A 1 73  ? 4.504   16.510  4.634   1.00 34.80 ? 87  LYS A N   1 
ATOM   502  C CA  . LYS A 1 73  ? 5.036   17.019  5.892   1.00 33.88 ? 87  LYS A CA  1 
ATOM   503  C C   . LYS A 1 73  ? 4.999   16.048  7.068   1.00 32.84 ? 87  LYS A C   1 
ATOM   504  O O   . LYS A 1 73  ? 6.004   15.869  7.755   1.00 33.15 ? 87  LYS A O   1 
ATOM   505  C CB  . LYS A 1 73  ? 4.302   18.305  6.281   1.00 35.14 ? 87  LYS A CB  1 
ATOM   506  C CG  . LYS A 1 73  ? 4.802   18.939  7.569   1.00 37.32 ? 87  LYS A CG  1 
ATOM   507  C CD  . LYS A 1 73  ? 4.010   20.189  7.913   1.00 38.73 ? 87  LYS A CD  1 
ATOM   508  C CE  . LYS A 1 73  ? 4.522   20.827  9.194   1.00 39.77 ? 87  LYS A CE  1 
ATOM   509  N NZ  . LYS A 1 73  ? 4.461   19.882  10.344  1.00 40.60 ? 87  LYS A NZ  1 
ATOM   510  N N   . GLU A 1 74  ? 3.854   15.420  7.311   1.00 30.89 ? 88  GLU A N   1 
ATOM   511  C CA  . GLU A 1 74  ? 3.772   14.511  8.445   1.00 27.49 ? 88  GLU A CA  1 
ATOM   512  C C   . GLU A 1 74  ? 2.873   13.300  8.252   1.00 24.94 ? 88  GLU A C   1 
ATOM   513  O O   . GLU A 1 74  ? 2.184   13.166  7.240   1.00 24.77 ? 88  GLU A O   1 
ATOM   514  C CB  . GLU A 1 74  ? 3.330   15.286  9.688   1.00 30.64 ? 88  GLU A CB  1 
ATOM   515  C CG  . GLU A 1 74  ? 1.890   15.758  9.664   1.00 32.86 ? 88  GLU A CG  1 
ATOM   516  C CD  . GLU A 1 74  ? 1.662   16.965  10.555  1.00 34.46 ? 88  GLU A CD  1 
ATOM   517  O OE1 . GLU A 1 74  ? 2.265   17.030  11.649  1.00 35.53 ? 88  GLU A OE1 1 
ATOM   518  O OE2 . GLU A 1 74  ? 0.871   17.848  10.164  1.00 36.44 ? 88  GLU A OE2 1 
ATOM   519  N N   . VAL A 1 75  ? 2.899   12.420  9.245   1.00 20.33 ? 89  VAL A N   1 
ATOM   520  C CA  . VAL A 1 75  ? 2.111   11.198  9.231   1.00 17.43 ? 89  VAL A CA  1 
ATOM   521  C C   . VAL A 1 75  ? 1.199   11.135  10.449  1.00 15.99 ? 89  VAL A C   1 
ATOM   522  O O   . VAL A 1 75  ? 1.630   11.411  11.566  1.00 14.55 ? 89  VAL A O   1 
ATOM   523  C CB  . VAL A 1 75  ? 3.031   9.954   9.246   1.00 17.02 ? 89  VAL A CB  1 
ATOM   524  C CG1 . VAL A 1 75  ? 2.202   8.686   9.387   1.00 17.59 ? 89  VAL A CG1 1 
ATOM   525  C CG2 . VAL A 1 75  ? 3.861   9.908   7.971   1.00 19.92 ? 89  VAL A CG2 1 
ATOM   526  N N   . TRP A 1 76  ? -0.063  10.785  10.223  1.00 11.99 ? 90  TRP A N   1 
ATOM   527  C CA  . TRP A 1 76  ? -1.020  10.648  11.312  1.00 12.87 ? 90  TRP A CA  1 
ATOM   528  C C   . TRP A 1 76  ? -1.374  9.177   11.445  1.00 11.86 ? 90  TRP A C   1 
ATOM   529  O O   . TRP A 1 76  ? -1.690  8.520   10.455  1.00 12.84 ? 90  TRP A O   1 
ATOM   530  C CB  . TRP A 1 76  ? -2.331  11.390  11.027  1.00 13.38 ? 90  TRP A CB  1 
ATOM   531  C CG  . TRP A 1 76  ? -2.259  12.878  10.922  1.00 18.23 ? 90  TRP A CG  1 
ATOM   532  C CD1 . TRP A 1 76  ? -1.210  13.684  11.257  1.00 19.66 ? 90  TRP A CD1 1 
ATOM   533  C CD2 . TRP A 1 76  ? -3.304  13.743  10.466  1.00 21.08 ? 90  TRP A CD2 1 
ATOM   534  N NE1 . TRP A 1 76  ? -1.540  15.004  11.037  1.00 22.62 ? 90  TRP A NE1 1 
ATOM   535  C CE2 . TRP A 1 76  ? -2.819  15.068  10.551  1.00 22.72 ? 90  TRP A CE2 1 
ATOM   536  C CE3 . TRP A 1 76  ? -4.606  13.528  9.994   1.00 23.64 ? 90  TRP A CE3 1 
ATOM   537  C CZ2 . TRP A 1 76  ? -3.592  16.176  10.180  1.00 25.02 ? 90  TRP A CZ2 1 
ATOM   538  C CZ3 . TRP A 1 76  ? -5.375  14.631  9.623   1.00 24.64 ? 90  TRP A CZ3 1 
ATOM   539  C CH2 . TRP A 1 76  ? -4.863  15.938  9.719   1.00 25.54 ? 90  TRP A CH2 1 
ATOM   540  N N   . ASN A 1 77  ? -1.321  8.655   12.662  1.00 10.13 ? 91  ASN A N   1 
ATOM   541  C CA  . ASN A 1 77  ? -1.710  7.274   12.881  1.00 10.12 ? 91  ASN A CA  1 
ATOM   542  C C   . ASN A 1 77  ? -2.784  7.263   13.950  1.00 9.65  ? 91  ASN A C   1 
ATOM   543  O O   . ASN A 1 77  ? -2.516  7.552   15.114  1.00 10.29 ? 91  ASN A O   1 
ATOM   544  C CB  . ASN A 1 77  ? -0.513  6.426   13.318  1.00 11.43 ? 91  ASN A CB  1 
ATOM   545  C CG  . ASN A 1 77  ? 0.303   5.936   12.143  1.00 15.84 ? 91  ASN A CG  1 
ATOM   546  O OD1 . ASN A 1 77  ? -0.141  5.074   11.383  1.00 17.29 ? 91  ASN A OD1 1 
ATOM   547  N ND2 . ASN A 1 77  ? 1.496   6.492   11.976  1.00 20.35 ? 91  ASN A ND2 1 
ATOM   548  N N   . TYR A 1 78  ? -4.012  6.964   13.542  1.00 7.34  ? 92  TYR A N   1 
ATOM   549  C CA  . TYR A 1 78  ? -5.114  6.912   14.485  1.00 8.12  ? 92  TYR A CA  1 
ATOM   550  C C   . TYR A 1 78  ? -5.291  5.485   14.984  1.00 7.74  ? 92  TYR A C   1 
ATOM   551  O O   . TYR A 1 78  ? -5.402  4.541   14.194  1.00 8.67  ? 92  TYR A O   1 
ATOM   552  C CB  . TYR A 1 78  ? -6.416  7.400   13.840  1.00 8.26  ? 92  TYR A CB  1 
ATOM   553  C CG  . TYR A 1 78  ? -7.575  7.393   14.814  1.00 8.75  ? 92  TYR A CG  1 
ATOM   554  C CD1 . TYR A 1 78  ? -7.585  8.256   15.914  1.00 8.72  ? 92  TYR A CD1 1 
ATOM   555  C CD2 . TYR A 1 78  ? -8.630  6.485   14.682  1.00 9.27  ? 92  TYR A CD2 1 
ATOM   556  C CE1 . TYR A 1 78  ? -8.605  8.213   16.859  1.00 8.14  ? 92  TYR A CE1 1 
ATOM   557  C CE2 . TYR A 1 78  ? -9.660  6.436   15.625  1.00 8.35  ? 92  TYR A CE2 1 
ATOM   558  C CZ  . TYR A 1 78  ? -9.639  7.302   16.712  1.00 9.54  ? 92  TYR A CZ  1 
ATOM   559  O OH  . TYR A 1 78  ? -10.637 7.252   17.662  1.00 10.35 ? 92  TYR A OH  1 
ATOM   560  N N   . LEU A 1 79  ? -5.292  5.341   16.305  1.00 6.95  ? 93  LEU A N   1 
ATOM   561  C CA  . LEU A 1 79  ? -5.458  4.042   16.948  1.00 8.01  ? 93  LEU A CA  1 
ATOM   562  C C   . LEU A 1 79  ? -6.865  4.065   17.533  1.00 8.34  ? 93  LEU A C   1 
ATOM   563  O O   . LEU A 1 79  ? -7.127  4.725   18.537  1.00 8.78  ? 93  LEU A O   1 
ATOM   564  C CB  . LEU A 1 79  ? -4.402  3.873   18.044  1.00 9.88  ? 93  LEU A CB  1 
ATOM   565  C CG  . LEU A 1 79  ? -2.970  4.137   17.567  1.00 11.25 ? 93  LEU A CG  1 
ATOM   566  C CD1 . LEU A 1 79  ? -2.003  4.004   18.743  1.00 11.80 ? 93  LEU A CD1 1 
ATOM   567  C CD2 . LEU A 1 79  ? -2.606  3.161   16.445  1.00 12.65 ? 93  LEU A CD2 1 
ATOM   568  N N   . TYR A 1 80  ? -7.764  3.328   16.894  1.00 6.93  ? 94  TYR A N   1 
ATOM   569  C CA  . TYR A 1 80  ? -9.166  3.302   17.281  1.00 8.21  ? 94  TYR A CA  1 
ATOM   570  C C   . TYR A 1 80  ? -9.484  2.921   18.724  1.00 7.12  ? 94  TYR A C   1 
ATOM   571  O O   . TYR A 1 80  ? -10.179 3.658   19.420  1.00 7.82  ? 94  TYR A O   1 
ATOM   572  C CB  . TYR A 1 80  ? -9.933  2.376   16.335  1.00 7.13  ? 94  TYR A CB  1 
ATOM   573  C CG  . TYR A 1 80  ? -11.435 2.436   16.513  1.00 8.67  ? 94  TYR A CG  1 
ATOM   574  C CD1 . TYR A 1 80  ? -12.209 3.368   15.818  1.00 8.23  ? 94  TYR A CD1 1 
ATOM   575  C CD2 . TYR A 1 80  ? -12.078 1.569   17.391  1.00 8.73  ? 94  TYR A CD2 1 
ATOM   576  C CE1 . TYR A 1 80  ? -13.589 3.431   15.996  1.00 9.68  ? 94  TYR A CE1 1 
ATOM   577  C CE2 . TYR A 1 80  ? -13.453 1.626   17.576  1.00 10.36 ? 94  TYR A CE2 1 
ATOM   578  C CZ  . TYR A 1 80  ? -14.203 2.556   16.878  1.00 8.40  ? 94  TYR A CZ  1 
ATOM   579  O OH  . TYR A 1 80  ? -15.564 2.604   17.072  1.00 11.56 ? 94  TYR A OH  1 
ATOM   580  N N   . LEU A 1 81  ? -8.976  1.780   19.176  1.00 8.24  ? 95  LEU A N   1 
ATOM   581  C CA  . LEU A 1 81  ? -9.279  1.320   20.528  1.00 7.24  ? 95  LEU A CA  1 
ATOM   582  C C   . LEU A 1 81  ? -8.753  2.208   21.648  1.00 9.03  ? 95  LEU A C   1 
ATOM   583  O O   . LEU A 1 81  ? -9.324  2.226   22.736  1.00 9.54  ? 95  LEU A O   1 
ATOM   584  C CB  . LEU A 1 81  ? -8.798  -0.122  20.709  1.00 7.50  ? 95  LEU A CB  1 
ATOM   585  C CG  . LEU A 1 81  ? -9.618  -1.136  19.905  1.00 6.90  ? 95  LEU A CG  1 
ATOM   586  C CD1 . LEU A 1 81  ? -8.922  -2.487  19.914  1.00 8.21  ? 95  LEU A CD1 1 
ATOM   587  C CD2 . LEU A 1 81  ? -11.025 -1.241  20.486  1.00 7.67  ? 95  LEU A CD2 1 
ATOM   588  N N   . THR A 1 82  ? -7.689  2.960   21.390  1.00 8.81  ? 96  THR A N   1 
ATOM   589  C CA  . THR A 1 82  ? -7.143  3.846   22.414  1.00 9.41  ? 96  THR A CA  1 
ATOM   590  C C   . THR A 1 82  ? -7.505  5.303   22.138  1.00 9.44  ? 96  THR A C   1 
ATOM   591  O O   . THR A 1 82  ? -7.180  6.190   22.929  1.00 11.89 ? 96  THR A O   1 
ATOM   592  C CB  . THR A 1 82  ? -5.604  3.732   22.506  1.00 9.46  ? 96  THR A CB  1 
ATOM   593  O OG1 . THR A 1 82  ? -5.015  4.151   21.270  1.00 10.51 ? 96  THR A OG1 1 
ATOM   594  C CG2 . THR A 1 82  ? -5.190  2.292   22.794  1.00 12.11 ? 96  THR A CG2 1 
ATOM   595  N N   . ASN A 1 83  ? -8.195  5.539   21.022  1.00 8.98  ? 97  ASN A N   1 
ATOM   596  C CA  . ASN A 1 83  ? -8.603  6.880   20.602  1.00 9.11  ? 97  ASN A CA  1 
ATOM   597  C C   . ASN A 1 83  ? -7.438  7.864   20.629  1.00 9.27  ? 97  ASN A C   1 
ATOM   598  O O   . ASN A 1 83  ? -7.570  9.004   21.084  1.00 10.15 ? 97  ASN A O   1 
ATOM   599  C CB  . ASN A 1 83  ? -9.757  7.400   21.474  1.00 10.14 ? 97  ASN A CB  1 
ATOM   600  C CG  . ASN A 1 83  ? -10.354 8.692   20.937  1.00 11.97 ? 97  ASN A CG  1 
ATOM   601  O OD1 . ASN A 1 83  ? -10.484 8.876   19.726  1.00 12.17 ? 97  ASN A OD1 1 
ATOM   602  N ND2 . ASN A 1 83  ? -10.731 9.591   21.839  1.00 12.62 ? 97  ASN A ND2 1 
ATOM   603  N N   . GLN A 1 84  ? -6.292  7.412   20.127  1.00 9.75  ? 98  GLN A N   1 
ATOM   604  C CA  . GLN A 1 84  ? -5.095  8.241   20.073  1.00 9.22  ? 98  GLN A CA  1 
ATOM   605  C C   . GLN A 1 84  ? -4.725  8.557   18.632  1.00 9.38  ? 98  GLN A C   1 
ATOM   606  O O   . GLN A 1 84  ? -4.755  7.682   17.765  1.00 10.32 ? 98  GLN A O   1 
ATOM   607  C CB  . GLN A 1 84  ? -3.913  7.523   20.730  1.00 9.74  ? 98  GLN A CB  1 
ATOM   608  C CG  . GLN A 1 84  ? -4.071  7.252   22.216  1.00 8.66  ? 98  GLN A CG  1 
ATOM   609  C CD  . GLN A 1 84  ? -2.973  6.359   22.755  1.00 10.53 ? 98  GLN A CD  1 
ATOM   610  O OE1 . GLN A 1 84  ? -2.774  5.243   22.274  1.00 12.44 ? 98  GLN A OE1 1 
ATOM   611  N NE2 . GLN A 1 84  ? -2.253  6.846   23.762  1.00 14.91 ? 98  GLN A NE2 1 
ATOM   612  N N   . LEU A 1 85  ? -4.388  9.816   18.375  1.00 8.61  ? 99  LEU A N   1 
ATOM   613  C CA  . LEU A 1 85  ? -3.949  10.224  17.047  1.00 9.68  ? 99  LEU A CA  1 
ATOM   614  C C   . LEU A 1 85  ? -2.468  10.556  17.199  1.00 9.71  ? 99  LEU A C   1 
ATOM   615  O O   . LEU A 1 85  ? -2.111  11.575  17.794  1.00 10.98 ? 99  LEU A O   1 
ATOM   616  C CB  . LEU A 1 85  ? -4.716  11.458  16.560  1.00 9.30  ? 99  LEU A CB  1 
ATOM   617  C CG  . LEU A 1 85  ? -4.380  11.912  15.133  1.00 10.82 ? 99  LEU A CG  1 
ATOM   618  C CD1 . LEU A 1 85  ? -4.853  10.858  14.135  1.00 13.12 ? 99  LEU A CD1 1 
ATOM   619  C CD2 . LEU A 1 85  ? -5.041  13.255  14.843  1.00 13.96 ? 99  LEU A CD2 1 
ATOM   620  N N   . VAL A 1 86  ? -1.608  9.677   16.691  1.00 9.28  ? 100 VAL A N   1 
ATOM   621  C CA  . VAL A 1 86  ? -0.166  9.889   16.781  1.00 10.76 ? 100 VAL A CA  1 
ATOM   622  C C   . VAL A 1 86  ? 0.290   10.724  15.591  1.00 11.70 ? 100 VAL A C   1 
ATOM   623  O O   . VAL A 1 86  ? 0.092   10.341  14.436  1.00 13.03 ? 100 VAL A O   1 
ATOM   624  C CB  . VAL A 1 86  ? 0.601   8.538   16.791  1.00 11.74 ? 100 VAL A CB  1 
ATOM   625  C CG1 . VAL A 1 86  ? 2.078   8.778   17.090  1.00 12.80 ? 100 VAL A CG1 1 
ATOM   626  C CG2 . VAL A 1 86  ? -0.005  7.602   17.828  1.00 12.12 ? 100 VAL A CG2 1 
ATOM   627  N N   . ILE A 1 87  ? 0.891   11.874  15.880  1.00 10.60 ? 101 ILE A N   1 
ATOM   628  C CA  . ILE A 1 87  ? 1.366   12.787  14.849  1.00 13.05 ? 101 ILE A CA  1 
ATOM   629  C C   . ILE A 1 87  ? 2.892   12.780  14.816  1.00 14.08 ? 101 ILE A C   1 
ATOM   630  O O   . ILE A 1 87  ? 3.540   13.130  15.803  1.00 14.28 ? 101 ILE A O   1 
ATOM   631  C CB  . ILE A 1 87  ? 0.870   14.223  15.127  1.00 13.12 ? 101 ILE A CB  1 
ATOM   632  C CG1 . ILE A 1 87  ? -0.658  14.235  15.222  1.00 13.67 ? 101 ILE A CG1 1 
ATOM   633  C CG2 . ILE A 1 87  ? 1.339   15.162  14.020  1.00 13.61 ? 101 ILE A CG2 1 
ATOM   634  C CD1 . ILE A 1 87  ? -1.246  15.598  15.525  1.00 14.52 ? 101 ILE A CD1 1 
ATOM   635  N N   . SER A 1 88  ? 3.460   12.384  13.681  1.00 14.63 ? 102 SER A N   1 
ATOM   636  C CA  . SER A 1 88  ? 4.914   12.308  13.535  1.00 18.14 ? 102 SER A CA  1 
ATOM   637  C C   . SER A 1 88  ? 5.406   13.000  12.269  1.00 18.78 ? 102 SER A C   1 
ATOM   638  O O   . SER A 1 88  ? 4.714   13.024  11.255  1.00 18.87 ? 102 SER A O   1 
ATOM   639  C CB  . SER A 1 88  ? 5.359   10.843  13.500  1.00 18.59 ? 102 SER A CB  1 
ATOM   640  O OG  . SER A 1 88  ? 4.884   10.130  14.627  1.00 24.19 ? 102 SER A OG  1 
ATOM   641  N N   . PRO A 1 89  ? 6.619   13.578  12.310  1.00 21.12 ? 103 PRO A N   1 
ATOM   642  C CA  . PRO A 1 89  ? 7.134   14.251  11.114  1.00 22.35 ? 103 PRO A CA  1 
ATOM   643  C C   . PRO A 1 89  ? 7.405   13.240  10.001  1.00 24.13 ? 103 PRO A C   1 
ATOM   644  O O   . PRO A 1 89  ? 7.655   12.063  10.333  1.00 24.28 ? 103 PRO A O   1 
ATOM   645  C CB  . PRO A 1 89  ? 8.422   14.909  11.614  1.00 22.31 ? 103 PRO A CB  1 
ATOM   646  C CG  . PRO A 1 89  ? 8.144   15.143  13.066  1.00 22.34 ? 103 PRO A CG  1 
ATOM   647  C CD  . PRO A 1 89  ? 7.469   13.860  13.478  1.00 22.36 ? 103 PRO A CD  1 
ATOM   648  N N   . GLN A 1 114 ? 13.611  1.085   -2.762  1.00 47.20 ? 128 GLN A N   1 
ATOM   649  C CA  . GLN A 1 114 ? 14.812  0.687   -1.972  1.00 47.60 ? 128 GLN A CA  1 
ATOM   650  C C   . GLN A 1 114 ? 15.365  -0.649  -2.456  1.00 46.69 ? 128 GLN A C   1 
ATOM   651  O O   . GLN A 1 114 ? 16.551  -0.765  -2.764  1.00 47.03 ? 128 GLN A O   1 
ATOM   652  C CB  . GLN A 1 114 ? 14.455  0.585   -0.487  1.00 48.84 ? 128 GLN A CB  1 
ATOM   653  C CG  . GLN A 1 114 ? 15.608  0.140   0.398   1.00 50.92 ? 128 GLN A CG  1 
ATOM   654  C CD  . GLN A 1 114 ? 15.231  0.071   1.866   1.00 52.32 ? 128 GLN A CD  1 
ATOM   655  O OE1 . GLN A 1 114 ? 16.047  -0.297  2.712   1.00 53.04 ? 128 GLN A OE1 1 
ATOM   656  N NE2 . GLN A 1 114 ? 13.988  0.426   2.177   1.00 52.66 ? 128 GLN A NE2 1 
ATOM   657  N N   . VAL A 1 115 ? 14.500  -1.655  -2.515  1.00 45.18 ? 129 VAL A N   1 
ATOM   658  C CA  . VAL A 1 115 ? 14.902  -2.983  -2.962  1.00 43.59 ? 129 VAL A CA  1 
ATOM   659  C C   . VAL A 1 115 ? 15.434  -2.929  -4.389  1.00 42.11 ? 129 VAL A C   1 
ATOM   660  O O   . VAL A 1 115 ? 14.899  -2.211  -5.235  1.00 41.33 ? 129 VAL A O   1 
ATOM   661  C CB  . VAL A 1 115 ? 13.714  -3.971  -2.917  1.00 43.87 ? 129 VAL A CB  1 
ATOM   662  C CG1 . VAL A 1 115 ? 14.158  -5.344  -3.403  1.00 44.62 ? 129 VAL A CG1 1 
ATOM   663  C CG2 . VAL A 1 115 ? 13.169  -4.060  -1.503  1.00 44.33 ? 129 VAL A CG2 1 
ATOM   664  N N   . ASP A 1 116 ? 16.493  -3.688  -4.649  1.00 40.96 ? 130 ASP A N   1 
ATOM   665  C CA  . ASP A 1 116 ? 17.088  -3.733  -5.978  1.00 39.61 ? 130 ASP A CA  1 
ATOM   666  C C   . ASP A 1 116 ? 16.212  -4.614  -6.862  1.00 37.09 ? 130 ASP A C   1 
ATOM   667  O O   . ASP A 1 116 ? 16.547  -5.767  -7.138  1.00 37.71 ? 130 ASP A O   1 
ATOM   668  C CB  . ASP A 1 116 ? 18.507  -4.304  -5.903  1.00 41.72 ? 130 ASP A CB  1 
ATOM   669  C CG  . ASP A 1 116 ? 19.220  -4.271  -7.239  1.00 43.84 ? 130 ASP A CG  1 
ATOM   670  O OD1 . ASP A 1 116 ? 18.757  -4.950  -8.180  1.00 45.85 ? 130 ASP A OD1 1 
ATOM   671  O OD2 . ASP A 1 116 ? 20.246  -3.566  -7.351  1.00 46.18 ? 130 ASP A OD2 1 
ATOM   672  N N   . LEU A 1 117 ? 15.084  -4.062  -7.296  1.00 34.17 ? 131 LEU A N   1 
ATOM   673  C CA  . LEU A 1 117 ? 14.142  -4.792  -8.134  1.00 31.08 ? 131 LEU A CA  1 
ATOM   674  C C   . LEU A 1 117 ? 14.630  -5.007  -9.558  1.00 29.63 ? 131 LEU A C   1 
ATOM   675  O O   . LEU A 1 117 ? 15.248  -4.128  -10.162 1.00 28.29 ? 131 LEU A O   1 
ATOM   676  C CB  . LEU A 1 117 ? 12.795  -4.068  -8.166  1.00 30.54 ? 131 LEU A CB  1 
ATOM   677  C CG  . LEU A 1 117 ? 11.993  -4.057  -6.863  1.00 30.31 ? 131 LEU A CG  1 
ATOM   678  C CD1 . LEU A 1 117 ? 10.748  -3.201  -7.037  1.00 31.02 ? 131 LEU A CD1 1 
ATOM   679  C CD2 . LEU A 1 117 ? 11.616  -5.481  -6.484  1.00 30.93 ? 131 LEU A CD2 1 
ATOM   680  N N   . ARG A 1 118 ? 14.335  -6.189  -10.086 1.00 27.49 ? 132 ARG A N   1 
ATOM   681  C CA  . ARG A 1 118 ? 14.713  -6.565  -11.441 1.00 26.48 ? 132 ARG A CA  1 
ATOM   682  C C   . ARG A 1 118 ? 13.526  -7.280  -12.081 1.00 24.61 ? 132 ARG A C   1 
ATOM   683  O O   . ARG A 1 118 ? 12.787  -7.997  -11.405 1.00 23.93 ? 132 ARG A O   1 
ATOM   684  C CB  . ARG A 1 118 ? 15.910  -7.515  -11.413 1.00 28.80 ? 132 ARG A CB  1 
ATOM   685  C CG  . ARG A 1 118 ? 17.128  -6.982  -10.678 1.00 32.66 ? 132 ARG A CG  1 
ATOM   686  C CD  . ARG A 1 118 ? 17.813  -5.871  -11.452 1.00 36.48 ? 132 ARG A CD  1 
ATOM   687  N NE  . ARG A 1 118 ? 19.020  -5.408  -10.773 1.00 40.10 ? 132 ARG A NE  1 
ATOM   688  C CZ  . ARG A 1 118 ? 20.065  -6.182  -10.491 1.00 41.29 ? 132 ARG A CZ  1 
ATOM   689  N NH1 . ARG A 1 118 ? 20.057  -7.465  -10.827 1.00 42.57 ? 132 ARG A NH1 1 
ATOM   690  N NH2 . ARG A 1 118 ? 21.118  -5.673  -9.865  1.00 43.06 ? 132 ARG A NH2 1 
ATOM   691  N N   . LEU A 1 119 ? 13.341  -7.082  -13.381 1.00 22.43 ? 133 LEU A N   1 
ATOM   692  C CA  . LEU A 1 119 ? 12.249  -7.737  -14.088 1.00 20.18 ? 133 LEU A CA  1 
ATOM   693  C C   . LEU A 1 119 ? 12.616  -9.188  -14.370 1.00 20.78 ? 133 LEU A C   1 
ATOM   694  O O   . LEU A 1 119 ? 13.599  -9.463  -15.062 1.00 21.14 ? 133 LEU A O   1 
ATOM   695  C CB  . LEU A 1 119 ? 11.958  -7.022  -15.410 1.00 20.11 ? 133 LEU A CB  1 
ATOM   696  C CG  . LEU A 1 119 ? 10.950  -7.717  -16.331 1.00 19.62 ? 133 LEU A CG  1 
ATOM   697  C CD1 . LEU A 1 119 ? 9.581   -7.770  -15.657 1.00 19.32 ? 133 LEU A CD1 1 
ATOM   698  C CD2 . LEU A 1 119 ? 10.864  -6.968  -17.653 1.00 21.81 ? 133 LEU A CD2 1 
ATOM   699  N N   . GLU A 1 120 ? 11.839  -10.123 -13.832 1.00 18.42 ? 134 GLU A N   1 
ATOM   700  C CA  . GLU A 1 120 ? 12.120  -11.532 -14.071 1.00 17.80 ? 134 GLU A CA  1 
ATOM   701  C C   . GLU A 1 120 ? 11.380  -12.021 -15.308 1.00 17.41 ? 134 GLU A C   1 
ATOM   702  O O   . GLU A 1 120 ? 11.893  -12.844 -16.066 1.00 17.61 ? 134 GLU A O   1 
ATOM   703  C CB  . GLU A 1 120 ? 11.714  -12.391 -12.872 1.00 17.14 ? 134 GLU A CB  1 
ATOM   704  C CG  . GLU A 1 120 ? 12.196  -13.827 -13.006 1.00 16.35 ? 134 GLU A CG  1 
ATOM   705  C CD  . GLU A 1 120 ? 11.669  -14.734 -11.924 1.00 15.44 ? 134 GLU A CD  1 
ATOM   706  O OE1 . GLU A 1 120 ? 10.458  -15.032 -11.941 1.00 14.06 ? 134 GLU A OE1 1 
ATOM   707  O OE2 . GLU A 1 120 ? 12.466  -15.146 -11.055 1.00 17.31 ? 134 GLU A OE2 1 
ATOM   708  N N   . GLY A 1 121 ? 10.171  -11.509 -15.508 1.00 17.85 ? 135 GLY A N   1 
ATOM   709  C CA  . GLY A 1 121 ? 9.384   -11.910 -16.658 1.00 17.79 ? 135 GLY A CA  1 
ATOM   710  C C   . GLY A 1 121 ? 7.922   -11.591 -16.440 1.00 19.43 ? 135 GLY A C   1 
ATOM   711  O O   . GLY A 1 121 ? 7.593   -10.687 -15.680 1.00 16.40 ? 135 GLY A O   1 
ATOM   712  N N   . GLU A 1 122 ? 7.040   -12.326 -17.102 1.00 19.65 ? 136 GLU A N   1 
ATOM   713  C CA  . GLU A 1 122 ? 5.617   -12.084 -16.944 1.00 21.11 ? 136 GLU A CA  1 
ATOM   714  C C   . GLU A 1 122 ? 4.883   -13.332 -16.489 1.00 21.01 ? 136 GLU A C   1 
ATOM   715  O O   . GLU A 1 122 ? 5.388   -14.449 -16.610 1.00 21.03 ? 136 GLU A O   1 
ATOM   716  C CB  . GLU A 1 122 ? 5.017   -11.571 -18.252 1.00 24.77 ? 136 GLU A CB  1 
ATOM   717  C CG  . GLU A 1 122 ? 5.317   -12.439 -19.448 1.00 27.08 ? 136 GLU A CG  1 
ATOM   718  C CD  . GLU A 1 122 ? 4.746   -11.868 -20.729 1.00 30.03 ? 136 GLU A CD  1 
ATOM   719  O OE1 . GLU A 1 122 ? 4.992   -10.676 -21.007 1.00 30.97 ? 136 GLU A OE1 1 
ATOM   720  O OE2 . GLU A 1 122 ? 4.056   -12.613 -21.454 1.00 31.66 ? 136 GLU A OE2 1 
ATOM   721  N N   . VAL A 1 123 ? 3.688   -13.130 -15.952 1.00 19.11 ? 137 VAL A N   1 
ATOM   722  C CA  . VAL A 1 123 ? 2.871   -14.230 -15.473 1.00 20.26 ? 137 VAL A CA  1 
ATOM   723  C C   . VAL A 1 123 ? 1.407   -13.844 -15.581 1.00 21.98 ? 137 VAL A C   1 
ATOM   724  O O   . VAL A 1 123 ? 1.040   -12.689 -15.361 1.00 21.66 ? 137 VAL A O   1 
ATOM   725  C CB  . VAL A 1 123 ? 3.198   -14.574 -13.997 1.00 19.64 ? 137 VAL A CB  1 
ATOM   726  C CG1 . VAL A 1 123 ? 2.935   -13.364 -13.106 1.00 20.89 ? 137 VAL A CG1 1 
ATOM   727  C CG2 . VAL A 1 123 ? 2.368   -15.764 -13.540 1.00 21.54 ? 137 VAL A CG2 1 
ATOM   728  N N   . ARG A 1 124 ? 0.568   -14.807 -15.939 1.00 23.08 ? 138 ARG A N   1 
ATOM   729  C CA  . ARG A 1 124 ? -0.850  -14.533 -16.064 1.00 25.53 ? 138 ARG A CA  1 
ATOM   730  C C   . ARG A 1 124 ? -1.532  -14.605 -14.707 1.00 25.98 ? 138 ARG A C   1 
ATOM   731  O O   . ARG A 1 124 ? -1.457  -15.620 -14.012 1.00 26.91 ? 138 ARG A O   1 
ATOM   732  C CB  . ARG A 1 124 ? -1.507  -15.521 -17.031 1.00 27.10 ? 138 ARG A CB  1 
ATOM   733  C CG  . ARG A 1 124 ? -3.027  -15.471 -17.007 1.00 29.51 ? 138 ARG A CG  1 
ATOM   734  C CD  . ARG A 1 124 ? -3.658  -16.213 -18.180 1.00 31.69 ? 138 ARG A CD  1 
ATOM   735  N NE  . ARG A 1 124 ? -3.672  -15.407 -19.398 1.00 33.85 ? 138 ARG A NE  1 
ATOM   736  C CZ  . ARG A 1 124 ? -2.621  -15.214 -20.189 1.00 34.75 ? 138 ARG A CZ  1 
ATOM   737  N NH1 . ARG A 1 124 ? -1.455  -15.777 -19.902 1.00 36.84 ? 138 ARG A NH1 1 
ATOM   738  N NH2 . ARG A 1 124 ? -2.737  -14.451 -21.268 1.00 34.61 ? 138 ARG A NH2 1 
ATOM   739  N N   . LEU A 1 125 ? -2.181  -13.508 -14.332 1.00 26.70 ? 139 LEU A N   1 
ATOM   740  C CA  . LEU A 1 125 ? -2.897  -13.426 -13.069 1.00 28.22 ? 139 LEU A CA  1 
ATOM   741  C C   . LEU A 1 125 ? -4.378  -13.268 -13.394 1.00 29.10 ? 139 LEU A C   1 
ATOM   742  O O   . LEU A 1 125 ? -4.745  -13.040 -14.548 1.00 28.56 ? 139 LEU A O   1 
ATOM   743  C CB  . LEU A 1 125 ? -2.410  -12.221 -12.259 1.00 27.76 ? 139 LEU A CB  1 
ATOM   744  C CG  . LEU A 1 125 ? -0.920  -12.171 -11.909 1.00 29.18 ? 139 LEU A CG  1 
ATOM   745  C CD1 . LEU A 1 125 ? -0.620  -10.900 -11.125 1.00 29.12 ? 139 LEU A CD1 1 
ATOM   746  C CD2 . LEU A 1 125 ? -0.539  -13.399 -11.103 1.00 29.88 ? 139 LEU A CD2 1 
ATOM   747  N N   . PRO A 1 126 ? -5.251  -13.397 -12.384 1.00 30.28 ? 140 PRO A N   1 
ATOM   748  C CA  . PRO A 1 126 ? -6.691  -13.256 -12.619 1.00 31.55 ? 140 PRO A CA  1 
ATOM   749  C C   . PRO A 1 126 ? -7.033  -11.952 -13.339 1.00 31.51 ? 140 PRO A C   1 
ATOM   750  O O   . PRO A 1 126 ? -7.896  -11.925 -14.217 1.00 32.68 ? 140 PRO A O   1 
ATOM   751  C CB  . PRO A 1 126 ? -7.269  -13.312 -11.210 1.00 31.39 ? 140 PRO A CB  1 
ATOM   752  C CG  . PRO A 1 126 ? -6.342  -14.261 -10.521 1.00 31.81 ? 140 PRO A CG  1 
ATOM   753  C CD  . PRO A 1 126 ? -4.984  -13.780 -10.987 1.00 31.37 ? 140 PRO A CD  1 
ATOM   754  N N   . GLU A 1 127 ? -6.345  -10.877 -12.963 1.00 30.63 ? 141 GLU A N   1 
ATOM   755  C CA  . GLU A 1 127 ? -6.570  -9.566  -13.564 1.00 29.28 ? 141 GLU A CA  1 
ATOM   756  C C   . GLU A 1 127 ? -6.023  -9.492  -14.989 1.00 28.62 ? 141 GLU A C   1 
ATOM   757  O O   . GLU A 1 127 ? -6.353  -8.576  -15.742 1.00 28.61 ? 141 GLU A O   1 
ATOM   758  C CB  . GLU A 1 127 ? -5.905  -8.472  -12.720 1.00 30.13 ? 141 GLU A CB  1 
ATOM   759  C CG  . GLU A 1 127 ? -6.429  -8.339  -11.293 1.00 31.89 ? 141 GLU A CG  1 
ATOM   760  C CD  . GLU A 1 127 ? -6.181  -9.573  -10.446 1.00 33.53 ? 141 GLU A CD  1 
ATOM   761  O OE1 . GLU A 1 127 ? -5.065  -10.134 -10.513 1.00 31.33 ? 141 GLU A OE1 1 
ATOM   762  O OE2 . GLU A 1 127 ? -7.099  -9.978  -9.703  1.00 36.20 ? 141 GLU A OE2 1 
ATOM   763  N N   . GLY A 1 128 ? -5.182  -10.457 -15.350 1.00 26.14 ? 142 GLY A N   1 
ATOM   764  C CA  . GLY A 1 128 ? -4.600  -10.476 -16.679 1.00 24.04 ? 142 GLY A CA  1 
ATOM   765  C C   . GLY A 1 128 ? -3.090  -10.623 -16.634 1.00 22.00 ? 142 GLY A C   1 
ATOM   766  O O   . GLY A 1 128 ? -2.522  -10.934 -15.586 1.00 22.18 ? 142 GLY A O   1 
ATOM   767  N N   . MET A 1 129 ? -2.433  -10.403 -17.767 1.00 21.02 ? 143 MET A N   1 
ATOM   768  C CA  . MET A 1 129 ? -0.982  -10.521 -17.819 1.00 20.44 ? 143 MET A CA  1 
ATOM   769  C C   . MET A 1 129 ? -0.324  -9.470  -16.939 1.00 19.63 ? 143 MET A C   1 
ATOM   770  O O   . MET A 1 129 ? -0.715  -8.302  -16.942 1.00 18.26 ? 143 MET A O   1 
ATOM   771  C CB  . MET A 1 129 ? -0.477  -10.380 -19.257 1.00 22.65 ? 143 MET A CB  1 
ATOM   772  C CG  . MET A 1 129 ? -0.825  -11.557 -20.154 1.00 25.39 ? 143 MET A CG  1 
ATOM   773  S SD  . MET A 1 129 ? -0.335  -13.134 -19.425 1.00 29.76 ? 143 MET A SD  1 
ATOM   774  C CE  . MET A 1 129 ? 1.391   -12.823 -19.068 1.00 19.80 ? 143 MET A CE  1 
ATOM   775  N N   . ALA A 1 130 ? 0.680   -9.896  -16.185 1.00 17.22 ? 144 ALA A N   1 
ATOM   776  C CA  . ALA A 1 130 ? 1.392   -8.999  -15.293 1.00 16.54 ? 144 ALA A CA  1 
ATOM   777  C C   . ALA A 1 130 ? 2.889   -9.249  -15.343 1.00 15.95 ? 144 ALA A C   1 
ATOM   778  O O   . ALA A 1 130 ? 3.340   -10.333 -15.725 1.00 18.32 ? 144 ALA A O   1 
ATOM   779  C CB  . ALA A 1 130 ? 0.892   -9.190  -13.867 1.00 17.00 ? 144 ALA A CB  1 
ATOM   780  N N   . TRP A 1 131 ? 3.653   -8.233  -14.967 1.00 14.55 ? 145 TRP A N   1 
ATOM   781  C CA  . TRP A 1 131 ? 5.102   -8.341  -14.910 1.00 14.51 ? 145 TRP A CA  1 
ATOM   782  C C   . TRP A 1 131 ? 5.445   -8.792  -13.500 1.00 14.69 ? 145 TRP A C   1 
ATOM   783  O O   . TRP A 1 131 ? 4.838   -8.326  -12.533 1.00 13.97 ? 145 TRP A O   1 
ATOM   784  C CB  . TRP A 1 131 ? 5.769   -6.985  -15.140 1.00 16.79 ? 145 TRP A CB  1 
ATOM   785  C CG  . TRP A 1 131 ? 5.718   -6.474  -16.537 1.00 19.45 ? 145 TRP A CG  1 
ATOM   786  C CD1 . TRP A 1 131 ? 6.304   -7.031  -17.639 1.00 20.40 ? 145 TRP A CD1 1 
ATOM   787  C CD2 . TRP A 1 131 ? 5.097   -5.262  -16.981 1.00 21.35 ? 145 TRP A CD2 1 
ATOM   788  N NE1 . TRP A 1 131 ? 6.091   -6.237  -18.739 1.00 22.14 ? 145 TRP A NE1 1 
ATOM   789  C CE2 . TRP A 1 131 ? 5.354   -5.144  -18.365 1.00 22.83 ? 145 TRP A CE2 1 
ATOM   790  C CE3 . TRP A 1 131 ? 4.352   -4.262  -16.342 1.00 22.53 ? 145 TRP A CE3 1 
ATOM   791  C CZ2 . TRP A 1 131 ? 4.891   -4.063  -19.125 1.00 23.94 ? 145 TRP A CZ2 1 
ATOM   792  C CZ3 . TRP A 1 131 ? 3.891   -3.185  -17.098 1.00 23.79 ? 145 TRP A CZ3 1 
ATOM   793  C CH2 . TRP A 1 131 ? 4.164   -3.098  -18.477 1.00 24.58 ? 145 TRP A CH2 1 
ATOM   794  N N   . LYS A 1 132 ? 6.401   -9.705  -13.381 1.00 13.64 ? 146 LYS A N   1 
ATOM   795  C CA  . LYS A 1 132 ? 6.842   -10.166 -12.073 1.00 13.51 ? 146 LYS A CA  1 
ATOM   796  C C   . LYS A 1 132 ? 8.224   -9.573  -11.827 1.00 13.86 ? 146 LYS A C   1 
ATOM   797  O O   . LYS A 1 132 ? 9.181   -9.903  -12.530 1.00 14.14 ? 146 LYS A O   1 
ATOM   798  C CB  . LYS A 1 132 ? 6.937   -11.695 -12.011 1.00 11.67 ? 146 LYS A CB  1 
ATOM   799  C CG  . LYS A 1 132 ? 7.497   -12.211 -10.677 1.00 12.59 ? 146 LYS A CG  1 
ATOM   800  C CD  . LYS A 1 132 ? 7.803   -13.708 -10.716 1.00 11.63 ? 146 LYS A CD  1 
ATOM   801  C CE  . LYS A 1 132 ? 8.414   -14.185 -9.404  1.00 12.29 ? 146 LYS A CE  1 
ATOM   802  N NZ  . LYS A 1 132 ? 9.059   -15.528 -9.544  1.00 12.11 ? 146 LYS A NZ  1 
ATOM   803  N N   . LEU A 1 133 ? 8.321   -8.678  -10.850 1.00 14.07 ? 147 LEU A N   1 
ATOM   804  C CA  . LEU A 1 133 ? 9.598   -8.066  -10.512 1.00 16.56 ? 147 LEU A CA  1 
ATOM   805  C C   . LEU A 1 133 ? 10.126  -8.754  -9.262  1.00 15.71 ? 147 LEU A C   1 
ATOM   806  O O   . LEU A 1 133 ? 9.360   -9.110  -8.368  1.00 15.43 ? 147 LEU A O   1 
ATOM   807  C CB  . LEU A 1 133 ? 9.429   -6.568  -10.241 1.00 15.80 ? 147 LEU A CB  1 
ATOM   808  C CG  . LEU A 1 133 ? 8.777   -5.701  -11.322 1.00 18.36 ? 147 LEU A CG  1 
ATOM   809  C CD1 . LEU A 1 133 ? 8.752   -4.251  -10.844 1.00 17.75 ? 147 LEU A CD1 1 
ATOM   810  C CD2 . LEU A 1 133 ? 9.546   -5.817  -12.627 1.00 20.10 ? 147 LEU A CD2 1 
ATOM   811  N N   . VAL A 1 134 ? 11.437  -8.955  -9.205  1.00 17.24 ? 148 VAL A N   1 
ATOM   812  C CA  . VAL A 1 134 ? 12.046  -9.604  -8.057  1.00 18.86 ? 148 VAL A CA  1 
ATOM   813  C C   . VAL A 1 134 ? 13.260  -8.814  -7.592  1.00 20.13 ? 148 VAL A C   1 
ATOM   814  O O   . VAL A 1 134 ? 13.932  -8.167  -8.393  1.00 20.36 ? 148 VAL A O   1 
ATOM   815  C CB  . VAL A 1 134 ? 12.465  -11.056 -8.395  1.00 19.57 ? 148 VAL A CB  1 
ATOM   816  C CG1 . VAL A 1 134 ? 11.233  -11.885 -8.712  1.00 20.25 ? 148 VAL A CG1 1 
ATOM   817  C CG2 . VAL A 1 134 ? 13.417  -11.069 -9.579  1.00 20.68 ? 148 VAL A CG2 1 
ATOM   818  N N   . GLY A 1 135 ? 13.532  -8.863  -6.294  1.00 23.61 ? 149 GLY A N   1 
ATOM   819  C CA  . GLY A 1 135 ? 14.672  -8.140  -5.759  1.00 26.47 ? 149 GLY A CA  1 
ATOM   820  C C   . GLY A 1 135 ? 15.118  -8.664  -4.410  1.00 29.04 ? 149 GLY A C   1 
ATOM   821  O O   . GLY A 1 135 ? 14.304  -9.123  -3.611  1.00 27.57 ? 149 GLY A O   1 
ATOM   822  N N   . ARG A 1 136 ? 16.420  -8.597  -4.159  1.00 31.34 ? 150 ARG A N   1 
ATOM   823  C CA  . ARG A 1 136 ? 16.977  -9.066  -2.898  1.00 34.98 ? 150 ARG A CA  1 
ATOM   824  C C   . ARG A 1 136 ? 17.073  -7.904  -1.917  1.00 36.65 ? 150 ARG A C   1 
ATOM   825  O O   . ARG A 1 136 ? 17.197  -6.749  -2.322  1.00 37.52 ? 150 ARG A O   1 
ATOM   826  C CB  . ARG A 1 136 ? 18.366  -9.665  -3.131  1.00 36.97 ? 150 ARG A CB  1 
ATOM   827  C CG  . ARG A 1 136 ? 18.940  -10.397 -1.931  1.00 40.24 ? 150 ARG A CG  1 
ATOM   828  C CD  . ARG A 1 136 ? 20.343  -10.932 -2.202  1.00 42.51 ? 150 ARG A CD  1 
ATOM   829  N NE  . ARG A 1 136 ? 20.403  -11.797 -3.380  1.00 44.60 ? 150 ARG A NE  1 
ATOM   830  C CZ  . ARG A 1 136 ? 20.528  -11.360 -4.630  1.00 45.37 ? 150 ARG A CZ  1 
ATOM   831  N NH1 . ARG A 1 136 ? 20.612  -10.060 -4.880  1.00 45.82 ? 150 ARG A NH1 1 
ATOM   832  N NH2 . ARG A 1 136 ? 20.567  -12.226 -5.634  1.00 46.09 ? 150 ARG A NH2 1 
ATOM   833  N N   . SER A 1 137 ? 17.010  -8.220  -0.626  1.00 39.00 ? 151 SER A N   1 
ATOM   834  C CA  . SER A 1 137 ? 17.092  -7.215  0.429   1.00 41.22 ? 151 SER A CA  1 
ATOM   835  C C   . SER A 1 137 ? 15.927  -6.236  0.385   1.00 41.97 ? 151 SER A C   1 
ATOM   836  O O   . SER A 1 137 ? 15.265  -6.075  1.431   1.00 43.37 ? 151 SER A O   1 
ATOM   837  C CB  . SER A 1 137 ? 18.414  -6.447  0.333   1.00 41.16 ? 151 SER A CB  1 
ATOM   838  O OG  . SER A 1 137 ? 19.515  -7.311  0.543   1.00 42.12 ? 151 SER A OG  1 
ATOM   839  N N   . GLN A 1 141 ? 14.853  -4.615  5.564   1.00 39.57 ? 155 GLN A N   1 
ATOM   840  C CA  . GLN A 1 141 ? 15.872  -5.311  6.401   1.00 39.54 ? 155 GLN A CA  1 
ATOM   841  C C   . GLN A 1 141 ? 15.232  -6.456  7.180   1.00 38.88 ? 155 GLN A C   1 
ATOM   842  O O   . GLN A 1 141 ? 15.927  -7.262  7.804   1.00 39.83 ? 155 GLN A O   1 
ATOM   843  C CB  . GLN A 1 141 ? 16.518  -4.317  7.371   1.00 40.75 ? 155 GLN A CB  1 
ATOM   844  C CG  . GLN A 1 141 ? 17.651  -4.897  8.205   1.00 41.62 ? 155 GLN A CG  1 
ATOM   845  C CD  . GLN A 1 141 ? 18.759  -5.485  7.353   1.00 42.65 ? 155 GLN A CD  1 
ATOM   846  O OE1 . GLN A 1 141 ? 19.316  -4.812  6.485   1.00 42.72 ? 155 GLN A OE1 1 
ATOM   847  N NE2 . GLN A 1 141 ? 19.087  -6.748  7.600   1.00 43.01 ? 155 GLN A NE2 1 
ATOM   848  N N   . GLY A 1 142 ? 13.905  -6.527  7.134   1.00 37.42 ? 156 GLY A N   1 
ATOM   849  C CA  . GLY A 1 142 ? 13.193  -7.577  7.838   1.00 34.69 ? 156 GLY A CA  1 
ATOM   850  C C   . GLY A 1 142 ? 12.826  -8.746  6.943   1.00 33.27 ? 156 GLY A C   1 
ATOM   851  O O   . GLY A 1 142 ? 12.075  -9.633  7.347   1.00 33.23 ? 156 GLY A O   1 
ATOM   852  N N   . PHE A 1 143 ? 13.357  -8.748  5.724   1.00 31.06 ? 157 PHE A N   1 
ATOM   853  C CA  . PHE A 1 143 ? 13.085  -9.817  4.769   1.00 29.01 ? 157 PHE A CA  1 
ATOM   854  C C   . PHE A 1 143 ? 14.284  -9.993  3.844   1.00 28.17 ? 157 PHE A C   1 
ATOM   855  O O   . PHE A 1 143 ? 15.115  -9.094  3.717   1.00 28.38 ? 157 PHE A O   1 
ATOM   856  C CB  . PHE A 1 143 ? 11.827  -9.489  3.956   1.00 28.24 ? 157 PHE A CB  1 
ATOM   857  C CG  . PHE A 1 143 ? 11.965  -8.269  3.091   1.00 27.17 ? 157 PHE A CG  1 
ATOM   858  C CD1 . PHE A 1 143 ? 12.370  -8.381  1.764   1.00 26.54 ? 157 PHE A CD1 1 
ATOM   859  C CD2 . PHE A 1 143 ? 11.698  -7.004  3.606   1.00 27.95 ? 157 PHE A CD2 1 
ATOM   860  C CE1 . PHE A 1 143 ? 12.506  -7.252  0.961   1.00 26.64 ? 157 PHE A CE1 1 
ATOM   861  C CE2 . PHE A 1 143 ? 11.833  -5.867  2.810   1.00 27.38 ? 157 PHE A CE2 1 
ATOM   862  C CZ  . PHE A 1 143 ? 12.237  -5.992  1.485   1.00 28.04 ? 157 PHE A CZ  1 
ATOM   863  N N   . ALA A 1 144 ? 14.374  -11.151 3.198   1.00 26.55 ? 158 ALA A N   1 
ATOM   864  C CA  . ALA A 1 144 ? 15.492  -11.437 2.308   1.00 25.72 ? 158 ALA A CA  1 
ATOM   865  C C   . ALA A 1 144 ? 15.241  -11.031 0.862   1.00 24.86 ? 158 ALA A C   1 
ATOM   866  O O   . ALA A 1 144 ? 16.159  -10.602 0.161   1.00 25.92 ? 158 ALA A O   1 
ATOM   867  C CB  . ALA A 1 144 ? 15.838  -12.920 2.376   1.00 24.36 ? 158 ALA A CB  1 
ATOM   868  N N   . ALA A 1 145 ? 13.998  -11.166 0.413   1.00 23.59 ? 159 ALA A N   1 
ATOM   869  C CA  . ALA A 1 145 ? 13.659  -10.822 -0.960  1.00 21.27 ? 159 ALA A CA  1 
ATOM   870  C C   . ALA A 1 145 ? 12.170  -10.555 -1.108  1.00 20.55 ? 159 ALA A C   1 
ATOM   871  O O   . ALA A 1 145 ? 11.384  -10.851 -0.209  1.00 19.68 ? 159 ALA A O   1 
ATOM   872  C CB  . ALA A 1 145 ? 14.080  -11.950 -1.895  1.00 21.97 ? 159 ALA A CB  1 
ATOM   873  N N   . MET A 1 146 ? 11.788  -9.994  -2.249  1.00 19.77 ? 160 MET A N   1 
ATOM   874  C CA  . MET A 1 146 ? 10.388  -9.698  -2.494  1.00 19.55 ? 160 MET A CA  1 
ATOM   875  C C   . MET A 1 146 ? 10.002  -9.881  -3.950  1.00 18.57 ? 160 MET A C   1 
ATOM   876  O O   . MET A 1 146 ? 10.849  -9.872  -4.848  1.00 16.28 ? 160 MET A O   1 
ATOM   877  C CB  . MET A 1 146 ? 10.063  -8.265  -2.070  1.00 22.67 ? 160 MET A CB  1 
ATOM   878  C CG  . MET A 1 146 ? 10.613  -7.200  -3.004  1.00 25.18 ? 160 MET A CG  1 
ATOM   879  S SD  . MET A 1 146 ? 10.095  -5.531  -2.547  1.00 30.39 ? 160 MET A SD  1 
ATOM   880  C CE  . MET A 1 146 ? 8.439   -5.490  -3.193  1.00 26.16 ? 160 MET A CE  1 
ATOM   881  N N   . GLU A 1 147 ? 8.705   -10.062 -4.162  1.00 15.21 ? 161 GLU A N   1 
ATOM   882  C CA  . GLU A 1 147 ? 8.138   -10.208 -5.491  1.00 14.33 ? 161 GLU A CA  1 
ATOM   883  C C   . GLU A 1 147 ? 7.117   -9.086  -5.603  1.00 13.22 ? 161 GLU A C   1 
ATOM   884  O O   . GLU A 1 147 ? 6.338   -8.860  -4.676  1.00 13.91 ? 161 GLU A O   1 
ATOM   885  C CB  . GLU A 1 147 ? 7.430   -11.560 -5.638  1.00 13.57 ? 161 GLU A CB  1 
ATOM   886  C CG  . GLU A 1 147 ? 8.336   -12.768 -5.434  1.00 14.22 ? 161 GLU A CG  1 
ATOM   887  C CD  . GLU A 1 147 ? 7.580   -14.085 -5.449  1.00 15.49 ? 161 GLU A CD  1 
ATOM   888  O OE1 . GLU A 1 147 ? 6.330   -14.069 -5.500  1.00 13.86 ? 161 GLU A OE1 1 
ATOM   889  O OE2 . GLU A 1 147 ? 8.239   -15.145 -5.403  1.00 14.19 ? 161 GLU A OE2 1 
ATOM   890  N N   . LEU A 1 148 ? 7.139   -8.372  -6.722  1.00 12.82 ? 162 LEU A N   1 
ATOM   891  C CA  . LEU A 1 148 ? 6.192   -7.290  -6.964  1.00 12.67 ? 162 LEU A CA  1 
ATOM   892  C C   . LEU A 1 148 ? 5.550   -7.563  -8.316  1.00 11.74 ? 162 LEU A C   1 
ATOM   893  O O   . LEU A 1 148 ? 6.239   -7.660  -9.328  1.00 13.59 ? 162 LEU A O   1 
ATOM   894  C CB  . LEU A 1 148 ? 6.905   -5.932  -6.990  1.00 12.57 ? 162 LEU A CB  1 
ATOM   895  C CG  . LEU A 1 148 ? 6.033   -4.720  -7.357  1.00 12.08 ? 162 LEU A CG  1 
ATOM   896  C CD1 . LEU A 1 148 ? 4.855   -4.613  -6.393  1.00 12.06 ? 162 LEU A CD1 1 
ATOM   897  C CD2 . LEU A 1 148 ? 6.867   -3.445  -7.310  1.00 15.00 ? 162 LEU A CD2 1 
ATOM   898  N N   . TYR A 1 149 ? 4.228   -7.700  -8.324  1.00 9.95  ? 163 TYR A N   1 
ATOM   899  C CA  . TYR A 1 149 ? 3.487   -7.979  -9.550  1.00 9.72  ? 163 TYR A CA  1 
ATOM   900  C C   . TYR A 1 149 ? 2.770   -6.730  -10.038 1.00 11.26 ? 163 TYR A C   1 
ATOM   901  O O   . TYR A 1 149 ? 2.016   -6.100  -9.290  1.00 11.98 ? 163 TYR A O   1 
ATOM   902  C CB  . TYR A 1 149 ? 2.492   -9.110  -9.291  1.00 10.12 ? 163 TYR A CB  1 
ATOM   903  C CG  . TYR A 1 149 ? 3.170   -10.406 -8.909  1.00 9.67  ? 163 TYR A CG  1 
ATOM   904  C CD1 . TYR A 1 149 ? 3.552   -11.327 -9.882  1.00 10.79 ? 163 TYR A CD1 1 
ATOM   905  C CD2 . TYR A 1 149 ? 3.468   -10.693 -7.578  1.00 9.76  ? 163 TYR A CD2 1 
ATOM   906  C CE1 . TYR A 1 149 ? 4.215   -12.507 -9.538  1.00 11.19 ? 163 TYR A CE1 1 
ATOM   907  C CE2 . TYR A 1 149 ? 4.130   -11.866 -7.223  1.00 11.50 ? 163 TYR A CE2 1 
ATOM   908  C CZ  . TYR A 1 149 ? 4.500   -12.767 -8.210  1.00 10.28 ? 163 TYR A CZ  1 
ATOM   909  O OH  . TYR A 1 149 ? 5.155   -13.928 -7.868  1.00 12.83 ? 163 TYR A OH  1 
ATOM   910  N N   . ILE A 1 150 ? 3.015   -6.382  -11.300 1.00 11.16 ? 164 ILE A N   1 
ATOM   911  C CA  . ILE A 1 150 ? 2.434   -5.195  -11.920 1.00 12.63 ? 164 ILE A CA  1 
ATOM   912  C C   . ILE A 1 150 ? 1.578   -5.550  -13.133 1.00 11.46 ? 164 ILE A C   1 
ATOM   913  O O   . ILE A 1 150 ? 2.054   -6.195  -14.071 1.00 13.76 ? 164 ILE A O   1 
ATOM   914  C CB  . ILE A 1 150 ? 3.546   -4.226  -12.393 1.00 12.27 ? 164 ILE A CB  1 
ATOM   915  C CG1 . ILE A 1 150 ? 4.482   -3.881  -11.227 1.00 13.27 ? 164 ILE A CG1 1 
ATOM   916  C CG2 . ILE A 1 150 ? 2.925   -2.973  -13.009 1.00 13.47 ? 164 ILE A CG2 1 
ATOM   917  C CD1 . ILE A 1 150 ? 3.802   -3.177  -10.055 1.00 13.64 ? 164 ILE A CD1 1 
ATOM   918  N N   . LEU A 1 151 ? 0.315   -5.126  -13.113 1.00 11.81 ? 165 LEU A N   1 
ATOM   919  C CA  . LEU A 1 151 ? -0.597  -5.380  -14.225 1.00 12.33 ? 165 LEU A CA  1 
ATOM   920  C C   . LEU A 1 151 ? -0.029  -4.681  -15.464 1.00 14.57 ? 165 LEU A C   1 
ATOM   921  O O   . LEU A 1 151 ? 0.352   -3.514  -15.402 1.00 14.35 ? 165 LEU A O   1 
ATOM   922  C CB  . LEU A 1 151 ? -1.991  -4.823  -13.899 1.00 14.14 ? 165 LEU A CB  1 
ATOM   923  C CG  . LEU A 1 151 ? -3.098  -5.028  -14.940 1.00 14.92 ? 165 LEU A CG  1 
ATOM   924  C CD1 . LEU A 1 151 ? -3.367  -6.509  -15.125 1.00 17.14 ? 165 LEU A CD1 1 
ATOM   925  C CD2 . LEU A 1 151 ? -4.368  -4.323  -14.481 1.00 15.81 ? 165 LEU A CD2 1 
ATOM   926  N N   . LYS A 1 152 ? 0.035   -5.390  -16.588 1.00 16.74 ? 166 LYS A N   1 
ATOM   927  C CA  . LYS A 1 152 ? 0.585   -4.807  -17.815 1.00 18.26 ? 166 LYS A CA  1 
ATOM   928  C C   . LYS A 1 152 ? -0.340  -3.843  -18.560 1.00 18.65 ? 166 LYS A C   1 
ATOM   929  O O   . LYS A 1 152 ? 0.080   -2.748  -18.932 1.00 19.57 ? 166 LYS A O   1 
ATOM   930  C CB  . LYS A 1 152 ? 1.026   -5.916  -18.779 1.00 20.34 ? 166 LYS A CB  1 
ATOM   931  C CG  . LYS A 1 152 ? 2.225   -6.723  -18.297 1.00 23.03 ? 166 LYS A CG  1 
ATOM   932  C CD  . LYS A 1 152 ? 2.631   -7.795  -19.306 1.00 26.53 ? 166 LYS A CD  1 
ATOM   933  C CE  . LYS A 1 152 ? 3.113   -7.190  -20.616 1.00 28.22 ? 166 LYS A CE  1 
ATOM   934  N NZ  . LYS A 1 152 ? 3.503   -8.240  -21.602 1.00 30.60 ? 166 LYS A NZ  1 
ATOM   935  N N   . ALA A 1 153 ? -1.587  -4.252  -18.774 1.00 19.79 ? 167 ALA A N   1 
ATOM   936  C CA  . ALA A 1 153 ? -2.560  -3.438  -19.507 1.00 21.40 ? 167 ALA A CA  1 
ATOM   937  C C   . ALA A 1 153 ? -2.845  -2.074  -18.884 1.00 22.46 ? 167 ALA A C   1 
ATOM   938  O O   . ALA A 1 153 ? -3.066  -1.093  -19.595 1.00 23.98 ? 167 ALA A O   1 
ATOM   939  C CB  . ALA A 1 153 ? -3.859  -4.216  -19.666 1.00 21.76 ? 167 ALA A CB  1 
ATOM   940  N N   . ASP A 1 154 ? -2.854  -2.022  -17.558 1.00 21.81 ? 168 ASP A N   1 
ATOM   941  C CA  . ASP A 1 154 ? -3.106  -0.784  -16.826 1.00 20.82 ? 168 ASP A CA  1 
ATOM   942  C C   . ASP A 1 154 ? -2.121  -0.804  -15.662 1.00 20.05 ? 168 ASP A C   1 
ATOM   943  O O   . ASP A 1 154 ? -2.474  -1.167  -14.541 1.00 19.07 ? 168 ASP A O   1 
ATOM   944  C CB  . ASP A 1 154 ? -4.557  -0.762  -16.329 1.00 23.39 ? 168 ASP A CB  1 
ATOM   945  C CG  . ASP A 1 154 ? -4.903  0.508   -15.571 1.00 23.59 ? 168 ASP A CG  1 
ATOM   946  O OD1 . ASP A 1 154 ? -4.414  1.589   -15.957 1.00 25.04 ? 168 ASP A OD1 1 
ATOM   947  O OD2 . ASP A 1 154 ? -5.680  0.426   -14.597 1.00 27.06 ? 168 ASP A OD2 1 
ATOM   948  N N   . PRO A 1 155 ? -0.862  -0.416  -15.927 1.00 18.34 ? 169 PRO A N   1 
ATOM   949  C CA  . PRO A 1 155 ? 0.239   -0.376  -14.959 1.00 16.88 ? 169 PRO A CA  1 
ATOM   950  C C   . PRO A 1 155 ? -0.096  0.059   -13.539 1.00 16.21 ? 169 PRO A C   1 
ATOM   951  O O   . PRO A 1 155 ? -0.256  1.246   -13.259 1.00 16.43 ? 169 PRO A O   1 
ATOM   952  C CB  . PRO A 1 155 ? 1.247   0.550   -15.627 1.00 20.23 ? 169 PRO A CB  1 
ATOM   953  C CG  . PRO A 1 155 ? 1.068   0.212   -17.069 1.00 19.12 ? 169 PRO A CG  1 
ATOM   954  C CD  . PRO A 1 155 ? -0.436  0.180   -17.209 1.00 19.50 ? 169 PRO A CD  1 
ATOM   955  N N   . ARG A 1 156 ? -0.186  -0.925  -12.650 1.00 15.08 ? 170 ARG A N   1 
ATOM   956  C CA  . ARG A 1 156 ? -0.475  -0.695  -11.240 1.00 13.74 ? 170 ARG A CA  1 
ATOM   957  C C   . ARG A 1 156 ? -0.132  -1.979  -10.491 1.00 11.99 ? 170 ARG A C   1 
ATOM   958  O O   . ARG A 1 156 ? -0.148  -3.068  -11.070 1.00 11.43 ? 170 ARG A O   1 
ATOM   959  C CB  . ARG A 1 156 ? -1.951  -0.329  -11.039 1.00 13.63 ? 170 ARG A CB  1 
ATOM   960  C CG  . ARG A 1 156 ? -2.953  -1.424  -11.367 1.00 12.98 ? 170 ARG A CG  1 
ATOM   961  C CD  . ARG A 1 156 ? -4.372  -0.855  -11.377 1.00 12.88 ? 170 ARG A CD  1 
ATOM   962  N NE  . ARG A 1 156 ? -5.389  -1.872  -11.633 1.00 15.18 ? 170 ARG A NE  1 
ATOM   963  C CZ  . ARG A 1 156 ? -5.774  -2.794  -10.753 1.00 16.53 ? 170 ARG A CZ  1 
ATOM   964  N NH1 . ARG A 1 156 ? -5.231  -2.836  -9.545  1.00 14.47 ? 170 ARG A NH1 1 
ATOM   965  N NH2 . ARG A 1 156 ? -6.706  -3.679  -11.086 1.00 19.67 ? 170 ARG A NH2 1 
ATOM   966  N N   . PRO A 1 157 ? 0.199   -1.867  -9.196  1.00 12.40 ? 171 PRO A N   1 
ATOM   967  C CA  . PRO A 1 157 ? 0.553   -3.037  -8.389  1.00 11.29 ? 171 PRO A CA  1 
ATOM   968  C C   . PRO A 1 157 ? -0.628  -3.956  -8.116  1.00 11.57 ? 171 PRO A C   1 
ATOM   969  O O   . PRO A 1 157 ? -1.745  -3.501  -7.865  1.00 11.44 ? 171 PRO A O   1 
ATOM   970  C CB  . PRO A 1 157 ? 1.100   -2.427  -7.095  1.00 12.20 ? 171 PRO A CB  1 
ATOM   971  C CG  . PRO A 1 157 ? 1.457   -1.009  -7.477  1.00 17.40 ? 171 PRO A CG  1 
ATOM   972  C CD  . PRO A 1 157 ? 0.352   -0.631  -8.414  1.00 13.84 ? 171 PRO A CD  1 
ATOM   973  N N   . LEU A 1 158 ? -0.374  -5.257  -8.161  1.00 9.85  ? 172 LEU A N   1 
ATOM   974  C CA  . LEU A 1 158 ? -1.420  -6.230  -7.899  1.00 8.35  ? 172 LEU A CA  1 
ATOM   975  C C   . LEU A 1 158 ? -1.095  -7.086  -6.688  1.00 7.77  ? 172 LEU A C   1 
ATOM   976  O O   . LEU A 1 158 ? -2.000  -7.588  -6.018  1.00 9.40  ? 172 LEU A O   1 
ATOM   977  C CB  . LEU A 1 158 ? -1.611  -7.160  -9.100  1.00 11.53 ? 172 LEU A CB  1 
ATOM   978  C CG  . LEU A 1 158 ? -2.180  -6.581  -10.391 1.00 11.62 ? 172 LEU A CG  1 
ATOM   979  C CD1 . LEU A 1 158 ? -2.199  -7.663  -11.463 1.00 14.08 ? 172 LEU A CD1 1 
ATOM   980  C CD2 . LEU A 1 158 ? -3.582  -6.054  -10.134 1.00 13.53 ? 172 LEU A CD2 1 
ATOM   981  N N   . ARG A 1 159 ? 0.193   -7.247  -6.401  1.00 9.40  ? 173 ARG A N   1 
ATOM   982  C CA  . ARG A 1 159 ? 0.594   -8.116  -5.303  1.00 9.75  ? 173 ARG A CA  1 
ATOM   983  C C   . ARG A 1 159 ? 2.029   -7.880  -4.841  1.00 10.44 ? 173 ARG A C   1 
ATOM   984  O O   . ARG A 1 159 ? 2.921   -7.638  -5.654  1.00 11.22 ? 173 ARG A O   1 
ATOM   985  C CB  . ARG A 1 159 ? 0.432   -9.571  -5.763  1.00 10.10 ? 173 ARG A CB  1 
ATOM   986  C CG  . ARG A 1 159 ? 0.632   -10.637 -4.707  1.00 8.05  ? 173 ARG A CG  1 
ATOM   987  C CD  . ARG A 1 159 ? 0.519   -12.007 -5.356  1.00 8.14  ? 173 ARG A CD  1 
ATOM   988  N NE  . ARG A 1 159 ? 0.507   -13.097 -4.387  1.00 9.11  ? 173 ARG A NE  1 
ATOM   989  C CZ  . ARG A 1 159 ? 0.479   -14.381 -4.727  1.00 10.82 ? 173 ARG A CZ  1 
ATOM   990  N NH1 . ARG A 1 159 ? 0.460   -14.725 -6.009  1.00 13.26 ? 173 ARG A NH1 1 
ATOM   991  N NH2 . ARG A 1 159 ? 0.469   -15.320 -3.789  1.00 12.03 ? 173 ARG A NH2 1 
ATOM   992  N N   . PHE A 1 160 ? 2.234   -7.951  -3.528  1.00 10.28 ? 174 PHE A N   1 
ATOM   993  C CA  . PHE A 1 160 ? 3.552   -7.780  -2.921  1.00 11.02 ? 174 PHE A CA  1 
ATOM   994  C C   . PHE A 1 160 ? 3.809   -9.022  -2.077  1.00 10.43 ? 174 PHE A C   1 
ATOM   995  O O   . PHE A 1 160 ? 2.986   -9.381  -1.234  1.00 11.02 ? 174 PHE A O   1 
ATOM   996  C CB  . PHE A 1 160 ? 3.581   -6.558  -1.993  1.00 11.37 ? 174 PHE A CB  1 
ATOM   997  C CG  . PHE A 1 160 ? 3.265   -5.253  -2.673  1.00 14.61 ? 174 PHE A CG  1 
ATOM   998  C CD1 . PHE A 1 160 ? 4.273   -4.330  -2.934  1.00 14.80 ? 174 PHE A CD1 1 
ATOM   999  C CD2 . PHE A 1 160 ? 1.954   -4.929  -3.010  1.00 15.56 ? 174 PHE A CD2 1 
ATOM   1000 C CE1 . PHE A 1 160 ? 3.978   -3.098  -3.519  1.00 16.89 ? 174 PHE A CE1 1 
ATOM   1001 C CE2 . PHE A 1 160 ? 1.650   -3.698  -3.597  1.00 17.02 ? 174 PHE A CE2 1 
ATOM   1002 C CZ  . PHE A 1 160 ? 2.663   -2.783  -3.850  1.00 15.60 ? 174 PHE A CZ  1 
ATOM   1003 N N   . VAL A 1 161 ? 4.948   -9.673  -2.294  1.00 10.41 ? 175 VAL A N   1 
ATOM   1004 C CA  . VAL A 1 161 ? 5.288   -10.872 -1.533  1.00 11.91 ? 175 VAL A CA  1 
ATOM   1005 C C   . VAL A 1 161 ? 6.682   -10.726 -0.942  1.00 12.12 ? 175 VAL A C   1 
ATOM   1006 O O   . VAL A 1 161 ? 7.648   -10.505 -1.668  1.00 13.69 ? 175 VAL A O   1 
ATOM   1007 C CB  . VAL A 1 161 ? 5.273   -12.139 -2.420  1.00 12.69 ? 175 VAL A CB  1 
ATOM   1008 C CG1 . VAL A 1 161 ? 5.509   -13.368 -1.558  1.00 13.51 ? 175 VAL A CG1 1 
ATOM   1009 C CG2 . VAL A 1 161 ? 3.946   -12.259 -3.152  1.00 11.43 ? 175 VAL A CG2 1 
ATOM   1010 N N   . PHE A 1 162 ? 6.775   -10.849 0.377   1.00 13.61 ? 176 PHE A N   1 
ATOM   1011 C CA  . PHE A 1 162 ? 8.049   -10.733 1.082   1.00 14.32 ? 176 PHE A CA  1 
ATOM   1012 C C   . PHE A 1 162 ? 8.477   -12.108 1.580   1.00 14.65 ? 176 PHE A C   1 
ATOM   1013 O O   . PHE A 1 162 ? 7.700   -12.813 2.224   1.00 15.24 ? 176 PHE A O   1 
ATOM   1014 C CB  . PHE A 1 162 ? 7.895   -9.754  2.248   1.00 16.92 ? 176 PHE A CB  1 
ATOM   1015 C CG  . PHE A 1 162 ? 7.560   -8.358  1.812   1.00 16.78 ? 176 PHE A CG  1 
ATOM   1016 C CD1 . PHE A 1 162 ? 8.568   -7.463  1.465   1.00 18.35 ? 176 PHE A CD1 1 
ATOM   1017 C CD2 . PHE A 1 162 ? 6.233   -7.956  1.687   1.00 17.97 ? 176 PHE A CD2 1 
ATOM   1018 C CE1 . PHE A 1 162 ? 8.261   -6.188  0.994   1.00 18.97 ? 176 PHE A CE1 1 
ATOM   1019 C CE2 . PHE A 1 162 ? 5.913   -6.683  1.217   1.00 18.59 ? 176 PHE A CE2 1 
ATOM   1020 C CZ  . PHE A 1 162 ? 6.931   -5.797  0.869   1.00 16.96 ? 176 PHE A CZ  1 
ATOM   1021 N N   . LEU A 1 163 ? 9.718   -12.479 1.277   1.00 16.25 ? 177 LEU A N   1 
ATOM   1022 C CA  . LEU A 1 163 ? 10.250  -13.787 1.649   1.00 18.07 ? 177 LEU A CA  1 
ATOM   1023 C C   . LEU A 1 163 ? 11.461  -13.712 2.574   1.00 19.21 ? 177 LEU A C   1 
ATOM   1024 O O   . LEU A 1 163 ? 12.230  -12.756 2.522   1.00 19.15 ? 177 LEU A O   1 
ATOM   1025 C CB  . LEU A 1 163 ? 10.666  -14.542 0.386   1.00 17.06 ? 177 LEU A CB  1 
ATOM   1026 C CG  . LEU A 1 163 ? 9.688   -14.568 -0.791  1.00 17.48 ? 177 LEU A CG  1 
ATOM   1027 C CD1 . LEU A 1 163 ? 10.384  -15.154 -2.010  1.00 17.76 ? 177 LEU A CD1 1 
ATOM   1028 C CD2 . LEU A 1 163 ? 8.456   -15.371 -0.427  1.00 14.95 ? 177 LEU A CD2 1 
ATOM   1029 N N   . ASP A 1 164 ? 11.636  -14.731 3.411   1.00 21.62 ? 178 ASP A N   1 
ATOM   1030 C CA  . ASP A 1 164 ? 12.793  -14.758 4.298   1.00 22.89 ? 178 ASP A CA  1 
ATOM   1031 C C   . ASP A 1 164 ? 13.925  -15.489 3.579   1.00 24.72 ? 178 ASP A C   1 
ATOM   1032 O O   . ASP A 1 164 ? 13.822  -15.781 2.386   1.00 23.60 ? 178 ASP A O   1 
ATOM   1033 C CB  . ASP A 1 164 ? 12.466  -15.442 5.638   1.00 23.71 ? 178 ASP A CB  1 
ATOM   1034 C CG  . ASP A 1 164 ? 12.207  -16.935 5.507   1.00 22.93 ? 178 ASP A CG  1 
ATOM   1035 O OD1 . ASP A 1 164 ? 12.507  -17.526 4.449   1.00 23.36 ? 178 ASP A OD1 1 
ATOM   1036 O OD2 . ASP A 1 164 ? 11.712  -17.528 6.490   1.00 26.63 ? 178 ASP A OD2 1 
ATOM   1037 N N   . GLU A 1 165 ? 14.998  -15.784 4.307   1.00 26.42 ? 179 GLU A N   1 
ATOM   1038 C CA  . GLU A 1 165 ? 16.163  -16.465 3.745   1.00 29.31 ? 179 GLU A CA  1 
ATOM   1039 C C   . GLU A 1 165 ? 15.872  -17.817 3.092   1.00 28.46 ? 179 GLU A C   1 
ATOM   1040 O O   . GLU A 1 165 ? 16.488  -18.168 2.083   1.00 28.66 ? 179 GLU A O   1 
ATOM   1041 C CB  . GLU A 1 165 ? 17.223  -16.660 4.834   1.00 31.80 ? 179 GLU A CB  1 
ATOM   1042 C CG  . GLU A 1 165 ? 17.703  -15.374 5.492   1.00 36.68 ? 179 GLU A CG  1 
ATOM   1043 C CD  . GLU A 1 165 ? 18.391  -14.437 4.518   1.00 39.04 ? 179 GLU A CD  1 
ATOM   1044 O OE1 . GLU A 1 165 ? 19.344  -14.877 3.840   1.00 41.14 ? 179 GLU A OE1 1 
ATOM   1045 O OE2 . GLU A 1 165 ? 17.984  -13.261 4.434   1.00 41.00 ? 179 GLU A OE2 1 
ATOM   1046 N N   . LYS A 1 166 ? 14.946  -18.575 3.672   1.00 28.14 ? 180 LYS A N   1 
ATOM   1047 C CA  . LYS A 1 166 ? 14.598  -19.897 3.151   1.00 27.96 ? 180 LYS A CA  1 
ATOM   1048 C C   . LYS A 1 166 ? 13.542  -19.855 2.050   1.00 26.84 ? 180 LYS A C   1 
ATOM   1049 O O   . LYS A 1 166 ? 13.192  -20.887 1.477   1.00 26.68 ? 180 LYS A O   1 
ATOM   1050 C CB  . LYS A 1 166 ? 14.100  -20.792 4.290   1.00 30.39 ? 180 LYS A CB  1 
ATOM   1051 C CG  . LYS A 1 166 ? 15.119  -21.038 5.395   1.00 33.65 ? 180 LYS A CG  1 
ATOM   1052 C CD  . LYS A 1 166 ? 16.330  -21.801 4.879   1.00 36.13 ? 180 LYS A CD  1 
ATOM   1053 C CE  . LYS A 1 166 ? 17.312  -22.102 6.002   1.00 37.19 ? 180 LYS A CE  1 
ATOM   1054 N NZ  . LYS A 1 166 ? 18.508  -22.837 5.508   1.00 39.57 ? 180 LYS A NZ  1 
ATOM   1055 N N   . GLY A 1 167 ? 13.037  -18.662 1.753   1.00 24.87 ? 181 GLY A N   1 
ATOM   1056 C CA  . GLY A 1 167 ? 12.018  -18.536 0.729   1.00 23.99 ? 181 GLY A CA  1 
ATOM   1057 C C   . GLY A 1 167 ? 10.622  -18.607 1.318   1.00 22.18 ? 181 GLY A C   1 
ATOM   1058 O O   . GLY A 1 167 ? 9.631   -18.669 0.590   1.00 21.47 ? 181 GLY A O   1 
ATOM   1059 N N   . LYS A 1 168 ? 10.546  -18.603 2.647   1.00 21.77 ? 182 LYS A N   1 
ATOM   1060 C CA  . LYS A 1 168 ? 9.268   -18.660 3.350   1.00 20.82 ? 182 LYS A CA  1 
ATOM   1061 C C   . LYS A 1 168 ? 8.559   -17.312 3.255   1.00 18.96 ? 182 LYS A C   1 
ATOM   1062 O O   . LYS A 1 168 ? 9.176   -16.261 3.421   1.00 17.53 ? 182 LYS A O   1 
ATOM   1063 C CB  . LYS A 1 168 ? 9.491   -19.016 4.824   1.00 23.20 ? 182 LYS A CB  1 
ATOM   1064 C CG  . LYS A 1 168 ? 8.224   -19.021 5.665   1.00 27.62 ? 182 LYS A CG  1 
ATOM   1065 C CD  . LYS A 1 168 ? 8.549   -19.120 7.148   1.00 29.67 ? 182 LYS A CD  1 
ATOM   1066 C CE  . LYS A 1 168 ? 7.298   -18.979 8.002   1.00 32.57 ? 182 LYS A CE  1 
ATOM   1067 N NZ  . LYS A 1 168 ? 7.621   -18.949 9.457   1.00 34.19 ? 182 LYS A NZ  1 
ATOM   1068 N N   . VAL A 1 169 ? 7.259   -17.349 2.985   1.00 17.51 ? 183 VAL A N   1 
ATOM   1069 C CA  . VAL A 1 169 ? 6.478   -16.127 2.871   1.00 17.44 ? 183 VAL A CA  1 
ATOM   1070 C C   . VAL A 1 169 ? 6.233   -15.487 4.234   1.00 17.14 ? 183 VAL A C   1 
ATOM   1071 O O   . VAL A 1 169 ? 5.700   -16.120 5.145   1.00 18.93 ? 183 VAL A O   1 
ATOM   1072 C CB  . VAL A 1 169 ? 5.115   -16.398 2.199   1.00 16.46 ? 183 VAL A CB  1 
ATOM   1073 C CG1 . VAL A 1 169 ? 4.254   -15.143 2.237   1.00 17.02 ? 183 VAL A CG1 1 
ATOM   1074 C CG2 . VAL A 1 169 ? 5.330   -16.845 0.762   1.00 17.88 ? 183 VAL A CG2 1 
ATOM   1075 N N   . LEU A 1 170 ? 6.636   -14.229 4.361   1.00 17.18 ? 184 LEU A N   1 
ATOM   1076 C CA  . LEU A 1 170 ? 6.455   -13.476 5.596   1.00 17.99 ? 184 LEU A CA  1 
ATOM   1077 C C   . LEU A 1 170 ? 5.186   -12.643 5.476   1.00 17.98 ? 184 LEU A C   1 
ATOM   1078 O O   . LEU A 1 170 ? 4.462   -12.441 6.451   1.00 18.92 ? 184 LEU A O   1 
ATOM   1079 C CB  . LEU A 1 170 ? 7.656   -12.562 5.835   1.00 19.58 ? 184 LEU A CB  1 
ATOM   1080 C CG  . LEU A 1 170 ? 8.985   -13.275 6.094   1.00 21.24 ? 184 LEU A CG  1 
ATOM   1081 C CD1 . LEU A 1 170 ? 10.127  -12.273 6.069   1.00 23.02 ? 184 LEU A CD1 1 
ATOM   1082 C CD2 . LEU A 1 170 ? 8.922   -13.995 7.433   1.00 23.47 ? 184 LEU A CD2 1 
ATOM   1083 N N   . ALA A 1 171 ? 4.926   -12.162 4.263   1.00 17.04 ? 185 ALA A N   1 
ATOM   1084 C CA  . ALA A 1 171 ? 3.746   -11.355 3.990   1.00 15.03 ? 185 ALA A CA  1 
ATOM   1085 C C   . ALA A 1 171 ? 3.381   -11.495 2.520   1.00 14.64 ? 185 ALA A C   1 
ATOM   1086 O O   . ALA A 1 171 ? 4.253   -11.517 1.652   1.00 15.57 ? 185 ALA A O   1 
ATOM   1087 C CB  . ALA A 1 171 ? 4.013   -9.896  4.326   1.00 15.34 ? 185 ALA A CB  1 
ATOM   1088 N N   . ASP A 1 172 ? 2.087   -11.603 2.255   1.00 13.70 ? 186 ASP A N   1 
ATOM   1089 C CA  . ASP A 1 172 ? 1.576   -11.741 0.898   1.00 13.05 ? 186 ASP A CA  1 
ATOM   1090 C C   . ASP A 1 172 ? 0.349   -10.843 0.841   1.00 12.24 ? 186 ASP A C   1 
ATOM   1091 O O   . ASP A 1 172 ? -0.718  -11.208 1.333   1.00 14.33 ? 186 ASP A O   1 
ATOM   1092 C CB  . ASP A 1 172 ? 1.192   -13.200 0.638   1.00 13.21 ? 186 ASP A CB  1 
ATOM   1093 C CG  . ASP A 1 172 ? 0.714   -13.446 -0.781  1.00 15.28 ? 186 ASP A CG  1 
ATOM   1094 O OD1 . ASP A 1 172 ? 0.564   -12.475 -1.551  1.00 13.70 ? 186 ASP A OD1 1 
ATOM   1095 O OD2 . ASP A 1 172 ? 0.479   -14.624 -1.120  1.00 17.06 ? 186 ASP A OD2 1 
ATOM   1096 N N   . LEU A 1 173 ? 0.512   -9.662  0.254   1.00 10.93 ? 187 LEU A N   1 
ATOM   1097 C CA  . LEU A 1 173 ? -0.577  -8.698  0.168   1.00 11.57 ? 187 LEU A CA  1 
ATOM   1098 C C   . LEU A 1 173 ? -1.029  -8.474  -1.264  1.00 10.96 ? 187 LEU A C   1 
ATOM   1099 O O   . LEU A 1 173 ? -0.225  -8.159  -2.137  1.00 11.10 ? 187 LEU A O   1 
ATOM   1100 C CB  . LEU A 1 173 ? -0.140  -7.374  0.798   1.00 12.47 ? 187 LEU A CB  1 
ATOM   1101 C CG  . LEU A 1 173 ? 0.248   -7.475  2.277   1.00 16.22 ? 187 LEU A CG  1 
ATOM   1102 C CD1 . LEU A 1 173 ? 0.780   -6.140  2.761   1.00 19.19 ? 187 LEU A CD1 1 
ATOM   1103 C CD2 . LEU A 1 173 ? -0.964  -7.895  3.099   1.00 18.02 ? 187 LEU A CD2 1 
ATOM   1104 N N   . LYS A 1 174 ? -2.328  -8.622  -1.493  1.00 10.06 ? 188 LYS A N   1 
ATOM   1105 C CA  . LYS A 1 174 ? -2.883  -8.456  -2.823  1.00 11.44 ? 188 LYS A CA  1 
ATOM   1106 C C   . LYS A 1 174 ? -3.786  -7.236  -2.916  1.00 11.48 ? 188 LYS A C   1 
ATOM   1107 O O   . LYS A 1 174 ? -4.468  -6.881  -1.957  1.00 12.16 ? 188 LYS A O   1 
ATOM   1108 C CB  . LYS A 1 174 ? -3.684  -9.704  -3.206  1.00 13.62 ? 188 LYS A CB  1 
ATOM   1109 C CG  . LYS A 1 174 ? -2.881  -10.995 -3.148  1.00 18.52 ? 188 LYS A CG  1 
ATOM   1110 C CD  . LYS A 1 174 ? -3.740  -12.205 -3.503  1.00 23.81 ? 188 LYS A CD  1 
ATOM   1111 C CE  . LYS A 1 174 ? -4.246  -12.136 -4.935  1.00 25.27 ? 188 LYS A CE  1 
ATOM   1112 N NZ  . LYS A 1 174 ? -5.012  -13.359 -5.311  1.00 27.12 ? 188 LYS A NZ  1 
ATOM   1113 N N   . VAL A 1 175 ? -3.764  -6.574  -4.067  1.00 10.00 ? 189 VAL A N   1 
ATOM   1114 C CA  . VAL A 1 175 ? -4.647  -5.435  -4.290  1.00 10.99 ? 189 VAL A CA  1 
ATOM   1115 C C   . VAL A 1 175 ? -5.840  -6.108  -4.969  1.00 12.20 ? 189 VAL A C   1 
ATOM   1116 O O   . VAL A 1 175 ? -5.824  -6.342  -6.184  1.00 13.90 ? 189 VAL A O   1 
ATOM   1117 C CB  . VAL A 1 175 ? -4.008  -4.394  -5.233  1.00 12.41 ? 189 VAL A CB  1 
ATOM   1118 C CG1 . VAL A 1 175 ? -4.965  -3.224  -5.444  1.00 14.13 ? 189 VAL A CG1 1 
ATOM   1119 C CG2 . VAL A 1 175 ? -2.700  -3.902  -4.644  1.00 13.26 ? 189 VAL A CG2 1 
ATOM   1120 N N   . VAL A 1 176 ? -6.860  -6.438  -4.178  1.00 11.23 ? 190 VAL A N   1 
ATOM   1121 C CA  . VAL A 1 176 ? -8.034  -7.150  -4.684  1.00 11.52 ? 190 VAL A CA  1 
ATOM   1122 C C   . VAL A 1 176 ? -9.136  -6.328  -5.336  1.00 10.87 ? 190 VAL A C   1 
ATOM   1123 O O   . VAL A 1 176 ? -9.977  -6.877  -6.044  1.00 12.70 ? 190 VAL A O   1 
ATOM   1124 C CB  . VAL A 1 176 ? -8.655  -8.027  -3.576  1.00 12.13 ? 190 VAL A CB  1 
ATOM   1125 C CG1 . VAL A 1 176 ? -7.651  -9.090  -3.137  1.00 13.55 ? 190 VAL A CG1 1 
ATOM   1126 C CG2 . VAL A 1 176 ? -9.054  -7.170  -2.391  1.00 12.60 ? 190 VAL A CG2 1 
ATOM   1127 N N   . GLU A 1 177 ? -9.145  -5.021  -5.085  1.00 10.50 ? 191 GLU A N   1 
ATOM   1128 C CA  . GLU A 1 177 ? -10.126 -4.118  -5.688  1.00 10.19 ? 191 GLU A CA  1 
ATOM   1129 C C   . GLU A 1 177 ? -9.393  -2.820  -5.968  1.00 10.40 ? 191 GLU A C   1 
ATOM   1130 O O   . GLU A 1 177 ? -8.495  -2.438  -5.217  1.00 11.06 ? 191 GLU A O   1 
ATOM   1131 C CB  . GLU A 1 177 ? -11.314 -3.853  -4.752  1.00 10.01 ? 191 GLU A CB  1 
ATOM   1132 C CG  . GLU A 1 177 ? -12.112 -5.110  -4.410  1.00 11.93 ? 191 GLU A CG  1 
ATOM   1133 C CD  . GLU A 1 177 ? -13.324 -4.833  -3.538  1.00 12.11 ? 191 GLU A CD  1 
ATOM   1134 O OE1 . GLU A 1 177 ? -13.197 -4.087  -2.546  1.00 11.24 ? 191 GLU A OE1 1 
ATOM   1135 O OE2 . GLU A 1 177 ? -14.406 -5.379  -3.839  1.00 13.67 ? 191 GLU A OE2 1 
ATOM   1136 N N   . PHE A 1 178 ? -9.770  -2.155  -7.054  1.00 9.91  ? 192 PHE A N   1 
ATOM   1137 C CA  . PHE A 1 178 ? -9.130  -0.905  -7.461  1.00 11.19 ? 192 PHE A CA  1 
ATOM   1138 C C   . PHE A 1 178 ? -10.119 -0.069  -8.255  1.00 11.79 ? 192 PHE A C   1 
ATOM   1139 O O   . PHE A 1 178 ? -10.922 -0.604  -9.021  1.00 14.35 ? 192 PHE A O   1 
ATOM   1140 C CB  . PHE A 1 178 ? -7.912  -1.196  -8.345  1.00 10.58 ? 192 PHE A CB  1 
ATOM   1141 C CG  . PHE A 1 178 ? -7.270  0.039   -8.924  1.00 10.97 ? 192 PHE A CG  1 
ATOM   1142 C CD1 . PHE A 1 178 ? -6.340  0.768   -8.190  1.00 10.96 ? 192 PHE A CD1 1 
ATOM   1143 C CD2 . PHE A 1 178 ? -7.605  0.479   -10.205 1.00 11.70 ? 192 PHE A CD2 1 
ATOM   1144 C CE1 . PHE A 1 178 ? -5.748  1.920   -8.719  1.00 12.22 ? 192 PHE A CE1 1 
ATOM   1145 C CE2 . PHE A 1 178 ? -7.023  1.627   -10.743 1.00 11.56 ? 192 PHE A CE2 1 
ATOM   1146 C CZ  . PHE A 1 178 ? -6.091  2.349   -9.999  1.00 12.62 ? 192 PHE A CZ  1 
ATOM   1147 N N   . LYS A 1 179 ? -10.040 1.244   -8.086  1.00 12.16 ? 193 LYS A N   1 
ATOM   1148 C CA  . LYS A 1 179 ? -10.933 2.146   -8.792  1.00 14.16 ? 193 LYS A CA  1 
ATOM   1149 C C   . LYS A 1 179 ? -10.358 3.551   -8.867  1.00 13.86 ? 193 LYS A C   1 
ATOM   1150 O O   . LYS A 1 179 ? -9.853  4.074   -7.874  1.00 13.40 ? 193 LYS A O   1 
ATOM   1151 C CB  . LYS A 1 179 ? -12.287 2.188   -8.072  1.00 17.69 ? 193 LYS A CB  1 
ATOM   1152 C CG  . LYS A 1 179 ? -13.195 3.342   -8.463  1.00 21.66 ? 193 LYS A CG  1 
ATOM   1153 C CD  . LYS A 1 179 ? -14.415 3.400   -7.552  1.00 21.81 ? 193 LYS A CD  1 
ATOM   1154 C CE  . LYS A 1 179 ? -15.276 4.617   -7.849  1.00 23.87 ? 193 LYS A CE  1 
ATOM   1155 N NZ  . LYS A 1 179 ? -15.755 4.629   -9.256  1.00 26.58 ? 193 LYS A NZ  1 
ATOM   1156 N N   . ARG A 1 180 ? -10.405 4.151   -10.051 1.00 14.25 ? 194 ARG A N   1 
ATOM   1157 C CA  . ARG A 1 180 ? -9.950  5.522   -10.197 1.00 14.56 ? 194 ARG A CA  1 
ATOM   1158 C C   . ARG A 1 180 ? -11.158 6.336   -9.763  1.00 14.16 ? 194 ARG A C   1 
ATOM   1159 O O   . ARG A 1 180 ? -12.298 5.963   -10.044 1.00 14.89 ? 194 ARG A O   1 
ATOM   1160 C CB  . ARG A 1 180 ? -9.577  5.839   -11.649 1.00 18.09 ? 194 ARG A CB  1 
ATOM   1161 C CG  . ARG A 1 180 ? -8.243  5.238   -12.072 1.00 20.12 ? 194 ARG A CG  1 
ATOM   1162 C CD  . ARG A 1 180 ? -7.711  5.897   -13.334 1.00 23.96 ? 194 ARG A CD  1 
ATOM   1163 N NE  . ARG A 1 180 ? -6.342  5.480   -13.628 1.00 25.61 ? 194 ARG A NE  1 
ATOM   1164 C CZ  . ARG A 1 180 ? -5.999  4.257   -14.020 1.00 26.47 ? 194 ARG A CZ  1 
ATOM   1165 N NH1 . ARG A 1 180 ? -6.925  3.321   -14.173 1.00 27.06 ? 194 ARG A NH1 1 
ATOM   1166 N NH2 . ARG A 1 180 ? -4.726  3.970   -14.255 1.00 24.83 ? 194 ARG A NH2 1 
ATOM   1167 N N   . THR A 1 181 ? -10.924 7.445   -9.077  1.00 12.81 ? 195 THR A N   1 
ATOM   1168 C CA  . THR A 1 181 ? -12.039 8.236   -8.591  1.00 14.37 ? 195 THR A CA  1 
ATOM   1169 C C   . THR A 1 181 ? -11.615 9.678   -8.357  1.00 14.63 ? 195 THR A C   1 
ATOM   1170 O O   . THR A 1 181 ? -10.605 10.136  -8.888  1.00 15.87 ? 195 THR A O   1 
ATOM   1171 C CB  . THR A 1 181 ? -12.546 7.625   -7.266  1.00 15.78 ? 195 THR A CB  1 
ATOM   1172 O OG1 . THR A 1 181 ? -13.677 8.358   -6.784  1.00 17.10 ? 195 THR A OG1 1 
ATOM   1173 C CG2 . THR A 1 181 ? -11.433 7.646   -6.220  1.00 14.87 ? 195 THR A CG2 1 
ATOM   1174 N N   . ASN A 1 182 ? -12.423 10.402  -7.595  1.00 12.80 ? 196 ASN A N   1 
ATOM   1175 C CA  . ASN A 1 182 ? -12.092 11.767  -7.242  1.00 12.83 ? 196 ASN A CA  1 
ATOM   1176 C C   . ASN A 1 182 ? -12.130 11.816  -5.724  1.00 11.25 ? 196 ASN A C   1 
ATOM   1177 O O   . ASN A 1 182 ? -13.035 11.260  -5.100  1.00 12.58 ? 196 ASN A O   1 
ATOM   1178 C CB  . ASN A 1 182 ? -13.093 12.764  -7.828  1.00 15.64 ? 196 ASN A CB  1 
ATOM   1179 C CG  . ASN A 1 182 ? -12.699 14.199  -7.544  1.00 20.63 ? 196 ASN A CG  1 
ATOM   1180 O OD1 . ASN A 1 182 ? -11.512 14.537  -7.556  1.00 25.72 ? 196 ASN A OD1 1 
ATOM   1181 N ND2 . ASN A 1 182 ? -13.685 15.053  -7.296  1.00 24.41 ? 196 ASN A ND2 1 
ATOM   1182 N N   . LEU A 1 183 ? -11.141 12.469  -5.132  1.00 10.76 ? 197 LEU A N   1 
ATOM   1183 C CA  . LEU A 1 183 ? -11.059 12.569  -3.682  1.00 10.39 ? 197 LEU A CA  1 
ATOM   1184 C C   . LEU A 1 183 ? -10.663 13.980  -3.306  1.00 10.84 ? 197 LEU A C   1 
ATOM   1185 O O   . LEU A 1 183 ? -10.066 14.701  -4.113  1.00 13.90 ? 197 LEU A O   1 
ATOM   1186 C CB  . LEU A 1 183 ? -10.020 11.579  -3.151  1.00 10.48 ? 197 LEU A CB  1 
ATOM   1187 C CG  . LEU A 1 183 ? -10.284 10.104  -3.450  1.00 10.25 ? 197 LEU A CG  1 
ATOM   1188 C CD1 . LEU A 1 183 ? -9.008  9.293   -3.231  1.00 11.83 ? 197 LEU A CD1 1 
ATOM   1189 C CD2 . LEU A 1 183 ? -11.415 9.590   -2.562  1.00 10.69 ? 197 LEU A CD2 1 
ATOM   1190 N N   . THR A 1 184 ? -10.983 14.369  -2.078  1.00 9.34  ? 198 THR A N   1 
ATOM   1191 C CA  . THR A 1 184 ? -10.657 15.704  -1.601  1.00 10.39 ? 198 THR A CA  1 
ATOM   1192 C C   . THR A 1 184 ? -9.901  15.656  -0.281  1.00 10.14 ? 198 THR A C   1 
ATOM   1193 O O   . THR A 1 184 ? -9.895  14.639  0.415   1.00 9.27  ? 198 THR A O   1 
ATOM   1194 C CB  . THR A 1 184 ? -11.923 16.538  -1.376  1.00 10.66 ? 198 THR A CB  1 
ATOM   1195 O OG1 . THR A 1 184 ? -12.685 15.966  -0.302  1.00 10.24 ? 198 THR A OG1 1 
ATOM   1196 C CG2 . THR A 1 184 ? -12.772 16.577  -2.642  1.00 12.69 ? 198 THR A CG2 1 
ATOM   1197 N N   . GLU A 1 185 ? -9.269  16.770  0.069   1.00 12.06 ? 199 GLU A N   1 
ATOM   1198 C CA  . GLU A 1 185 ? -8.535  16.837  1.320   1.00 13.31 ? 199 GLU A CA  1 
ATOM   1199 C C   . GLU A 1 185 ? -9.498  16.706  2.499   1.00 12.37 ? 199 GLU A C   1 
ATOM   1200 O O   . GLU A 1 185 ? -9.154  16.122  3.524   1.00 11.57 ? 199 GLU A O   1 
ATOM   1201 C CB  . GLU A 1 185 ? -7.751  18.153  1.420   1.00 18.47 ? 199 GLU A CB  1 
ATOM   1202 C CG  . GLU A 1 185 ? -8.592  19.416  1.352   1.00 26.73 ? 199 GLU A CG  1 
ATOM   1203 C CD  . GLU A 1 185 ? -7.770  20.665  1.619   1.00 30.29 ? 199 GLU A CD  1 
ATOM   1204 O OE1 . GLU A 1 185 ? -6.746  20.861  0.931   1.00 33.73 ? 199 GLU A OE1 1 
ATOM   1205 O OE2 . GLU A 1 185 ? -8.147  21.453  2.515   1.00 33.52 ? 199 GLU A OE2 1 
ATOM   1206 N N   . ALA A 1 186 ? -10.710 17.236  2.353   1.00 11.70 ? 200 ALA A N   1 
ATOM   1207 C CA  . ALA A 1 186 ? -11.696 17.152  3.425   1.00 11.31 ? 200 ALA A CA  1 
ATOM   1208 C C   . ALA A 1 186 ? -11.981 15.691  3.747   1.00 10.41 ? 200 ALA A C   1 
ATOM   1209 O O   . ALA A 1 186 ? -12.185 15.324  4.906   1.00 10.83 ? 200 ALA A O   1 
ATOM   1210 C CB  . ALA A 1 186 ? -12.988 17.862  3.019   1.00 12.05 ? 200 ALA A CB  1 
ATOM   1211 N N   . GLN A 1 187 ? -11.999 14.854  2.717   1.00 9.74  ? 201 GLN A N   1 
ATOM   1212 C CA  . GLN A 1 187 ? -12.249 13.435  2.927   1.00 8.55  ? 201 GLN A CA  1 
ATOM   1213 C C   . GLN A 1 187 ? -11.038 12.738  3.539   1.00 8.60  ? 201 GLN A C   1 
ATOM   1214 O O   . GLN A 1 187 ? -11.142 12.101  4.586   1.00 10.25 ? 201 GLN A O   1 
ATOM   1215 C CB  . GLN A 1 187 ? -12.588 12.737  1.604   1.00 8.82  ? 201 GLN A CB  1 
ATOM   1216 C CG  . GLN A 1 187 ? -13.905 13.150  0.978   1.00 9.12  ? 201 GLN A CG  1 
ATOM   1217 C CD  . GLN A 1 187 ? -14.077 12.575  -0.416  1.00 10.41 ? 201 GLN A CD  1 
ATOM   1218 O OE1 . GLN A 1 187 ? -13.154 12.614  -1.234  1.00 10.13 ? 201 GLN A OE1 1 
ATOM   1219 N NE2 . GLN A 1 187 ? -15.262 12.051  -0.700  1.00 9.58  ? 201 GLN A NE2 1 
ATOM   1220 N N   . LEU A 1 188 ? -9.885  12.868  2.892   1.00 9.28  ? 202 LEU A N   1 
ATOM   1221 C CA  . LEU A 1 188 ? -8.686  12.180  3.363   1.00 9.12  ? 202 LEU A CA  1 
ATOM   1222 C C   . LEU A 1 188 ? -8.049  12.682  4.653   1.00 9.29  ? 202 LEU A C   1 
ATOM   1223 O O   . LEU A 1 188 ? -7.316  11.936  5.311   1.00 10.45 ? 202 LEU A O   1 
ATOM   1224 C CB  . LEU A 1 188 ? -7.648  12.135  2.238   1.00 9.71  ? 202 LEU A CB  1 
ATOM   1225 C CG  . LEU A 1 188 ? -8.164  11.527  0.928   1.00 11.55 ? 202 LEU A CG  1 
ATOM   1226 C CD1 . LEU A 1 188 ? -6.989  11.313  -0.015  1.00 14.27 ? 202 LEU A CD1 1 
ATOM   1227 C CD2 . LEU A 1 188 ? -8.877  10.205  1.189   1.00 12.23 ? 202 LEU A CD2 1 
ATOM   1228 N N   . LYS A 1 189 ? -8.322  13.928  5.026   1.00 10.29 ? 203 LYS A N   1 
ATOM   1229 C CA  . LYS A 1 189 ? -7.758  14.467  6.260   1.00 11.08 ? 203 LYS A CA  1 
ATOM   1230 C C   . LYS A 1 189 ? -8.754  14.502  7.413   1.00 11.98 ? 203 LYS A C   1 
ATOM   1231 O O   . LYS A 1 189 ? -8.514  15.158  8.429   1.00 13.13 ? 203 LYS A O   1 
ATOM   1232 C CB  . LYS A 1 189 ? -7.195  15.871  6.023   1.00 14.11 ? 203 LYS A CB  1 
ATOM   1233 C CG  . LYS A 1 189 ? -5.938  15.887  5.170   1.00 15.40 ? 203 LYS A CG  1 
ATOM   1234 C CD  . LYS A 1 189 ? -5.317  17.279  5.114   1.00 22.40 ? 203 LYS A CD  1 
ATOM   1235 C CE  . LYS A 1 189 ? -6.261  18.285  4.480   1.00 26.16 ? 203 LYS A CE  1 
ATOM   1236 N NZ  . LYS A 1 189 ? -5.672  19.654  4.417   1.00 30.79 ? 203 LYS A NZ  1 
ATOM   1237 N N   . ARG A 1 190 ? -9.873  13.801  7.266   1.00 10.80 ? 204 ARG A N   1 
ATOM   1238 C CA  . ARG A 1 190 ? -10.867 13.775  8.333   1.00 10.78 ? 204 ARG A CA  1 
ATOM   1239 C C   . ARG A 1 190 ? -10.332 12.966  9.510   1.00 10.78 ? 204 ARG A C   1 
ATOM   1240 O O   . ARG A 1 190 ? -9.532  12.044  9.332   1.00 10.21 ? 204 ARG A O   1 
ATOM   1241 C CB  . ARG A 1 190 ? -12.182 13.168  7.833   1.00 8.61  ? 204 ARG A CB  1 
ATOM   1242 C CG  . ARG A 1 190 ? -12.145 11.669  7.555   1.00 8.06  ? 204 ARG A CG  1 
ATOM   1243 C CD  . ARG A 1 190 ? -13.467 11.227  6.940   1.00 7.74  ? 204 ARG A CD  1 
ATOM   1244 N NE  . ARG A 1 190 ? -13.596 9.771   6.873   1.00 8.34  ? 204 ARG A NE  1 
ATOM   1245 C CZ  . ARG A 1 190 ? -12.928 8.987   6.030   1.00 7.89  ? 204 ARG A CZ  1 
ATOM   1246 N NH1 . ARG A 1 190 ? -12.072 9.508   5.159   1.00 9.48  ? 204 ARG A NH1 1 
ATOM   1247 N NH2 . ARG A 1 190 ? -13.113 7.672   6.071   1.00 9.07  ? 204 ARG A NH2 1 
ATOM   1248 N N   . TYR A 1 191 ? -10.772 13.319  10.713  1.00 11.57 ? 205 TYR A N   1 
ATOM   1249 C CA  . TYR A 1 191 ? -10.337 12.629  11.922  1.00 12.16 ? 205 TYR A CA  1 
ATOM   1250 C C   . TYR A 1 191 ? -11.366 12.823  13.032  1.00 13.09 ? 205 TYR A C   1 
ATOM   1251 O O   . TYR A 1 191 ? -12.149 13.773  13.003  1.00 13.85 ? 205 TYR A O   1 
ATOM   1252 C CB  . TYR A 1 191 ? -8.984  13.189  12.380  1.00 14.46 ? 205 TYR A CB  1 
ATOM   1253 C CG  . TYR A 1 191 ? -9.057  14.646  12.778  1.00 17.48 ? 205 TYR A CG  1 
ATOM   1254 C CD1 . TYR A 1 191 ? -9.519  15.024  14.039  1.00 19.97 ? 205 TYR A CD1 1 
ATOM   1255 C CD2 . TYR A 1 191 ? -8.724  15.651  11.872  1.00 19.38 ? 205 TYR A CD2 1 
ATOM   1256 C CE1 . TYR A 1 191 ? -9.653  16.367  14.386  1.00 19.83 ? 205 TYR A CE1 1 
ATOM   1257 C CE2 . TYR A 1 191 ? -8.855  16.998  12.210  1.00 19.56 ? 205 TYR A CE2 1 
ATOM   1258 C CZ  . TYR A 1 191 ? -9.321  17.347  13.466  1.00 20.87 ? 205 TYR A CZ  1 
ATOM   1259 O OH  . TYR A 1 191 ? -9.461  18.676  13.800  1.00 23.96 ? 205 TYR A OH  1 
ATOM   1260 N N   . PRO A 1 192 ? -11.384 11.916  14.019  1.00 11.71 ? 206 PRO A N   1 
ATOM   1261 C CA  . PRO A 1 192 ? -12.329 12.021  15.134  1.00 14.23 ? 206 PRO A CA  1 
ATOM   1262 C C   . PRO A 1 192 ? -11.994 13.271  15.937  1.00 15.57 ? 206 PRO A C   1 
ATOM   1263 O O   . PRO A 1 192 ? -10.867 13.434  16.400  1.00 14.39 ? 206 PRO A O   1 
ATOM   1264 C CB  . PRO A 1 192 ? -12.074 10.739  15.922  1.00 14.37 ? 206 PRO A CB  1 
ATOM   1265 C CG  . PRO A 1 192 ? -11.616 9.776   14.861  1.00 14.97 ? 206 PRO A CG  1 
ATOM   1266 C CD  . PRO A 1 192 ? -10.673 10.627  14.055  1.00 13.49 ? 206 PRO A CD  1 
ATOM   1267 N N   . LYS A 1 193 ? -12.974 14.153  16.103  1.00 17.89 ? 207 LYS A N   1 
ATOM   1268 C CA  . LYS A 1 193 ? -12.753 15.396  16.823  1.00 19.59 ? 207 LYS A CA  1 
ATOM   1269 C C   . LYS A 1 193 ? -12.327 15.221  18.278  1.00 18.86 ? 207 LYS A C   1 
ATOM   1270 O O   . LYS A 1 193 ? -11.697 16.109  18.851  1.00 20.07 ? 207 LYS A O   1 
ATOM   1271 C CB  . LYS A 1 193 ? -14.009 16.269  16.753  1.00 21.99 ? 207 LYS A CB  1 
ATOM   1272 C CG  . LYS A 1 193 ? -14.407 16.670  15.338  1.00 26.26 ? 207 LYS A CG  1 
ATOM   1273 C CD  . LYS A 1 193 ? -13.271 17.388  14.626  1.00 27.15 ? 207 LYS A CD  1 
ATOM   1274 C CE  . LYS A 1 193 ? -13.726 17.962  13.294  1.00 29.35 ? 207 LYS A CE  1 
ATOM   1275 N NZ  . LYS A 1 193 ? -14.773 19.002  13.483  1.00 30.94 ? 207 LYS A NZ  1 
ATOM   1276 N N   . ASP A 1 194 ? -12.656 14.078  18.868  1.00 18.17 ? 208 ASP A N   1 
ATOM   1277 C CA  . ASP A 1 194 ? -12.310 13.817  20.261  1.00 17.88 ? 208 ASP A CA  1 
ATOM   1278 C C   . ASP A 1 194 ? -11.025 13.001  20.423  1.00 16.66 ? 208 ASP A C   1 
ATOM   1279 O O   . ASP A 1 194 ? -10.721 12.533  21.518  1.00 15.86 ? 208 ASP A O   1 
ATOM   1280 C CB  . ASP A 1 194 ? -13.468 13.094  20.953  1.00 20.06 ? 208 ASP A CB  1 
ATOM   1281 C CG  . ASP A 1 194 ? -13.664 11.682  20.442  1.00 22.34 ? 208 ASP A CG  1 
ATOM   1282 O OD1 . ASP A 1 194 ? -13.529 11.462  19.223  1.00 21.77 ? 208 ASP A OD1 1 
ATOM   1283 O OD2 . ASP A 1 194 ? -13.962 10.788  21.262  1.00 26.90 ? 208 ASP A OD2 1 
ATOM   1284 N N   . ALA A 1 195 ? -10.269 12.832  19.341  1.00 13.79 ? 209 ALA A N   1 
ATOM   1285 C CA  . ALA A 1 195 ? -9.028  12.063  19.415  1.00 13.57 ? 209 ALA A CA  1 
ATOM   1286 C C   . ALA A 1 195 ? -8.020  12.717  20.354  1.00 13.52 ? 209 ALA A C   1 
ATOM   1287 O O   . ALA A 1 195 ? -7.919  13.944  20.420  1.00 14.50 ? 209 ALA A O   1 
ATOM   1288 C CB  . ALA A 1 195 ? -8.415  11.903  18.017  1.00 12.42 ? 209 ALA A CB  1 
ATOM   1289 N N   . GLN A 1 196 ? -7.287  11.889  21.093  1.00 11.93 ? 210 GLN A N   1 
ATOM   1290 C CA  . GLN A 1 196 ? -6.271  12.380  22.019  1.00 11.83 ? 210 GLN A CA  1 
ATOM   1291 C C   . GLN A 1 196 ? -4.946  12.358  21.266  1.00 11.30 ? 210 GLN A C   1 
ATOM   1292 O O   . GLN A 1 196 ? -4.527  11.320  20.753  1.00 10.80 ? 210 GLN A O   1 
ATOM   1293 C CB  . GLN A 1 196 ? -6.204  11.482  23.253  1.00 12.25 ? 210 GLN A CB  1 
ATOM   1294 C CG  . GLN A 1 196 ? -5.329  12.019  24.360  1.00 13.60 ? 210 GLN A CG  1 
ATOM   1295 C CD  . GLN A 1 196 ? -5.502  11.246  25.646  1.00 11.13 ? 210 GLN A CD  1 
ATOM   1296 O OE1 . GLN A 1 196 ? -4.939  10.165  25.819  1.00 15.23 ? 210 GLN A OE1 1 
ATOM   1297 N NE2 . GLN A 1 196 ? -6.306  11.787  26.553  1.00 13.04 ? 210 GLN A NE2 1 
ATOM   1298 N N   . VAL A 1 197 ? -4.289  13.508  21.196  1.00 9.96  ? 211 VAL A N   1 
ATOM   1299 C CA  . VAL A 1 197 ? -3.044  13.616  20.455  1.00 11.38 ? 211 VAL A CA  1 
ATOM   1300 C C   . VAL A 1 197 ? -1.772  13.153  21.156  1.00 11.10 ? 211 VAL A C   1 
ATOM   1301 O O   . VAL A 1 197 ? -1.518  13.477  22.318  1.00 12.75 ? 211 VAL A O   1 
ATOM   1302 C CB  . VAL A 1 197 ? -2.837  15.075  19.957  1.00 10.72 ? 211 VAL A CB  1 
ATOM   1303 C CG1 . VAL A 1 197 ? -1.455  15.234  19.330  1.00 13.08 ? 211 VAL A CG1 1 
ATOM   1304 C CG2 . VAL A 1 197 ? -3.914  15.430  18.938  1.00 12.47 ? 211 VAL A CG2 1 
ATOM   1305 N N   . VAL A 1 198 ? -0.990  12.361  20.428  1.00 10.53 ? 212 VAL A N   1 
ATOM   1306 C CA  . VAL A 1 198 ? 0.305   11.876  20.894  1.00 10.46 ? 212 VAL A CA  1 
ATOM   1307 C C   . VAL A 1 198 ? 1.227   12.509  19.853  1.00 12.11 ? 212 VAL A C   1 
ATOM   1308 O O   . VAL A 1 198 ? 1.286   12.066  18.705  1.00 12.64 ? 212 VAL A O   1 
ATOM   1309 C CB  . VAL A 1 198 ? 0.408   10.334  20.829  1.00 11.02 ? 212 VAL A CB  1 
ATOM   1310 C CG1 . VAL A 1 198 ? 1.804   9.892   21.246  1.00 12.66 ? 212 VAL A CG1 1 
ATOM   1311 C CG2 . VAL A 1 198 ? -0.635  9.700   21.738  1.00 12.37 ? 212 VAL A CG2 1 
ATOM   1312 N N   . ARG A 1 199 ? 1.930   13.563  20.254  1.00 11.69 ? 213 ARG A N   1 
ATOM   1313 C CA  . ARG A 1 199 ? 2.791   14.303  19.339  1.00 11.89 ? 213 ARG A CA  1 
ATOM   1314 C C   . ARG A 1 199 ? 4.263   13.947  19.436  1.00 12.86 ? 213 ARG A C   1 
ATOM   1315 O O   . ARG A 1 199 ? 4.907   14.217  20.446  1.00 11.03 ? 213 ARG A O   1 
ATOM   1316 C CB  . ARG A 1 199 ? 2.604   15.806  19.587  1.00 12.46 ? 213 ARG A CB  1 
ATOM   1317 C CG  . ARG A 1 199 ? 3.239   16.726  18.555  1.00 12.23 ? 213 ARG A CG  1 
ATOM   1318 C CD  . ARG A 1 199 ? 3.048   18.189  18.962  1.00 13.09 ? 213 ARG A CD  1 
ATOM   1319 N NE  . ARG A 1 199 ? 1.641   18.501  19.217  1.00 13.48 ? 213 ARG A NE  1 
ATOM   1320 C CZ  . ARG A 1 199 ? 0.729   18.675  18.264  1.00 13.32 ? 213 ARG A CZ  1 
ATOM   1321 N NH1 . ARG A 1 199 ? 1.075   18.580  16.988  1.00 14.60 ? 213 ARG A NH1 1 
ATOM   1322 N NH2 . ARG A 1 199 ? -0.535  18.921  18.587  1.00 13.29 ? 213 ARG A NH2 1 
ATOM   1323 N N   . ARG A 1 200 ? 4.796   13.347  18.376  1.00 12.92 ? 214 ARG A N   1 
ATOM   1324 C CA  . ARG A 1 200 ? 6.204   12.967  18.358  1.00 15.70 ? 214 ARG A CA  1 
ATOM   1325 C C   . ARG A 1 200 ? 7.101   14.155  18.019  1.00 15.99 ? 214 ARG A C   1 
ATOM   1326 O O   . ARG A 1 200 ? 6.572   15.231  17.673  1.00 16.50 ? 214 ARG A O   1 
ATOM   1327 C CB  . ARG A 1 200 ? 6.444   11.845  17.345  1.00 16.63 ? 214 ARG A CB  1 
ATOM   1328 C CG  . ARG A 1 200 ? 5.624   10.587  17.588  1.00 19.54 ? 214 ARG A CG  1 
ATOM   1329 C CD  . ARG A 1 200 ? 5.794   10.062  19.002  1.00 22.42 ? 214 ARG A CD  1 
ATOM   1330 N NE  . ARG A 1 200 ? 5.147   8.764   19.171  1.00 23.78 ? 214 ARG A NE  1 
ATOM   1331 C CZ  . ARG A 1 200 ? 5.013   8.135   20.334  1.00 25.61 ? 214 ARG A CZ  1 
ATOM   1332 N NH1 . ARG A 1 200 ? 5.481   8.683   21.447  1.00 26.85 ? 214 ARG A NH1 1 
ATOM   1333 N NH2 . ARG A 1 200 ? 4.410   6.955   20.385  1.00 27.76 ? 214 ARG A NH2 1 
ATOM   1334 O OXT . ARG A 1 200 ? 8.335   13.986  18.101  1.00 21.59 ? 214 ARG A OXT 1 
HETATM 1335 C C1  . MPD B 2 .   ? -13.042 -7.761  -0.668  1.00 22.31 ? 501 MPD A C1  1 
HETATM 1336 C C2  . MPD B 2 .   ? -13.647 -7.843  0.737   1.00 21.69 ? 501 MPD A C2  1 
HETATM 1337 O O2  . MPD B 2 .   ? -15.047 -8.113  0.639   1.00 21.24 ? 501 MPD A O2  1 
HETATM 1338 C CM  . MPD B 2 .   ? -12.960 -8.957  1.523   1.00 22.76 ? 501 MPD A CM  1 
HETATM 1339 C C3  . MPD B 2 .   ? -13.443 -6.507  1.461   1.00 20.40 ? 501 MPD A C3  1 
HETATM 1340 C C4  . MPD B 2 .   ? -13.996 -5.147  1.037   1.00 20.56 ? 501 MPD A C4  1 
HETATM 1341 O O4  . MPD B 2 .   ? -15.418 -5.225  0.904   1.00 19.19 ? 501 MPD A O4  1 
HETATM 1342 C C5  . MPD B 2 .   ? -13.627 -4.090  2.079   1.00 19.52 ? 501 MPD A C5  1 
HETATM 1343 C C1  . MPD C 2 .   ? 11.515  -16.834 -5.306  1.00 16.64 ? 502 MPD A C1  1 
HETATM 1344 C C2  . MPD C 2 .   ? 11.581  -15.708 -6.343  1.00 16.95 ? 502 MPD A C2  1 
HETATM 1345 O O2  . MPD C 2 .   ? 10.313  -15.575 -6.990  1.00 17.13 ? 502 MPD A O2  1 
HETATM 1346 C CM  . MPD C 2 .   ? 11.945  -14.398 -5.650  1.00 17.74 ? 502 MPD A CM  1 
HETATM 1347 C C3  . MPD C 2 .   ? 12.646  -16.034 -7.394  1.00 16.52 ? 502 MPD A C3  1 
HETATM 1348 C C4  . MPD C 2 .   ? 12.661  -17.242 -8.336  1.00 16.43 ? 502 MPD A C4  1 
HETATM 1349 O O4  . MPD C 2 .   ? 11.638  -17.098 -9.324  1.00 13.72 ? 502 MPD A O4  1 
HETATM 1350 C C5  . MPD C 2 .   ? 14.027  -17.346 -9.015  1.00 16.05 ? 502 MPD A C5  1 
HETATM 1351 C C1  . MPD D 2 .   ? -14.117 -0.040  14.050  1.00 12.92 ? 503 MPD A C1  1 
HETATM 1352 C C2  . MPD D 2 .   ? -15.563 -0.538  13.991  1.00 14.82 ? 503 MPD A C2  1 
HETATM 1353 O O2  . MPD D 2 .   ? -15.625 -1.739  13.217  1.00 15.38 ? 503 MPD A O2  1 
HETATM 1354 C CM  . MPD D 2 .   ? -16.068 -0.809  15.412  1.00 14.17 ? 503 MPD A CM  1 
HETATM 1355 C C3  . MPD D 2 .   ? -16.444 0.527   13.333  1.00 18.77 ? 503 MPD A C3  1 
HETATM 1356 C C4  . MPD D 2 .   ? -16.831 1.956   13.714  1.00 22.69 ? 503 MPD A C4  1 
HETATM 1357 O O4  . MPD D 2 .   ? -15.926 2.875   13.098  1.00 26.50 ? 503 MPD A O4  1 
HETATM 1358 C C5  . MPD D 2 .   ? -18.261 2.247   13.253  1.00 25.60 ? 503 MPD A C5  1 
HETATM 1359 C C1  . MPD E 2 .   ? -11.726 -0.166  -4.235  1.00 15.79 ? 504 MPD A C1  1 
HETATM 1360 C C2  . MPD E 2 .   ? -13.009 0.349   -3.578  1.00 15.09 ? 504 MPD A C2  1 
HETATM 1361 O O2  . MPD E 2 .   ? -12.773 0.574   -2.185  1.00 20.57 ? 504 MPD A O2  1 
HETATM 1362 C CM  . MPD E 2 .   ? -13.431 1.650   -4.235  1.00 11.33 ? 504 MPD A CM  1 
HETATM 1363 C C3  . MPD E 2 .   ? -14.132 -0.681  -3.759  1.00 15.99 ? 504 MPD A C3  1 
HETATM 1364 C C4  . MPD E 2 .   ? -14.660 -1.471  -4.965  1.00 16.89 ? 504 MPD A C4  1 
HETATM 1365 O O4  . MPD E 2 .   ? -15.809 -2.221  -4.584  1.00 21.22 ? 504 MPD A O4  1 
HETATM 1366 C C5  . MPD E 2 .   ? -15.043 -0.523  -6.104  1.00 15.76 ? 504 MPD A C5  1 
HETATM 1367 O O   . HOH F 3 .   ? -9.102  -2.188  16.754  1.00 8.54  ? 505 HOH A O   1 
HETATM 1368 O O   . HOH F 3 .   ? -7.482  -0.073  17.553  1.00 10.13 ? 506 HOH A O   1 
HETATM 1369 O O   . HOH F 3 .   ? -11.316 -7.015  12.362  1.00 11.51 ? 507 HOH A O   1 
HETATM 1370 O O   . HOH F 3 .   ? -10.920 7.831   3.001   1.00 11.23 ? 508 HOH A O   1 
HETATM 1371 O O   . HOH F 3 .   ? -5.771  -8.920  16.297  1.00 13.56 ? 509 HOH A O   1 
HETATM 1372 O O   . HOH F 3 .   ? -11.524 1.178   8.617   1.00 11.50 ? 510 HOH A O   1 
HETATM 1373 O O   . HOH F 3 .   ? -11.361 6.011   8.690   1.00 14.14 ? 511 HOH A O   1 
HETATM 1374 O O   . HOH F 3 .   ? -3.386  -1.283  -8.037  1.00 12.39 ? 512 HOH A O   1 
HETATM 1375 O O   . HOH F 3 .   ? -13.612 4.711   3.697   1.00 14.13 ? 513 HOH A O   1 
HETATM 1376 O O   . HOH F 3 .   ? -5.891  5.797   25.396  1.00 13.66 ? 514 HOH A O   1 
HETATM 1377 O O   . HOH F 3 .   ? -2.429  -16.640 -24.346 1.00 16.68 ? 515 HOH A O   1 
HETATM 1378 O O   . HOH F 3 .   ? -10.427 3.614   9.561   1.00 13.25 ? 516 HOH A O   1 
HETATM 1379 O O   . HOH F 3 .   ? -2.543  1.145   12.847  1.00 18.00 ? 517 HOH A O   1 
HETATM 1380 O O   . HOH F 3 .   ? -15.435 -3.503  -1.228  1.00 12.47 ? 518 HOH A O   1 
HETATM 1381 O O   . HOH F 3 .   ? -11.556 19.475  0.469   1.00 15.05 ? 519 HOH A O   1 
HETATM 1382 O O   . HOH F 3 .   ? 4.392   -15.886 -9.846  1.00 14.42 ? 520 HOH A O   1 
HETATM 1383 O O   . HOH F 3 .   ? 4.814   13.435  23.001  1.00 17.42 ? 521 HOH A O   1 
HETATM 1384 O O   . HOH F 3 .   ? 2.358   8.911   13.445  1.00 16.37 ? 522 HOH A O   1 
HETATM 1385 O O   . HOH F 3 .   ? -12.346 16.932  7.021   1.00 17.47 ? 523 HOH A O   1 
HETATM 1386 O O   . HOH F 3 .   ? 3.552   18.278  15.499  1.00 16.49 ? 524 HOH A O   1 
HETATM 1387 O O   . HOH F 3 .   ? -2.421  9.525   24.841  1.00 16.97 ? 525 HOH A O   1 
HETATM 1388 O O   . HOH F 3 .   ? -3.969  13.458  -8.249  1.00 21.06 ? 526 HOH A O   1 
HETATM 1389 O O   . HOH F 3 .   ? -14.375 7.233   -4.337  1.00 18.12 ? 527 HOH A O   1 
HETATM 1390 O O   . HOH F 3 .   ? -13.766 5.066   7.733   1.00 21.53 ? 528 HOH A O   1 
HETATM 1391 O O   . HOH F 3 .   ? 14.199  -14.237 -16.400 1.00 19.52 ? 529 HOH A O   1 
HETATM 1392 O O   . HOH F 3 .   ? -14.789 8.650   9.195   1.00 22.69 ? 530 HOH A O   1 
HETATM 1393 O O   . HOH F 3 .   ? 4.833   15.641  15.531  1.00 16.52 ? 531 HOH A O   1 
HETATM 1394 O O   . HOH F 3 .   ? -12.414 1.581   5.871   1.00 16.01 ? 532 HOH A O   1 
HETATM 1395 O O   . HOH F 3 .   ? -12.438 15.954  10.889  1.00 19.78 ? 533 HOH A O   1 
HETATM 1396 O O   . HOH F 3 .   ? -4.872  -3.195  19.295  1.00 19.80 ? 534 HOH A O   1 
HETATM 1397 O O   . HOH F 3 .   ? -12.309 4.841   12.468  1.00 19.50 ? 535 HOH A O   1 
HETATM 1398 O O   . HOH F 3 .   ? 1.467   -16.885 -0.194  1.00 20.72 ? 536 HOH A O   1 
HETATM 1399 O O   . HOH F 3 .   ? 9.170   -14.679 -14.311 1.00 20.98 ? 537 HOH A O   1 
HETATM 1400 O O   . HOH F 3 .   ? -8.705  -10.514 14.472  1.00 19.88 ? 538 HOH A O   1 
HETATM 1401 O O   . HOH F 3 .   ? -13.418 7.021   16.894  1.00 20.48 ? 539 HOH A O   1 
HETATM 1402 O O   . HOH F 3 .   ? -9.699  16.116  20.456  1.00 23.20 ? 540 HOH A O   1 
HETATM 1403 O O   . HOH F 3 .   ? 0.177   12.402  24.344  1.00 17.79 ? 541 HOH A O   1 
HETATM 1404 O O   . HOH F 3 .   ? -9.226  17.179  -4.804  1.00 24.20 ? 542 HOH A O   1 
HETATM 1405 O O   . HOH F 3 .   ? -2.590  -6.907  -18.415 1.00 23.97 ? 543 HOH A O   1 
HETATM 1406 O O   . HOH F 3 .   ? 0.819   -13.088 -8.456  1.00 18.29 ? 544 HOH A O   1 
HETATM 1407 O O   . HOH F 3 .   ? -8.165  13.886  25.648  1.00 20.18 ? 545 HOH A O   1 
HETATM 1408 O O   . HOH F 3 .   ? -3.919  -0.565  17.194  1.00 20.07 ? 546 HOH A O   1 
HETATM 1409 O O   . HOH F 3 .   ? -12.249 5.494   19.552  1.00 19.01 ? 547 HOH A O   1 
HETATM 1410 O O   . HOH F 3 .   ? -1.259  3.057   22.758  1.00 27.05 ? 548 HOH A O   1 
HETATM 1411 O O   . HOH F 3 .   ? -13.838 -4.741  9.931   1.00 26.91 ? 549 HOH A O   1 
HETATM 1412 O O   . HOH F 3 .   ? 9.123   -19.041 -1.951  1.00 26.07 ? 550 HOH A O   1 
HETATM 1413 O O   . HOH F 3 .   ? -7.164  -1.653  -14.034 1.00 22.14 ? 551 HOH A O   1 
HETATM 1414 O O   . HOH F 3 .   ? -0.288  7.185   -6.964  1.00 24.36 ? 552 HOH A O   1 
HETATM 1415 O O   . HOH F 3 .   ? 7.044   -20.268 -0.701  1.00 26.70 ? 553 HOH A O   1 
HETATM 1416 O O   . HOH F 3 .   ? -16.439 -0.511  6.178   1.00 21.17 ? 554 HOH A O   1 
HETATM 1417 O O   . HOH F 3 .   ? -8.505  18.458  -2.241  1.00 27.49 ? 555 HOH A O   1 
HETATM 1418 O O   . HOH F 3 .   ? 3.044   5.536   9.483   1.00 25.68 ? 556 HOH A O   1 
HETATM 1419 O O   . HOH F 3 .   ? -0.428  10.080  -2.961  1.00 35.08 ? 557 HOH A O   1 
HETATM 1420 O O   . HOH F 3 .   ? -15.619 13.241  14.835  1.00 28.37 ? 558 HOH A O   1 
HETATM 1421 O O   . HOH F 3 .   ? 4.941   7.620   23.906  1.00 31.88 ? 559 HOH A O   1 
HETATM 1422 O O   . HOH F 3 .   ? 5.780   -20.095 2.622   1.00 23.16 ? 560 HOH A O   1 
HETATM 1423 O O   . HOH F 3 .   ? -11.402 2.707   -12.385 1.00 27.23 ? 561 HOH A O   1 
HETATM 1424 O O   . HOH F 3 .   ? -6.438  -12.373 11.498  1.00 26.52 ? 562 HOH A O   1 
HETATM 1425 O O   . HOH F 3 .   ? 6.729   -15.899 -14.556 1.00 25.50 ? 563 HOH A O   1 
HETATM 1426 O O   . HOH F 3 .   ? -6.962  -4.806  -8.217  1.00 28.73 ? 564 HOH A O   1 
HETATM 1427 O O   . HOH F 3 .   ? -5.603  15.479  -8.776  1.00 32.52 ? 565 HOH A O   1 
HETATM 1428 O O   . HOH F 3 .   ? -10.330 17.522  8.803   1.00 27.45 ? 566 HOH A O   1 
HETATM 1429 O O   . HOH F 3 .   ? -8.563  -6.642  -14.945 1.00 41.65 ? 567 HOH A O   1 
HETATM 1430 O O   . HOH F 3 .   ? -4.884  19.071  0.408   1.00 38.07 ? 568 HOH A O   1 
HETATM 1431 O O   . HOH F 3 .   ? -15.957 8.295   -8.334  1.00 38.76 ? 569 HOH A O   1 
HETATM 1432 O O   . HOH F 3 .   ? 2.055   19.214  13.581  1.00 32.32 ? 570 HOH A O   1 
HETATM 1433 O O   . HOH F 3 .   ? -10.355 13.325  24.082  1.00 28.31 ? 571 HOH A O   1 
HETATM 1434 O O   . HOH F 3 .   ? -10.611 -2.577  -10.980 1.00 38.38 ? 572 HOH A O   1 
HETATM 1435 O O   . HOH F 3 .   ? -0.222  14.122  -9.825  1.00 35.09 ? 573 HOH A O   1 
HETATM 1436 O O   . HOH F 3 .   ? -3.929  -9.665  -20.241 1.00 32.90 ? 574 HOH A O   1 
HETATM 1437 O O   . HOH F 3 .   ? -4.454  10.644  28.781  1.00 24.11 ? 575 HOH A O   1 
HETATM 1438 O O   . HOH F 3 .   ? 6.135   10.951  22.621  1.00 29.79 ? 576 HOH A O   1 
HETATM 1439 O O   . HOH F 3 .   ? 9.429   11.706  19.351  1.00 31.68 ? 577 HOH A O   1 
HETATM 1440 O O   . HOH F 3 .   ? -12.107 -11.401 -1.153  1.00 38.13 ? 578 HOH A O   1 
HETATM 1441 O O   . HOH F 3 .   ? -15.953 5.391   4.711   1.00 13.82 ? 579 HOH A O   1 
HETATM 1442 O O   . HOH F 3 .   ? -10.996 -9.776  12.165  1.00 23.62 ? 580 HOH A O   1 
HETATM 1443 O O   . HOH F 3 .   ? -13.716 0.868   9.989   1.00 22.35 ? 581 HOH A O   1 
HETATM 1444 O O   . HOH F 3 .   ? -17.996 -2.810  12.317  1.00 21.40 ? 582 HOH A O   1 
HETATM 1445 O O   . HOH F 3 .   ? -14.658 -1.694  10.585  1.00 18.56 ? 583 HOH A O   1 
HETATM 1446 O O   . HOH F 3 .   ? -0.706  -14.843 -23.618 1.00 34.79 ? 584 HOH A O   1 
HETATM 1447 O O   . HOH F 3 .   ? -5.452  0.555   19.278  1.00 19.69 ? 585 HOH A O   1 
HETATM 1448 O O   . HOH F 3 .   ? -13.556 6.582   14.217  1.00 25.93 ? 586 HOH A O   1 
HETATM 1449 O O   . HOH F 3 .   ? -2.535  0.955   -6.495  1.00 24.10 ? 587 HOH A O   1 
HETATM 1450 O O   . HOH F 3 .   ? -8.860  -10.921 11.056  1.00 27.39 ? 588 HOH A O   1 
HETATM 1451 O O   . HOH F 3 .   ? 5.132   16.584  12.727  1.00 24.81 ? 589 HOH A O   1 
HETATM 1452 O O   . HOH F 3 .   ? -14.887 9.269   17.638  1.00 21.02 ? 590 HOH A O   1 
HETATM 1453 O O   . HOH F 3 .   ? -13.337 10.574  25.950  1.00 34.42 ? 591 HOH A O   1 
HETATM 1454 O O   . HOH F 3 .   ? -11.126 16.521  23.030  1.00 28.06 ? 592 HOH A O   1 
HETATM 1455 O O   . HOH F 3 .   ? -2.045  -13.302 -7.800  1.00 28.05 ? 593 HOH A O   1 
HETATM 1456 O O   . HOH F 3 .   ? -8.568  9.450   -11.266 1.00 29.17 ? 594 HOH A O   1 
HETATM 1457 O O   . HOH F 3 .   ? -4.460  -9.039  -6.745  1.00 26.78 ? 595 HOH A O   1 
HETATM 1458 O O   . HOH F 3 .   ? -12.573 7.277   10.977  1.00 25.27 ? 596 HOH A O   1 
HETATM 1459 O O   . HOH F 3 .   ? -5.540  -7.048  -18.005 1.00 45.11 ? 597 HOH A O   1 
HETATM 1460 O O   . HOH F 3 .   ? -16.455 -0.641  8.715   1.00 31.30 ? 598 HOH A O   1 
HETATM 1461 O O   . HOH F 3 .   ? -14.422 11.963  23.978  1.00 29.69 ? 599 HOH A O   1 
HETATM 1462 O O   . HOH F 3 .   ? -2.770  -8.310  15.907  1.00 29.28 ? 600 HOH A O   1 
HETATM 1463 O O   . HOH F 3 .   ? 12.117  -20.139 7.294   1.00 29.88 ? 601 HOH A O   1 
HETATM 1464 O O   . HOH F 3 .   ? -8.482  20.732  11.996  1.00 29.00 ? 602 HOH A O   1 
HETATM 1465 O O   . HOH F 3 .   ? -3.816  -11.068 -8.387  1.00 36.73 ? 603 HOH A O   1 
HETATM 1466 O O   . HOH F 3 .   ? -10.927 21.401  2.169   1.00 31.78 ? 604 HOH A O   1 
HETATM 1467 O O   . HOH F 3 .   ? 6.444   3.613   -9.366  1.00 34.91 ? 605 HOH A O   1 
HETATM 1468 O O   . HOH F 3 .   ? -2.165  -7.097  -21.179 1.00 33.40 ? 606 HOH A O   1 
HETATM 1469 O O   . HOH F 3 .   ? -8.751  18.475  19.592  1.00 31.62 ? 607 HOH A O   1 
HETATM 1470 O O   . HOH F 3 .   ? -11.425 -3.856  -8.804  1.00 33.20 ? 608 HOH A O   1 
HETATM 1471 O O   . HOH F 3 .   ? 3.108   4.795   21.852  1.00 33.92 ? 609 HOH A O   1 
HETATM 1472 O O   . HOH F 3 .   ? -14.934 11.388  13.100  1.00 38.62 ? 610 HOH A O   1 
HETATM 1473 O O   . HOH F 3 .   ? 14.917  -14.009 -10.177 1.00 34.61 ? 611 HOH A O   1 
HETATM 1474 O O   . HOH F 3 .   ? 4.537   -18.763 4.986   1.00 40.55 ? 612 HOH A O   1 
HETATM 1475 O O   . HOH F 3 .   ? -12.555 0.159   -11.317 1.00 31.15 ? 613 HOH A O   1 
HETATM 1476 O O   . HOH F 3 .   ? 14.918  -5.177  -14.872 1.00 26.75 ? 614 HOH A O   1 
HETATM 1477 O O   . HOH F 3 .   ? -14.201 3.411   10.872  1.00 37.93 ? 615 HOH A O   1 
HETATM 1478 O O   . HOH F 3 .   ? -6.088  14.473  -11.516 1.00 46.78 ? 616 HOH A O   1 
HETATM 1479 O O   . HOH F 3 .   ? 5.821   -16.896 -18.439 1.00 31.67 ? 617 HOH A O   1 
HETATM 1480 O O   . HOH F 3 .   ? -1.190  -0.953  17.111  1.00 31.60 ? 618 HOH A O   1 
HETATM 1481 O O   . HOH F 3 .   ? 8.507   12.578  21.580  1.00 41.88 ? 619 HOH A O   1 
HETATM 1482 O O   . HOH F 3 .   ? -17.368 4.521   15.713  1.00 37.27 ? 620 HOH A O   1 
HETATM 1483 O O   . HOH F 3 .   ? -8.126  16.062  -8.018  1.00 41.25 ? 621 HOH A O   1 
HETATM 1484 O O   . HOH F 3 .   ? -6.644  18.167  -5.867  1.00 43.53 ? 622 HOH A O   1 
HETATM 1485 O O   . HOH F 3 .   ? -1.664  -15.686 0.817   1.00 42.42 ? 623 HOH A O   1 
HETATM 1486 O O   . HOH F 3 .   ? -17.364 -2.992  4.563   1.00 34.13 ? 624 HOH A O   1 
HETATM 1487 O O   . HOH F 3 .   ? -15.874 10.237  15.396  1.00 31.75 ? 625 HOH A O   1 
HETATM 1488 O O   . HOH F 3 .   ? 14.870  -1.101  -9.437  1.00 44.23 ? 626 HOH A O   1 
HETATM 1489 O O   . HOH F 3 .   ? -2.880  -18.534 5.649   1.00 40.70 ? 627 HOH A O   1 
HETATM 1490 O O   . HOH F 3 .   ? -15.166 6.945   -10.690 1.00 47.76 ? 628 HOH A O   1 
HETATM 1491 O O   . HOH F 3 .   ? -8.031  -3.423  -16.077 1.00 46.34 ? 629 HOH A O   1 
HETATM 1492 O O   . HOH F 3 .   ? -9.617  -0.936  -13.295 1.00 36.30 ? 630 HOH A O   1 
HETATM 1493 O O   . HOH F 3 .   ? -1.781  -4.283  16.455  1.00 40.54 ? 631 HOH A O   1 
HETATM 1494 O O   . HOH F 3 .   ? -10.709 18.620  17.372  1.00 37.80 ? 632 HOH A O   1 
HETATM 1495 O O   . HOH F 3 .   ? -4.421  -9.296  19.163  1.00 37.38 ? 633 HOH A O   1 
HETATM 1496 O O   . HOH F 3 .   ? -11.823 9.918   10.806  1.00 19.31 ? 634 HOH A O   1 
HETATM 1497 O O   . HOH F 3 .   ? -10.209 20.305  -1.749  1.00 30.80 ? 635 HOH A O   1 
HETATM 1498 O O   . HOH F 3 .   ? -2.449  -18.390 -21.910 1.00 27.53 ? 636 HOH A O   1 
HETATM 1499 O O   . HOH F 3 .   ? -18.680 -1.411  10.144  1.00 35.25 ? 637 HOH A O   1 
HETATM 1500 O O   . HOH F 3 .   ? 15.792  -15.529 -14.699 1.00 35.07 ? 638 HOH A O   1 
HETATM 1501 O O   . HOH F 3 .   ? 3.148   7.026   25.988  1.00 33.41 ? 639 HOH A O   1 
HETATM 1502 O O   . HOH F 3 .   ? 1.253   4.905   -7.374  1.00 38.70 ? 640 HOH A O   1 
HETATM 1503 O O   . HOH F 3 .   ? 0.902   16.832  1.412   1.00 37.90 ? 641 HOH A O   1 
HETATM 1504 O O   . HOH F 3 .   ? -0.063  17.827  7.642   1.00 47.87 ? 642 HOH A O   1 
HETATM 1505 O O   . HOH F 3 .   ? -16.203 6.004   13.910  1.00 36.17 ? 643 HOH A O   1 
HETATM 1506 O O   . HOH F 3 .   ? 0.259   7.369   -3.506  1.00 41.03 ? 644 HOH A O   1 
HETATM 1507 O O   . HOH F 3 .   ? -2.836  3.597   12.426  1.00 17.71 ? 645 HOH A O   1 
# 
